data_8WEQ
#
_entry.id   8WEQ
#
_cell.length_a   80.740
_cell.length_b   178.030
_cell.length_c   89.130
_cell.angle_alpha   90.000
_cell.angle_beta   116.167
_cell.angle_gamma   90.000
#
_symmetry.space_group_name_H-M   'P 1 21 1'
#
loop_
_entity.id
_entity.type
_entity.pdbx_description
1 polymer '4-hydroxybenzoate 3-monooxygenase'
2 non-polymer 'FLAVIN-ADENINE DINUCLEOTIDE'
#
_entity_poly.entity_id   1
_entity_poly.type   'polypeptide(L)'
_entity_poly.pdbx_seq_one_letter_code
;MANRKVITTQVAIMGAGPAGLMLSHLLAKAGIESTVIEIRSHQEISETVRAGILEHGSVNLLVDSGASDRVLRDGDRHDG
IELRFNGESHRIDFQDLVGESVWLYPQTDVFLDLAARRQADGGDVRYSVTDTTIHDLEGKPKVWFTDADGVEYELQADFI
AGADGSRSHSRFQIPEAQRKWYFHEYPFAWFGILAETPRSSDELIYANSENGFALISQRTETVQRLYFQCDPNEDVNDWS
DDRIWDAFRSRVNGNGFELKEGPVIDKTVLKFRSFVHAPMRHGNLFLAGDAAHTVPPTGAKGLNLALHDVKVLFEGFDSF
YKSGSTALLDGYSGRALDRVWKAQQFSYWMTSMLHTPVGGDDFARARQLGELNSVVSSRHGRAYLAEAYTGWPASS
;
_entity_poly.pdbx_strand_id   C,A,B,D
#
# COMPACT_ATOMS: atom_id res chain seq x y z
N MET A 1 31.87 22.80 24.20
CA MET A 1 31.78 22.41 22.79
C MET A 1 32.81 23.19 21.92
N ALA A 2 33.98 22.57 21.71
CA ALA A 2 34.99 23.06 20.78
C ALA A 2 34.34 23.66 19.56
N ASN A 3 34.66 24.91 19.26
CA ASN A 3 33.92 25.60 18.22
C ASN A 3 34.09 24.87 16.90
N ARG A 4 32.97 24.42 16.35
CA ARG A 4 32.94 23.86 15.01
C ARG A 4 32.94 25.02 14.03
N LYS A 5 33.96 25.08 13.17
CA LYS A 5 34.06 26.20 12.26
C LYS A 5 32.74 26.36 11.48
N VAL A 6 32.21 27.58 11.48
CA VAL A 6 30.94 27.86 10.85
C VAL A 6 31.17 28.53 9.50
N ILE A 7 30.62 27.93 8.43
CA ILE A 7 30.71 28.48 7.07
C ILE A 7 29.31 28.54 6.46
N THR A 8 29.09 29.52 5.57
CA THR A 8 27.80 29.70 4.92
C THR A 8 27.93 29.53 3.43
N THR A 9 26.88 29.01 2.81
CA THR A 9 26.73 28.97 1.37
C THR A 9 25.26 29.28 1.07
N GLN A 10 24.89 29.31 -0.20
CA GLN A 10 23.49 29.51 -0.55
C GLN A 10 22.73 28.20 -0.68
N VAL A 11 23.37 27.18 -1.25
CA VAL A 11 22.81 25.85 -1.40
C VAL A 11 23.80 24.82 -0.83
N ALA A 12 23.38 24.11 0.21
CA ALA A 12 24.13 22.95 0.66
C ALA A 12 23.66 21.70 -0.10
N ILE A 13 24.62 20.96 -0.66
CA ILE A 13 24.36 19.79 -1.50
C ILE A 13 24.93 18.57 -0.79
N MET A 14 24.08 17.58 -0.60
CA MET A 14 24.47 16.34 0.04
C MET A 14 24.54 15.26 -1.02
N GLY A 15 25.75 14.86 -1.36
CA GLY A 15 25.95 13.86 -2.38
C GLY A 15 26.84 14.31 -3.51
N ALA A 16 27.95 13.59 -3.71
CA ALA A 16 28.80 13.79 -4.86
C ALA A 16 28.47 12.82 -6.00
N GLY A 17 27.20 12.43 -6.16
CA GLY A 17 26.80 11.70 -7.31
C GLY A 17 26.71 12.58 -8.53
N PRO A 18 26.39 11.98 -9.68
CA PRO A 18 26.26 12.78 -10.91
C PRO A 18 25.22 13.85 -10.73
N ALA A 19 24.15 13.55 -10.02
CA ALA A 19 23.10 14.54 -9.83
C ALA A 19 23.59 15.66 -8.94
N GLY A 20 24.24 15.31 -7.82
CA GLY A 20 24.79 16.33 -6.95
C GLY A 20 25.85 17.18 -7.64
N LEU A 21 26.85 16.54 -8.25
CA LEU A 21 27.94 17.33 -8.85
C LEU A 21 27.39 18.21 -9.95
N MET A 22 26.50 17.65 -10.77
CA MET A 22 25.89 18.43 -11.83
C MET A 22 25.10 19.61 -11.26
N LEU A 23 24.41 19.41 -10.14
CA LEU A 23 23.76 20.54 -9.53
C LEU A 23 24.79 21.58 -9.13
N SER A 24 25.90 21.13 -8.58
CA SER A 24 26.96 22.04 -8.17
C SER A 24 27.41 22.89 -9.34
N HIS A 25 27.66 22.23 -10.48
CA HIS A 25 28.17 22.92 -11.66
C HIS A 25 27.14 23.87 -12.25
N LEU A 26 25.86 23.48 -12.24
CA LEU A 26 24.83 24.40 -12.73
C LEU A 26 24.71 25.62 -11.82
N LEU A 27 24.76 25.41 -10.51
CA LEU A 27 24.75 26.52 -9.55
C LEU A 27 25.95 27.44 -9.75
N ALA A 28 27.14 26.85 -9.89
CA ALA A 28 28.36 27.60 -10.19
C ALA A 28 28.21 28.43 -11.48
N LYS A 29 27.84 27.80 -12.60
CA LYS A 29 27.78 28.52 -13.89
C LYS A 29 26.77 29.67 -13.88
N ALA A 30 25.74 29.61 -13.05
CA ALA A 30 24.88 30.77 -12.83
C ALA A 30 25.35 31.57 -11.63
N GLY A 31 26.47 31.19 -11.04
CA GLY A 31 27.05 31.94 -9.93
C GLY A 31 26.28 31.90 -8.64
N ILE A 32 25.96 30.70 -8.14
CA ILE A 32 25.29 30.54 -6.85
C ILE A 32 26.15 29.65 -5.96
N GLU A 33 26.35 30.11 -4.71
CA GLU A 33 27.26 29.42 -3.82
C GLU A 33 26.70 28.04 -3.51
N SER A 34 27.43 27.01 -3.92
CA SER A 34 27.01 25.62 -3.73
C SER A 34 28.15 24.85 -3.09
N THR A 35 27.87 24.20 -1.97
CA THR A 35 28.89 23.41 -1.30
C THR A 35 28.44 21.96 -1.25
N VAL A 36 29.30 21.04 -1.66
CA VAL A 36 28.93 19.63 -1.80
C VAL A 36 29.73 18.83 -0.77
N ILE A 37 29.02 18.04 0.07
CA ILE A 37 29.66 17.14 1.03
C ILE A 37 29.43 15.68 0.67
N GLU A 38 30.47 14.86 0.85
CA GLU A 38 30.42 13.45 0.53
C GLU A 38 31.07 12.59 1.61
N ILE A 39 30.57 11.36 1.78
CA ILE A 39 31.15 10.43 2.74
C ILE A 39 32.09 9.44 2.08
N ARG A 40 32.17 9.41 0.76
CA ARG A 40 33.06 8.49 0.09
C ARG A 40 34.29 9.21 -0.45
N SER A 41 35.36 8.45 -0.62
CA SER A 41 36.53 8.97 -1.31
C SER A 41 36.24 9.02 -2.81
N HIS A 42 36.89 9.96 -3.49
CA HIS A 42 36.75 10.03 -4.94
C HIS A 42 37.20 8.72 -5.58
N GLN A 43 38.26 8.12 -5.05
CA GLN A 43 38.70 6.84 -5.61
C GLN A 43 37.66 5.73 -5.40
N GLU A 44 37.03 5.68 -4.21
CA GLU A 44 35.97 4.71 -3.98
C GLU A 44 34.87 4.85 -5.04
N ILE A 45 34.40 6.08 -5.24
CA ILE A 45 33.38 6.31 -6.26
C ILE A 45 33.87 5.80 -7.61
N SER A 46 35.11 6.11 -7.96
CA SER A 46 35.62 5.72 -9.27
C SER A 46 35.72 4.21 -9.41
N GLU A 47 35.90 3.48 -8.31
CA GLU A 47 35.96 2.03 -8.44
C GLU A 47 34.56 1.43 -8.60
N THR A 48 33.52 2.24 -8.41
CA THR A 48 32.13 1.85 -8.66
C THR A 48 31.91 1.73 -10.17
N VAL A 49 31.65 0.51 -10.65
CA VAL A 49 31.56 0.25 -12.10
C VAL A 49 30.07 0.17 -12.43
N ARG A 50 29.48 1.31 -12.83
CA ARG A 50 28.13 1.35 -13.40
C ARG A 50 28.14 1.78 -14.86
N ALA A 51 27.51 0.98 -15.71
CA ALA A 51 27.25 1.38 -17.07
C ALA A 51 26.15 2.43 -17.09
N GLY A 52 25.93 3.04 -18.24
CA GLY A 52 24.95 4.10 -18.37
C GLY A 52 24.34 4.09 -19.75
N ILE A 53 23.07 4.50 -19.82
CA ILE A 53 22.34 4.75 -21.06
C ILE A 53 21.74 6.14 -20.94
N LEU A 54 22.17 7.08 -21.79
CA LEU A 54 21.79 8.48 -21.68
C LEU A 54 20.73 8.85 -22.72
N GLU A 55 19.64 9.46 -22.25
CA GLU A 55 18.67 9.99 -23.17
C GLU A 55 19.31 11.13 -23.94
N HIS A 56 18.75 11.45 -25.11
CA HIS A 56 19.30 12.56 -25.87
C HIS A 56 19.49 13.78 -24.98
N GLY A 57 18.43 14.14 -24.26
CA GLY A 57 18.47 15.35 -23.45
C GLY A 57 19.56 15.32 -22.39
N SER A 58 19.82 14.16 -21.81
CA SER A 58 20.86 14.16 -20.80
C SER A 58 22.20 14.53 -21.40
N VAL A 59 22.49 13.99 -22.59
CA VAL A 59 23.75 14.32 -23.25
C VAL A 59 23.79 15.81 -23.57
N ASN A 60 22.65 16.37 -24.01
CA ASN A 60 22.58 17.81 -24.24
C ASN A 60 22.92 18.60 -22.96
N LEU A 61 22.38 18.20 -21.82
CA LEU A 61 22.70 18.92 -20.59
C LEU A 61 24.17 18.81 -20.26
N LEU A 62 24.75 17.64 -20.48
CA LEU A 62 26.17 17.43 -20.16
C LEU A 62 27.06 18.35 -20.99
N VAL A 63 26.68 18.56 -22.25
CA VAL A 63 27.49 19.37 -23.15
C VAL A 63 27.19 20.85 -22.94
N ASP A 64 25.96 21.24 -23.22
CA ASP A 64 25.55 22.64 -23.25
C ASP A 64 25.73 23.33 -21.90
N SER A 65 26.03 22.61 -20.85
CA SER A 65 26.37 23.22 -19.59
C SER A 65 27.87 23.35 -19.41
N GLY A 66 28.66 22.78 -20.31
CA GLY A 66 30.10 22.80 -20.16
C GLY A 66 30.64 21.74 -19.23
N ALA A 67 29.77 20.89 -18.67
CA ALA A 67 30.25 19.85 -17.77
C ALA A 67 31.31 18.99 -18.45
N SER A 68 30.94 18.30 -19.51
CA SER A 68 31.96 17.62 -20.30
C SER A 68 31.43 17.15 -21.63
N ASP A 69 32.15 17.51 -22.67
CA ASP A 69 31.91 17.03 -24.03
C ASP A 69 32.55 15.68 -24.26
N ARG A 70 33.25 15.14 -23.25
CA ARG A 70 33.87 13.83 -23.40
C ARG A 70 32.85 12.75 -23.71
N VAL A 71 31.59 12.98 -23.33
CA VAL A 71 30.53 12.02 -23.58
C VAL A 71 30.44 11.71 -25.06
N LEU A 72 30.50 12.74 -25.89
CA LEU A 72 30.37 12.55 -27.33
C LEU A 72 31.58 11.82 -27.90
N ARG A 73 32.77 12.09 -27.39
CA ARG A 73 33.95 11.44 -27.96
C ARG A 73 34.00 9.97 -27.58
N ASP A 74 33.86 9.66 -26.30
CA ASP A 74 34.17 8.32 -25.81
C ASP A 74 32.95 7.42 -25.66
N GLY A 75 31.75 7.99 -25.68
CA GLY A 75 30.52 7.22 -25.61
C GLY A 75 29.88 7.13 -26.98
N ASP A 76 29.28 5.99 -27.25
CA ASP A 76 28.79 5.70 -28.59
C ASP A 76 27.28 5.91 -28.70
N ARG A 77 26.84 6.51 -29.80
CA ARG A 77 25.42 6.71 -30.05
C ARG A 77 24.78 5.45 -30.66
N HIS A 78 23.67 5.00 -30.05
CA HIS A 78 22.84 3.90 -30.54
C HIS A 78 21.48 4.39 -31.01
N ASP A 79 21.03 3.83 -32.15
CA ASP A 79 19.78 4.21 -32.81
C ASP A 79 18.65 3.22 -32.52
N GLY A 80 18.91 2.20 -31.70
CA GLY A 80 17.88 1.22 -31.40
C GLY A 80 18.37 0.20 -30.41
N ILE A 81 17.51 -0.80 -30.22
CA ILE A 81 17.79 -1.97 -29.39
C ILE A 81 17.08 -3.15 -30.03
N GLU A 82 17.36 -4.35 -29.53
CA GLU A 82 16.70 -5.54 -30.05
C GLU A 82 16.07 -6.30 -28.87
N LEU A 83 14.81 -6.70 -29.05
CA LEU A 83 14.07 -7.57 -28.15
C LEU A 83 14.16 -9.01 -28.64
N ARG A 84 14.80 -9.88 -27.83
CA ARG A 84 14.99 -11.28 -28.15
C ARG A 84 13.95 -12.09 -27.36
N PHE A 85 13.07 -12.78 -28.08
CA PHE A 85 12.15 -13.76 -27.49
C PHE A 85 11.74 -14.77 -28.55
N ASN A 86 11.34 -15.96 -28.09
CA ASN A 86 11.02 -17.08 -29.00
C ASN A 86 12.20 -17.40 -29.90
N GLY A 87 13.42 -17.25 -29.40
CA GLY A 87 14.60 -17.46 -30.21
C GLY A 87 14.83 -16.44 -31.31
N GLU A 88 13.84 -15.59 -31.62
CA GLU A 88 13.93 -14.56 -32.63
C GLU A 88 14.27 -13.22 -31.97
N SER A 89 15.08 -12.40 -32.66
CA SER A 89 15.39 -11.04 -32.20
C SER A 89 14.71 -10.03 -33.12
N HIS A 90 13.87 -9.20 -32.54
CA HIS A 90 13.23 -8.13 -33.26
C HIS A 90 13.94 -6.83 -32.90
N ARG A 91 13.97 -5.89 -33.83
CA ARG A 91 14.71 -4.67 -33.55
C ARG A 91 13.77 -3.49 -33.44
N ILE A 92 13.85 -2.78 -32.31
CA ILE A 92 13.24 -1.47 -32.14
C ILE A 92 14.23 -0.43 -32.64
N ASP A 93 13.85 0.27 -33.72
CA ASP A 93 14.65 1.31 -34.36
C ASP A 93 14.24 2.67 -33.82
N PHE A 94 14.98 3.15 -32.81
CA PHE A 94 14.62 4.40 -32.15
C PHE A 94 14.53 5.52 -33.16
N GLN A 95 15.54 5.65 -34.02
CA GLN A 95 15.61 6.77 -34.97
C GLN A 95 14.49 6.68 -36.01
N ASP A 96 14.20 5.48 -36.50
CA ASP A 96 13.10 5.29 -37.44
C ASP A 96 11.74 5.60 -36.82
N LEU A 97 11.57 5.28 -35.54
CA LEU A 97 10.24 5.30 -34.96
C LEU A 97 9.87 6.65 -34.38
N VAL A 98 10.80 7.29 -33.66
CA VAL A 98 10.53 8.53 -32.95
C VAL A 98 11.60 9.55 -33.33
N GLY A 99 12.59 9.10 -34.09
CA GLY A 99 13.62 9.98 -34.60
C GLY A 99 14.61 10.50 -33.56
N GLU A 100 14.78 9.77 -32.46
CA GLU A 100 15.79 10.09 -31.45
C GLU A 100 16.71 8.90 -31.24
N SER A 101 17.85 9.16 -30.61
CA SER A 101 18.80 8.09 -30.28
C SER A 101 19.09 8.13 -28.79
N VAL A 102 19.94 7.21 -28.33
CA VAL A 102 20.40 7.23 -26.95
C VAL A 102 21.91 7.04 -27.01
N TRP A 103 22.61 7.44 -25.97
CA TRP A 103 24.07 7.40 -25.98
C TRP A 103 24.56 6.48 -24.85
N LEU A 104 25.27 5.41 -25.20
CA LEU A 104 25.79 4.48 -24.20
C LEU A 104 27.20 4.94 -23.78
N TYR A 105 27.32 5.32 -22.51
CA TYR A 105 28.48 5.96 -21.91
C TYR A 105 28.55 5.69 -20.40
N PRO A 106 29.58 5.03 -19.89
CA PRO A 106 29.55 4.62 -18.48
C PRO A 106 29.24 5.78 -17.55
N GLN A 107 28.37 5.51 -16.57
CA GLN A 107 27.98 6.55 -15.62
C GLN A 107 29.15 7.03 -14.81
N THR A 108 30.09 6.14 -14.54
CA THR A 108 31.28 6.54 -13.79
C THR A 108 32.07 7.57 -14.56
N ASP A 109 32.10 7.49 -15.88
CA ASP A 109 32.76 8.54 -16.63
C ASP A 109 32.05 9.87 -16.45
N VAL A 110 30.71 9.86 -16.40
CA VAL A 110 29.99 11.10 -16.08
C VAL A 110 30.38 11.63 -14.70
N PHE A 111 30.48 10.74 -13.71
CA PHE A 111 30.97 11.19 -12.41
C PHE A 111 32.34 11.81 -12.54
N LEU A 112 33.24 11.15 -13.27
CA LEU A 112 34.59 11.65 -13.46
C LEU A 112 34.58 13.04 -14.08
N ASP A 113 33.82 13.21 -15.16
CA ASP A 113 33.73 14.51 -15.79
C ASP A 113 33.28 15.55 -14.76
N LEU A 114 32.20 15.27 -14.04
CA LEU A 114 31.65 16.27 -13.14
C LEU A 114 32.60 16.56 -11.98
N ALA A 115 33.26 15.53 -11.46
CA ALA A 115 34.24 15.73 -10.40
C ALA A 115 35.42 16.54 -10.90
N ALA A 116 35.96 16.16 -12.05
CA ALA A 116 37.08 16.87 -12.68
C ALA A 116 36.70 18.31 -13.00
N ARG A 117 35.50 18.54 -13.52
CA ARG A 117 35.06 19.89 -13.88
C ARG A 117 34.91 20.77 -12.66
N ARG A 118 34.28 20.26 -11.60
CA ARG A 118 34.19 21.09 -10.40
C ARG A 118 35.58 21.37 -9.87
N GLN A 119 36.42 20.33 -9.80
CA GLN A 119 37.78 20.48 -9.29
C GLN A 119 38.60 21.45 -10.13
N ALA A 120 38.51 21.35 -11.46
CA ALA A 120 39.27 22.22 -12.35
C ALA A 120 38.75 23.65 -12.33
N ASP A 121 37.46 23.86 -12.09
CA ASP A 121 36.95 25.21 -11.86
C ASP A 121 37.01 25.35 -10.34
N GLY A 122 36.38 26.37 -9.77
CA GLY A 122 36.42 26.46 -8.31
C GLY A 122 35.80 25.24 -7.67
N GLY A 123 36.54 24.47 -6.87
CA GLY A 123 35.97 23.26 -6.32
C GLY A 123 35.36 23.26 -4.93
N ASP A 124 34.04 23.24 -4.79
CA ASP A 124 33.45 23.14 -3.45
C ASP A 124 33.01 21.73 -3.10
N VAL A 125 33.79 20.72 -3.42
CA VAL A 125 33.41 19.33 -3.25
C VAL A 125 34.33 18.66 -2.23
N ARG A 126 33.76 18.28 -1.09
CA ARG A 126 34.49 17.71 0.04
C ARG A 126 34.22 16.21 0.15
N TYR A 127 35.26 15.40 -0.03
CA TYR A 127 35.10 13.95 -0.01
C TYR A 127 35.38 13.36 1.36
N SER A 128 34.84 12.16 1.56
CA SER A 128 35.16 11.34 2.73
C SER A 128 34.87 12.07 4.03
N VAL A 129 33.78 12.82 4.09
CA VAL A 129 33.39 13.47 5.35
C VAL A 129 32.53 12.51 6.17
N THR A 130 32.33 12.83 7.46
CA THR A 130 31.57 11.98 8.37
C THR A 130 30.80 12.87 9.33
N ASP A 131 30.10 12.23 10.27
CA ASP A 131 29.28 12.92 11.29
C ASP A 131 28.23 13.83 10.64
N THR A 132 27.54 13.29 9.64
CA THR A 132 26.61 14.03 8.82
C THR A 132 25.30 14.22 9.56
N THR A 133 24.92 15.47 9.84
CA THR A 133 23.64 15.77 10.47
C THR A 133 22.97 16.97 9.78
N ILE A 134 21.63 17.03 9.87
CA ILE A 134 20.81 18.05 9.20
C ILE A 134 19.86 18.67 10.22
N HIS A 135 19.71 20.00 10.19
CA HIS A 135 18.91 20.63 11.23
C HIS A 135 18.18 21.85 10.71
N ASP A 136 17.07 22.17 11.36
CA ASP A 136 16.26 23.35 11.09
C ASP A 136 15.92 23.47 9.60
N LEU A 137 15.22 22.43 9.10
CA LEU A 137 14.95 22.34 7.66
C LEU A 137 13.86 23.31 7.23
N GLU A 138 12.79 23.48 8.03
CA GLU A 138 11.75 24.42 7.65
C GLU A 138 12.16 25.87 7.91
N GLY A 139 13.29 26.10 8.57
CA GLY A 139 13.88 27.42 8.75
C GLY A 139 15.00 27.70 7.78
N LYS A 140 16.03 28.41 8.27
CA LYS A 140 17.28 28.49 7.53
C LYS A 140 18.13 27.30 7.95
N PRO A 141 18.39 26.36 7.05
CA PRO A 141 18.92 25.05 7.44
C PRO A 141 20.37 25.10 7.92
N LYS A 142 20.79 23.97 8.49
CA LYS A 142 22.13 23.80 9.01
C LYS A 142 22.56 22.36 8.75
N VAL A 143 23.82 22.19 8.35
CA VAL A 143 24.40 20.88 8.13
C VAL A 143 25.64 20.79 8.99
N TRP A 144 25.69 19.78 9.86
CA TRP A 144 26.88 19.53 10.64
C TRP A 144 27.68 18.43 9.96
N PHE A 145 28.99 18.64 9.83
CA PHE A 145 29.76 17.53 9.30
C PHE A 145 31.20 17.63 9.77
N THR A 146 31.85 16.48 9.80
CA THR A 146 33.24 16.37 10.19
C THR A 146 34.01 15.96 8.95
N ASP A 147 34.77 16.90 8.38
CA ASP A 147 35.41 16.65 7.10
C ASP A 147 36.53 15.61 7.25
N ALA A 148 37.20 15.33 6.14
CA ALA A 148 38.10 14.18 6.08
C ALA A 148 39.27 14.28 7.04
N ASP A 149 39.73 15.51 7.31
CA ASP A 149 40.90 15.74 8.17
C ASP A 149 40.53 15.83 9.65
N GLY A 150 39.25 15.69 10.00
CA GLY A 150 38.80 15.78 11.37
C GLY A 150 38.13 17.09 11.73
N VAL A 151 38.12 18.07 10.81
CA VAL A 151 37.54 19.37 11.09
C VAL A 151 36.03 19.24 11.23
N GLU A 152 35.47 19.85 12.27
CA GLU A 152 34.03 19.91 12.44
C GLU A 152 33.55 21.27 11.95
N TYR A 153 32.49 21.27 11.14
CA TYR A 153 31.91 22.48 10.62
C TYR A 153 30.42 22.45 10.87
N GLU A 154 29.89 23.62 11.16
CA GLU A 154 28.48 23.89 11.01
C GLU A 154 28.37 24.76 9.77
N LEU A 155 27.77 24.21 8.73
CA LEU A 155 27.48 24.89 7.48
C LEU A 155 26.03 25.39 7.54
N GLN A 156 25.82 26.64 7.13
CA GLN A 156 24.49 27.24 7.13
C GLN A 156 24.13 27.64 5.72
N ALA A 157 22.94 27.26 5.27
CA ALA A 157 22.55 27.57 3.91
C ALA A 157 21.11 28.06 3.90
N ASP A 158 20.70 28.55 2.74
CA ASP A 158 19.30 28.92 2.52
C ASP A 158 18.47 27.70 2.13
N PHE A 159 19.06 26.74 1.41
CA PHE A 159 18.41 25.48 1.08
C PHE A 159 19.39 24.31 1.20
N ILE A 160 18.86 23.15 1.56
CA ILE A 160 19.58 21.87 1.46
C ILE A 160 18.96 21.04 0.35
N ALA A 161 19.79 20.41 -0.46
CA ALA A 161 19.34 19.47 -1.47
C ALA A 161 19.97 18.12 -1.20
N GLY A 162 19.13 17.09 -1.06
CA GLY A 162 19.59 15.74 -0.80
C GLY A 162 19.74 14.93 -2.06
N ALA A 163 21.01 14.64 -2.41
CA ALA A 163 21.36 13.77 -3.52
C ALA A 163 22.20 12.64 -2.96
N ASP A 164 21.74 12.09 -1.83
CA ASP A 164 22.49 11.11 -1.07
C ASP A 164 22.51 9.75 -1.75
N GLY A 165 21.68 9.55 -2.76
CA GLY A 165 21.48 8.21 -3.28
C GLY A 165 20.57 7.39 -2.39
N SER A 166 20.34 6.15 -2.80
CA SER A 166 19.35 5.29 -2.16
C SER A 166 19.71 4.97 -0.72
N ARG A 167 20.96 5.18 -0.33
CA ARG A 167 21.34 5.15 1.07
C ARG A 167 21.23 6.52 1.70
N SER A 168 20.27 7.30 1.20
CA SER A 168 20.07 8.68 1.63
C SER A 168 19.95 8.80 3.14
N HIS A 169 20.62 9.81 3.70
CA HIS A 169 20.39 10.23 5.07
C HIS A 169 19.25 11.25 5.17
N SER A 170 19.08 12.12 4.16
CA SER A 170 18.05 13.16 4.23
C SER A 170 16.64 12.59 4.31
N ARG A 171 16.34 11.59 3.48
CA ARG A 171 14.95 11.18 3.43
C ARG A 171 14.53 10.57 4.74
N PHE A 172 15.49 10.14 5.55
CA PHE A 172 15.15 9.65 6.88
C PHE A 172 14.91 10.79 7.88
N GLN A 173 15.28 12.02 7.56
CA GLN A 173 15.09 13.14 8.49
C GLN A 173 13.79 13.93 8.30
N ILE A 174 12.96 13.61 7.31
CA ILE A 174 11.69 14.32 7.10
C ILE A 174 10.63 13.61 7.92
N PRO A 175 9.80 14.31 8.71
CA PRO A 175 8.84 13.64 9.61
C PRO A 175 7.90 12.68 8.89
N GLU A 176 7.71 11.48 9.47
CA GLU A 176 6.92 10.46 8.78
C GLU A 176 5.54 10.99 8.45
N ALA A 177 4.99 11.85 9.32
CA ALA A 177 3.64 12.34 9.10
C ALA A 177 3.54 13.23 7.87
N GLN A 178 4.62 13.83 7.38
CA GLN A 178 4.58 14.82 6.31
C GLN A 178 5.10 14.29 4.97
N ARG A 179 5.26 12.98 4.86
CA ARG A 179 5.79 12.30 3.70
C ARG A 179 4.96 11.06 3.45
N LYS A 180 5.18 10.43 2.31
CA LYS A 180 4.63 9.11 2.04
C LYS A 180 5.66 8.33 1.24
N TRP A 181 5.81 7.05 1.56
CA TRP A 181 6.73 6.17 0.83
C TRP A 181 5.90 5.20 -0.02
N TYR A 182 6.31 5.03 -1.29
CA TYR A 182 5.68 4.17 -2.27
C TYR A 182 6.63 3.05 -2.66
N PHE A 183 6.15 1.82 -2.68
CA PHE A 183 7.03 0.65 -2.79
C PHE A 183 6.54 -0.38 -3.80
N HIS A 184 7.47 -1.10 -4.36
CA HIS A 184 7.09 -2.32 -5.05
C HIS A 184 8.36 -3.12 -5.24
N GLU A 185 8.38 -4.33 -4.70
CA GLU A 185 9.58 -5.13 -4.63
C GLU A 185 9.44 -6.35 -5.53
N TYR A 186 10.51 -6.70 -6.21
CA TYR A 186 10.34 -7.73 -7.24
C TYR A 186 10.88 -9.05 -6.75
N PRO A 187 10.45 -10.15 -7.35
CA PRO A 187 10.92 -11.46 -6.87
C PRO A 187 12.19 -11.91 -7.54
N PHE A 188 12.92 -10.98 -8.19
CA PHE A 188 14.18 -11.28 -8.85
C PHE A 188 15.13 -10.10 -8.67
N ALA A 189 16.37 -10.28 -9.11
CA ALA A 189 17.41 -9.27 -9.09
C ALA A 189 18.24 -9.48 -10.35
N TRP A 190 19.33 -8.72 -10.50
CA TRP A 190 20.23 -8.91 -11.62
C TRP A 190 21.59 -9.44 -11.15
N PHE A 191 22.12 -10.43 -11.86
CA PHE A 191 23.48 -10.90 -11.67
C PHE A 191 24.28 -10.27 -12.81
N GLY A 192 25.17 -9.35 -12.47
CA GLY A 192 25.87 -8.55 -13.45
C GLY A 192 27.36 -8.90 -13.48
N ILE A 193 27.86 -9.08 -14.68
CA ILE A 193 29.26 -9.41 -14.91
C ILE A 193 29.87 -8.47 -15.95
N LEU A 194 31.16 -8.20 -15.75
CA LEU A 194 32.00 -7.52 -16.73
C LEU A 194 32.99 -8.56 -17.25
N ALA A 195 32.97 -8.79 -18.55
CA ALA A 195 33.78 -9.85 -19.12
C ALA A 195 34.48 -9.37 -20.38
N GLU A 196 35.73 -9.79 -20.56
CA GLU A 196 36.55 -9.34 -21.67
C GLU A 196 36.17 -10.10 -22.91
N THR A 197 35.71 -9.39 -23.93
CA THR A 197 35.21 -10.08 -25.09
C THR A 197 34.83 -9.08 -26.17
N PRO A 198 34.72 -9.51 -27.41
CA PRO A 198 34.22 -8.60 -28.46
C PRO A 198 32.74 -8.37 -28.32
N ARG A 199 32.28 -7.29 -28.93
CA ARG A 199 30.86 -7.00 -28.96
C ARG A 199 30.14 -8.14 -29.69
N SER A 200 29.15 -8.74 -29.03
CA SER A 200 28.38 -9.82 -29.64
C SER A 200 27.26 -9.35 -30.57
N SER A 201 26.75 -8.12 -30.40
CA SER A 201 25.79 -7.51 -31.30
C SER A 201 26.13 -6.04 -31.50
N ASP A 202 25.29 -5.36 -32.29
CA ASP A 202 25.40 -3.91 -32.43
C ASP A 202 24.97 -3.19 -31.16
N GLU A 203 23.69 -3.35 -30.79
CA GLU A 203 23.02 -2.65 -29.71
C GLU A 203 22.89 -3.53 -28.46
N LEU A 204 22.28 -2.95 -27.43
CA LEU A 204 21.89 -3.73 -26.27
C LEU A 204 20.85 -4.76 -26.70
N ILE A 205 20.94 -5.95 -26.12
CA ILE A 205 19.96 -7.01 -26.35
C ILE A 205 19.21 -7.24 -25.05
N TYR A 206 17.91 -7.01 -25.08
CA TYR A 206 17.02 -7.43 -24.01
C TYR A 206 16.48 -8.79 -24.45
N ALA A 207 16.80 -9.84 -23.72
CA ALA A 207 16.44 -11.18 -24.14
C ALA A 207 15.61 -11.84 -23.06
N ASN A 208 14.53 -12.50 -23.51
CA ASN A 208 13.57 -13.16 -22.65
C ASN A 208 13.41 -14.61 -23.06
N SER A 209 13.57 -15.53 -22.11
CA SER A 209 13.55 -16.94 -22.43
C SER A 209 12.85 -17.68 -21.32
N GLU A 210 12.50 -18.92 -21.60
CA GLU A 210 11.90 -19.74 -20.56
C GLU A 210 12.80 -19.76 -19.34
N ASN A 211 14.10 -19.74 -19.53
CA ASN A 211 15.02 -19.80 -18.40
C ASN A 211 15.24 -18.46 -17.69
N GLY A 212 14.83 -17.33 -18.25
CA GLY A 212 14.97 -16.08 -17.53
C GLY A 212 15.22 -14.91 -18.46
N PHE A 213 15.56 -13.79 -17.88
CA PHE A 213 15.90 -12.62 -18.67
C PHE A 213 17.40 -12.47 -18.70
N ALA A 214 17.92 -11.88 -19.78
CA ALA A 214 19.32 -11.48 -19.81
C ALA A 214 19.48 -10.30 -20.74
N LEU A 215 20.33 -9.38 -20.32
CA LEU A 215 20.64 -8.17 -21.06
C LEU A 215 22.11 -8.23 -21.46
N ILE A 216 22.37 -8.16 -22.77
CA ILE A 216 23.72 -8.07 -23.33
C ILE A 216 23.95 -6.60 -23.67
N SER A 217 24.92 -5.97 -23.01
CA SER A 217 25.13 -4.54 -23.11
C SER A 217 26.63 -4.32 -23.29
N GLN A 218 26.98 -3.11 -23.67
CA GLN A 218 28.37 -2.79 -23.96
C GLN A 218 28.87 -1.79 -22.93
N ARG A 219 30.14 -1.92 -22.52
CA ARG A 219 30.77 -0.85 -21.78
C ARG A 219 32.05 -0.34 -22.45
N THR A 220 33.02 -1.23 -22.72
CA THR A 220 34.26 -0.92 -23.43
C THR A 220 34.24 -1.58 -24.80
N GLU A 221 35.32 -1.40 -25.55
CA GLU A 221 35.56 -2.33 -26.65
C GLU A 221 36.12 -3.65 -26.15
N THR A 222 36.98 -3.58 -25.14
CA THR A 222 37.54 -4.80 -24.57
C THR A 222 36.50 -5.54 -23.74
N VAL A 223 35.71 -4.80 -22.96
CA VAL A 223 34.82 -5.37 -21.95
C VAL A 223 33.36 -5.21 -22.38
N GLN A 224 32.58 -6.27 -22.23
CA GLN A 224 31.15 -6.23 -22.41
C GLN A 224 30.48 -6.38 -21.04
N ARG A 225 29.30 -5.78 -20.92
CA ARG A 225 28.56 -5.66 -19.67
C ARG A 225 27.33 -6.55 -19.79
N LEU A 226 27.20 -7.52 -18.91
CA LEU A 226 26.13 -8.51 -19.05
C LEU A 226 25.35 -8.66 -17.76
N TYR A 227 24.04 -8.91 -17.90
CA TYR A 227 23.19 -9.16 -16.75
C TYR A 227 22.28 -10.35 -17.01
N PHE A 228 21.96 -11.11 -15.97
CA PHE A 228 20.90 -12.10 -16.09
C PHE A 228 20.05 -12.13 -14.82
N GLN A 229 18.81 -12.55 -15.01
CA GLN A 229 17.84 -12.49 -13.94
C GLN A 229 18.18 -13.55 -12.92
N CYS A 230 18.05 -13.22 -11.63
CA CYS A 230 18.49 -14.17 -10.61
C CYS A 230 17.64 -13.99 -9.36
N ASP A 231 17.88 -14.89 -8.35
CA ASP A 231 17.17 -14.82 -7.08
C ASP A 231 17.72 -13.68 -6.24
N PRO A 232 16.84 -12.90 -5.59
CA PRO A 232 17.29 -11.66 -4.92
C PRO A 232 18.50 -11.83 -4.01
N ASN A 233 18.82 -13.03 -3.54
CA ASN A 233 19.93 -13.18 -2.62
C ASN A 233 21.03 -14.07 -3.17
N GLU A 234 21.11 -14.20 -4.49
CA GLU A 234 22.14 -15.04 -5.07
C GLU A 234 23.53 -14.57 -4.66
N ASP A 235 24.40 -15.54 -4.37
CA ASP A 235 25.77 -15.29 -3.95
C ASP A 235 26.73 -15.76 -5.03
N VAL A 236 27.56 -14.84 -5.53
CA VAL A 236 28.53 -15.17 -6.56
C VAL A 236 29.55 -16.19 -6.05
N ASN A 237 29.68 -16.31 -4.73
CA ASN A 237 30.66 -17.23 -4.16
C ASN A 237 30.38 -18.66 -4.60
N ASP A 238 29.10 -18.99 -4.72
CA ASP A 238 28.67 -20.30 -5.17
C ASP A 238 28.60 -20.37 -6.68
N TRP A 239 29.43 -19.58 -7.38
CA TRP A 239 29.34 -19.44 -8.83
C TRP A 239 30.70 -19.53 -9.47
N SER A 240 30.79 -20.32 -10.54
CA SER A 240 31.96 -20.44 -11.37
C SER A 240 31.69 -19.76 -12.70
N ASP A 241 32.75 -19.25 -13.32
CA ASP A 241 32.63 -18.59 -14.61
C ASP A 241 31.95 -19.50 -15.65
N ASP A 242 32.23 -20.81 -15.59
CA ASP A 242 31.57 -21.74 -16.50
C ASP A 242 30.06 -21.74 -16.28
N ARG A 243 29.64 -21.81 -15.02
CA ARG A 243 28.20 -21.82 -14.72
C ARG A 243 27.53 -20.51 -15.13
N ILE A 244 28.22 -19.39 -14.90
CA ILE A 244 27.71 -18.11 -15.39
C ILE A 244 27.45 -18.18 -16.90
N TRP A 245 28.46 -18.63 -17.67
CA TRP A 245 28.30 -18.62 -19.12
C TRP A 245 27.22 -19.60 -19.55
N ASP A 246 27.00 -20.66 -18.77
CA ASP A 246 25.89 -21.56 -19.07
C ASP A 246 24.56 -20.83 -18.92
N ALA A 247 24.39 -20.08 -17.82
CA ALA A 247 23.16 -19.31 -17.65
C ALA A 247 22.91 -18.37 -18.84
N PHE A 248 23.95 -17.63 -19.24
CA PHE A 248 23.78 -16.71 -20.35
C PHE A 248 23.44 -17.46 -21.63
N ARG A 249 24.05 -18.63 -21.84
CA ARG A 249 23.82 -19.40 -23.05
C ARG A 249 22.37 -19.85 -23.13
N SER A 250 21.86 -20.45 -22.05
CA SER A 250 20.50 -20.94 -22.08
C SER A 250 19.51 -19.80 -22.19
N ARG A 251 19.92 -18.59 -21.80
CA ARG A 251 18.99 -17.49 -21.89
C ARG A 251 19.00 -16.79 -23.25
N VAL A 252 20.14 -16.71 -23.95
CA VAL A 252 20.28 -15.86 -25.13
C VAL A 252 20.52 -16.65 -26.42
N ASN A 253 21.37 -17.66 -26.39
CA ASN A 253 21.86 -18.33 -27.60
C ASN A 253 20.77 -19.15 -28.28
N GLY A 254 20.90 -19.28 -29.59
CA GLY A 254 20.04 -20.18 -30.36
C GLY A 254 19.65 -19.64 -31.71
N ASN A 255 19.08 -20.53 -32.56
CA ASN A 255 18.58 -20.17 -33.89
C ASN A 255 19.63 -19.40 -34.70
N GLY A 256 20.87 -19.87 -34.64
CA GLY A 256 21.96 -19.23 -35.36
C GLY A 256 22.60 -18.02 -34.71
N PHE A 257 22.29 -17.73 -33.44
CA PHE A 257 22.96 -16.65 -32.72
C PHE A 257 23.68 -17.26 -31.52
N GLU A 258 24.98 -17.03 -31.43
CA GLU A 258 25.78 -17.47 -30.30
C GLU A 258 26.45 -16.27 -29.67
N LEU A 259 26.55 -16.26 -28.35
CA LEU A 259 27.18 -15.16 -27.63
C LEU A 259 28.68 -15.37 -27.56
N LYS A 260 29.45 -14.41 -28.05
CA LYS A 260 30.88 -14.44 -27.81
C LYS A 260 31.14 -14.40 -26.30
N GLU A 261 32.22 -15.03 -25.86
CA GLU A 261 32.45 -15.20 -24.43
C GLU A 261 33.91 -14.98 -24.08
N GLY A 262 34.15 -14.55 -22.84
CA GLY A 262 35.48 -14.30 -22.32
C GLY A 262 35.62 -14.56 -20.83
N PRO A 263 36.75 -14.12 -20.24
CA PRO A 263 36.93 -14.27 -18.79
C PRO A 263 35.97 -13.42 -17.99
N VAL A 264 35.48 -13.99 -16.89
CA VAL A 264 34.56 -13.26 -16.02
C VAL A 264 35.45 -12.40 -15.13
N ILE A 265 35.53 -11.11 -15.46
CA ILE A 265 36.52 -10.26 -14.81
C ILE A 265 35.91 -9.52 -13.62
N ASP A 266 34.60 -9.33 -13.58
CA ASP A 266 33.92 -8.97 -12.35
C ASP A 266 32.53 -9.60 -12.34
N LYS A 267 32.05 -9.93 -11.13
CA LYS A 267 30.71 -10.45 -10.93
C LYS A 267 30.15 -9.83 -9.66
N THR A 268 28.88 -9.43 -9.69
CA THR A 268 28.22 -8.80 -8.54
C THR A 268 26.72 -8.92 -8.72
N VAL A 269 26.01 -9.12 -7.60
CA VAL A 269 24.55 -9.26 -7.63
C VAL A 269 23.93 -7.94 -7.20
N LEU A 270 22.87 -7.55 -7.91
CA LEU A 270 22.37 -6.19 -7.97
C LEU A 270 20.87 -6.19 -7.67
N LYS A 271 20.51 -5.74 -6.47
CA LYS A 271 19.13 -5.67 -6.03
C LYS A 271 18.49 -4.39 -6.54
N PHE A 272 17.17 -4.40 -6.64
CA PHE A 272 16.44 -3.21 -7.04
C PHE A 272 14.98 -3.36 -6.66
N ARG A 273 14.33 -2.20 -6.50
CA ARG A 273 12.92 -2.12 -6.19
C ARG A 273 12.44 -0.80 -6.77
N SER A 274 11.12 -0.62 -6.87
CA SER A 274 10.55 0.68 -7.24
C SER A 274 10.21 1.41 -5.96
N PHE A 275 10.74 2.61 -5.79
CA PHE A 275 10.51 3.36 -4.55
C PHE A 275 10.30 4.83 -4.88
N VAL A 276 9.40 5.48 -4.15
CA VAL A 276 9.09 6.88 -4.40
C VAL A 276 8.74 7.61 -3.10
N HIS A 277 9.50 8.65 -2.76
CA HIS A 277 9.25 9.48 -1.57
C HIS A 277 8.56 10.78 -1.95
N ALA A 278 7.34 10.99 -1.47
CA ALA A 278 6.68 12.21 -1.90
C ALA A 278 6.15 12.97 -0.69
N PRO A 279 6.13 14.28 -0.74
CA PRO A 279 6.59 15.19 -1.80
C PRO A 279 8.09 15.31 -1.85
N MET A 280 8.66 15.84 -2.93
CA MET A 280 10.12 15.87 -3.06
C MET A 280 10.72 17.12 -2.45
N ARG A 281 9.90 18.01 -1.92
CA ARG A 281 10.35 19.14 -1.12
C ARG A 281 9.67 19.10 0.24
N HIS A 282 10.47 19.17 1.30
CA HIS A 282 9.99 19.40 2.66
C HIS A 282 10.71 20.62 3.20
N GLY A 283 9.97 21.70 3.46
CA GLY A 283 10.63 22.92 3.91
C GLY A 283 11.62 23.39 2.87
N ASN A 284 12.86 23.63 3.30
CA ASN A 284 13.93 24.06 2.41
C ASN A 284 14.96 22.97 2.14
N LEU A 285 14.65 21.72 2.51
CA LEU A 285 15.38 20.56 2.03
C LEU A 285 14.69 20.05 0.78
N PHE A 286 15.45 19.92 -0.30
CA PHE A 286 14.94 19.35 -1.54
C PHE A 286 15.62 18.01 -1.75
N LEU A 287 14.86 17.01 -2.20
CA LEU A 287 15.41 15.68 -2.43
C LEU A 287 15.52 15.44 -3.92
N ALA A 288 16.61 14.81 -4.35
CA ALA A 288 16.72 14.54 -5.78
C ALA A 288 17.49 13.26 -6.05
N GLY A 289 17.20 12.67 -7.21
CA GLY A 289 17.92 11.48 -7.59
C GLY A 289 17.48 10.31 -6.72
N ASP A 290 18.37 9.33 -6.58
CA ASP A 290 17.99 8.13 -5.88
C ASP A 290 17.68 8.41 -4.43
N ALA A 291 18.00 9.62 -3.95
CA ALA A 291 17.53 10.05 -2.64
C ALA A 291 16.01 10.04 -2.57
N ALA A 292 15.32 10.42 -3.65
CA ALA A 292 13.87 10.53 -3.54
C ALA A 292 13.09 9.38 -4.17
N HIS A 293 13.72 8.58 -5.04
CA HIS A 293 13.02 7.54 -5.79
C HIS A 293 14.03 6.52 -6.30
N THR A 294 13.54 5.33 -6.67
CA THR A 294 14.33 4.35 -7.39
C THR A 294 13.41 3.54 -8.30
N VAL A 295 14.00 2.98 -9.36
CA VAL A 295 13.28 2.22 -10.40
C VAL A 295 14.09 0.99 -10.80
N PRO A 296 13.42 -0.03 -11.32
CA PRO A 296 14.14 -1.18 -11.93
C PRO A 296 15.03 -0.77 -13.08
N PRO A 297 16.20 -1.42 -13.22
CA PRO A 297 17.11 -1.06 -14.32
C PRO A 297 16.57 -1.31 -15.73
N THR A 298 15.55 -2.15 -15.92
CA THR A 298 15.20 -2.58 -17.29
C THR A 298 15.05 -1.38 -18.25
N GLY A 299 14.41 -0.30 -17.81
CA GLY A 299 14.15 0.80 -18.71
C GLY A 299 15.29 1.78 -18.92
N ALA A 300 16.33 1.71 -18.09
CA ALA A 300 17.46 2.63 -18.19
C ALA A 300 17.11 4.07 -17.80
N LYS A 301 16.12 4.27 -16.92
CA LYS A 301 15.60 5.61 -16.62
C LYS A 301 16.16 6.24 -15.31
N GLY A 302 17.11 5.58 -14.65
CA GLY A 302 17.51 6.08 -13.35
C GLY A 302 18.33 7.35 -13.27
N LEU A 303 19.50 7.33 -13.92
CA LEU A 303 20.34 8.51 -13.94
C LEU A 303 19.69 9.61 -14.76
N ASN A 304 18.95 9.23 -15.80
CA ASN A 304 18.18 10.22 -16.53
C ASN A 304 17.22 10.94 -15.58
N LEU A 305 16.51 10.18 -14.75
CA LEU A 305 15.63 10.79 -13.78
C LEU A 305 16.42 11.70 -12.84
N ALA A 306 17.58 11.25 -12.37
CA ALA A 306 18.34 12.09 -11.46
C ALA A 306 18.70 13.42 -12.09
N LEU A 307 19.23 13.38 -13.30
CA LEU A 307 19.58 14.62 -13.99
C LEU A 307 18.35 15.49 -14.21
N HIS A 308 17.23 14.90 -14.62
CA HIS A 308 16.02 15.69 -14.79
C HIS A 308 15.65 16.41 -13.50
N ASP A 309 15.73 15.69 -12.38
CA ASP A 309 15.46 16.32 -11.08
C ASP A 309 16.34 17.53 -10.89
N VAL A 310 17.66 17.36 -11.05
CA VAL A 310 18.59 18.46 -10.77
C VAL A 310 18.33 19.62 -11.71
N LYS A 311 17.99 19.33 -12.97
CA LYS A 311 17.73 20.41 -13.91
C LYS A 311 16.52 21.25 -13.47
N VAL A 312 15.40 20.58 -13.18
CA VAL A 312 14.20 21.32 -12.78
C VAL A 312 14.43 22.06 -11.45
N LEU A 313 15.15 21.41 -10.52
CA LEU A 313 15.45 22.05 -9.24
C LEU A 313 16.36 23.27 -9.43
N PHE A 314 17.38 23.14 -10.27
CA PHE A 314 18.27 24.26 -10.49
C PHE A 314 17.49 25.43 -11.10
N GLU A 315 16.59 25.12 -12.03
CA GLU A 315 15.79 26.19 -12.63
C GLU A 315 14.95 26.90 -11.58
N GLY A 316 14.35 26.16 -10.66
CA GLY A 316 13.65 26.81 -9.57
C GLY A 316 14.56 27.69 -8.74
N PHE A 317 15.75 27.17 -8.41
CA PHE A 317 16.70 27.92 -7.57
C PHE A 317 17.15 29.20 -8.25
N ASP A 318 17.40 29.15 -9.57
CA ASP A 318 17.84 30.34 -10.31
C ASP A 318 16.73 31.36 -10.44
N SER A 319 15.52 30.92 -10.85
CA SER A 319 14.39 31.84 -10.85
C SER A 319 14.29 32.57 -9.51
N PHE A 320 14.42 31.84 -8.42
CA PHE A 320 14.31 32.44 -7.10
C PHE A 320 15.45 33.40 -6.81
N TYR A 321 16.70 32.97 -7.03
CA TYR A 321 17.84 33.80 -6.68
C TYR A 321 18.01 35.01 -7.62
N LYS A 322 17.33 35.02 -8.76
CA LYS A 322 17.37 36.16 -9.67
C LYS A 322 16.23 37.14 -9.44
N SER A 323 15.01 36.67 -9.22
CA SER A 323 13.87 37.58 -9.04
C SER A 323 13.20 37.42 -7.69
N GLY A 324 13.77 36.65 -6.77
CA GLY A 324 13.10 36.41 -5.51
C GLY A 324 11.83 35.59 -5.64
N SER A 325 11.54 35.07 -6.84
CA SER A 325 10.34 34.28 -7.09
C SER A 325 10.48 32.86 -6.54
N THR A 326 9.46 32.40 -5.82
CA THR A 326 9.42 31.04 -5.32
C THR A 326 8.66 30.06 -6.19
N ALA A 327 8.01 30.52 -7.26
CA ALA A 327 7.06 29.66 -7.97
C ALA A 327 7.73 28.42 -8.52
N LEU A 328 8.93 28.57 -9.10
CA LEU A 328 9.58 27.42 -9.69
C LEU A 328 10.06 26.46 -8.62
N LEU A 329 10.55 26.97 -7.50
CA LEU A 329 10.82 26.03 -6.43
C LEU A 329 9.54 25.36 -5.95
N ASP A 330 8.46 26.12 -5.80
CA ASP A 330 7.27 25.55 -5.20
C ASP A 330 6.68 24.44 -6.03
N GLY A 331 6.73 24.58 -7.35
CA GLY A 331 6.23 23.50 -8.18
C GLY A 331 7.26 22.44 -8.48
N TYR A 332 8.42 22.49 -7.83
CA TYR A 332 9.48 21.55 -8.15
C TYR A 332 9.01 20.12 -7.93
N SER A 333 8.46 19.87 -6.74
CA SER A 333 8.00 18.52 -6.45
C SER A 333 7.01 18.09 -7.50
N GLY A 334 6.10 18.97 -7.88
CA GLY A 334 5.13 18.60 -8.89
C GLY A 334 5.76 18.10 -10.17
N ARG A 335 6.61 18.91 -10.81
CA ARG A 335 7.21 18.50 -12.07
C ARG A 335 8.04 17.24 -11.91
N ALA A 336 8.88 17.21 -10.88
CA ALA A 336 9.74 16.05 -10.70
C ALA A 336 8.90 14.80 -10.56
N LEU A 337 7.86 14.85 -9.71
CA LEU A 337 7.06 13.66 -9.43
C LEU A 337 6.31 13.22 -10.66
N ASP A 338 5.87 14.17 -11.49
CA ASP A 338 5.22 13.80 -12.75
C ASP A 338 6.14 12.95 -13.62
N ARG A 339 7.33 13.49 -13.90
CA ARG A 339 8.30 12.75 -14.71
C ARG A 339 8.70 11.45 -14.05
N VAL A 340 8.78 11.47 -12.71
CA VAL A 340 9.25 10.30 -11.97
C VAL A 340 8.28 9.16 -12.10
N TRP A 341 6.99 9.42 -11.91
CA TRP A 341 6.00 8.37 -12.09
C TRP A 341 5.96 7.91 -13.53
N LYS A 342 6.13 8.82 -14.49
CA LYS A 342 6.22 8.34 -15.87
C LYS A 342 7.34 7.32 -16.03
N ALA A 343 8.51 7.64 -15.48
CA ALA A 343 9.62 6.70 -15.54
C ALA A 343 9.29 5.42 -14.78
N GLN A 344 8.61 5.57 -13.65
CA GLN A 344 8.21 4.41 -12.83
C GLN A 344 7.33 3.46 -13.62
N GLN A 345 6.26 3.99 -14.21
CA GLN A 345 5.39 3.19 -15.05
C GLN A 345 6.18 2.52 -16.18
N PHE A 346 7.05 3.27 -16.87
CA PHE A 346 7.79 2.68 -17.99
C PHE A 346 8.70 1.54 -17.51
N SER A 347 9.43 1.76 -16.42
CA SER A 347 10.34 0.74 -15.92
C SER A 347 9.59 -0.48 -15.41
N TYR A 348 8.44 -0.29 -14.78
CA TYR A 348 7.62 -1.44 -14.42
C TYR A 348 7.17 -2.22 -15.64
N TRP A 349 6.75 -1.51 -16.69
CA TRP A 349 6.31 -2.19 -17.90
C TRP A 349 7.46 -3.00 -18.48
N MET A 350 8.64 -2.38 -18.57
CA MET A 350 9.77 -3.09 -19.16
C MET A 350 10.10 -4.33 -18.36
N THR A 351 10.19 -4.20 -17.04
CA THR A 351 10.47 -5.33 -16.18
C THR A 351 9.42 -6.41 -16.34
N SER A 352 8.14 -6.05 -16.20
CA SER A 352 7.08 -7.05 -16.25
C SER A 352 7.06 -7.74 -17.61
N MET A 353 7.38 -7.03 -18.67
CA MET A 353 7.37 -7.65 -19.97
C MET A 353 8.53 -8.63 -20.12
N LEU A 354 9.69 -8.34 -19.54
CA LEU A 354 10.86 -9.09 -20.00
C LEU A 354 11.31 -10.22 -19.11
N HIS A 355 11.16 -10.11 -17.78
CA HIS A 355 11.60 -11.16 -16.83
C HIS A 355 10.61 -12.34 -16.75
N THR A 356 11.14 -13.55 -16.60
CA THR A 356 10.28 -14.73 -16.63
C THR A 356 9.56 -14.88 -15.31
N PRO A 357 8.22 -14.96 -15.30
CA PRO A 357 7.49 -14.94 -14.04
C PRO A 357 7.84 -16.11 -13.14
N VAL A 358 8.43 -15.80 -11.99
CA VAL A 358 8.87 -16.83 -11.06
C VAL A 358 7.69 -17.70 -10.66
N GLY A 359 7.89 -19.01 -10.72
CA GLY A 359 6.91 -19.94 -10.19
C GLY A 359 6.03 -20.65 -11.19
N GLY A 360 6.31 -20.54 -12.47
CA GLY A 360 5.44 -21.24 -13.40
C GLY A 360 3.98 -20.83 -13.29
N ASP A 361 3.69 -19.51 -13.46
CA ASP A 361 2.36 -19.04 -13.86
C ASP A 361 2.22 -19.41 -15.31
N ASP A 362 1.33 -20.32 -15.63
CA ASP A 362 1.22 -20.62 -17.04
C ASP A 362 0.51 -19.47 -17.73
N PHE A 363 -0.60 -19.02 -17.14
CA PHE A 363 -1.26 -17.84 -17.67
C PHE A 363 -0.34 -16.63 -17.70
N ALA A 364 0.47 -16.42 -16.67
CA ALA A 364 1.37 -15.27 -16.69
C ALA A 364 2.34 -15.36 -17.85
N ARG A 365 2.96 -16.52 -18.06
CA ARG A 365 3.93 -16.64 -19.14
C ARG A 365 3.25 -16.47 -20.51
N ALA A 366 2.08 -17.08 -20.69
CA ALA A 366 1.33 -16.91 -21.94
C ALA A 366 1.00 -15.47 -22.18
N ARG A 367 0.47 -14.78 -21.16
CA ARG A 367 0.14 -13.37 -21.30
C ARG A 367 1.40 -12.59 -21.64
N GLN A 368 2.53 -12.94 -21.03
CA GLN A 368 3.79 -12.25 -21.31
C GLN A 368 4.14 -12.35 -22.77
N LEU A 369 4.11 -13.58 -23.32
CA LEU A 369 4.45 -13.78 -24.73
C LEU A 369 3.43 -13.13 -25.64
N GLY A 370 2.16 -13.15 -25.24
CA GLY A 370 1.16 -12.44 -26.01
C GLY A 370 1.50 -10.98 -26.13
N GLU A 371 1.85 -10.37 -24.99
CA GLU A 371 2.25 -8.97 -24.97
C GLU A 371 3.46 -8.74 -25.87
N LEU A 372 4.52 -9.52 -25.68
CA LEU A 372 5.73 -9.30 -26.47
C LEU A 372 5.44 -9.36 -27.98
N ASN A 373 4.65 -10.34 -28.42
CA ASN A 373 4.29 -10.36 -29.82
C ASN A 373 3.53 -9.09 -30.19
N SER A 374 2.47 -8.78 -29.44
CA SER A 374 1.65 -7.63 -29.82
C SER A 374 2.49 -6.38 -29.87
N VAL A 375 3.54 -6.29 -29.05
CA VAL A 375 4.38 -5.08 -29.01
C VAL A 375 5.28 -5.03 -30.24
N VAL A 376 6.12 -6.05 -30.45
CA VAL A 376 6.99 -5.99 -31.62
C VAL A 376 6.19 -6.10 -32.93
N SER A 377 4.96 -6.60 -32.90
CA SER A 377 4.19 -6.75 -34.13
C SER A 377 3.51 -5.47 -34.60
N SER A 378 3.30 -4.49 -33.72
CA SER A 378 2.60 -3.27 -34.07
C SER A 378 3.61 -2.15 -34.19
N ARG A 379 3.51 -1.35 -35.25
CA ARG A 379 4.43 -0.24 -35.39
C ARG A 379 4.16 0.78 -34.30
N HIS A 380 2.88 1.03 -34.00
CA HIS A 380 2.58 1.95 -32.91
C HIS A 380 3.19 1.49 -31.61
N GLY A 381 3.15 0.17 -31.36
CA GLY A 381 3.72 -0.36 -30.13
C GLY A 381 5.20 -0.11 -30.02
N ARG A 382 5.96 -0.46 -31.07
CA ARG A 382 7.39 -0.24 -31.02
C ARG A 382 7.71 1.24 -30.87
N ALA A 383 6.87 2.10 -31.47
CA ALA A 383 7.07 3.53 -31.35
C ALA A 383 6.82 4.00 -29.92
N TYR A 384 5.78 3.50 -29.28
CA TYR A 384 5.54 3.81 -27.86
C TYR A 384 6.74 3.37 -27.01
N LEU A 385 7.22 2.15 -27.24
CA LEU A 385 8.38 1.69 -26.49
C LEU A 385 9.56 2.61 -26.72
N ALA A 386 9.82 2.96 -28.00
CA ALA A 386 11.00 3.78 -28.32
C ALA A 386 10.86 5.17 -27.72
N GLU A 387 9.66 5.75 -27.82
CA GLU A 387 9.42 7.06 -27.25
C GLU A 387 9.80 7.10 -25.80
N ALA A 388 9.28 6.15 -25.00
CA ALA A 388 9.60 6.13 -23.58
C ALA A 388 11.07 5.86 -23.36
N TYR A 389 11.66 4.94 -24.14
CA TYR A 389 13.05 4.58 -23.91
C TYR A 389 13.96 5.79 -24.06
N THR A 390 13.74 6.58 -25.11
CA THR A 390 14.64 7.66 -25.53
C THR A 390 14.40 8.95 -24.76
N GLY A 391 13.40 8.97 -23.89
CA GLY A 391 13.16 10.09 -23.03
C GLY A 391 11.91 10.87 -23.33
N TRP A 392 10.99 10.31 -24.10
CA TRP A 392 9.78 11.05 -24.47
C TRP A 392 10.14 12.34 -25.23
N PRO A 393 10.77 12.22 -26.41
CA PRO A 393 10.97 13.39 -27.26
C PRO A 393 9.64 13.87 -27.79
N ALA A 394 9.45 15.20 -27.77
CA ALA A 394 8.27 15.85 -28.33
C ALA A 394 8.11 17.22 -27.69
N MET B 1 21.80 -35.20 -19.63
CA MET B 1 22.32 -34.70 -18.36
C MET B 1 23.13 -35.77 -17.65
N ALA B 2 23.94 -35.35 -16.69
CA ALA B 2 24.55 -36.30 -15.76
C ALA B 2 23.56 -36.48 -14.63
N ASN B 3 23.73 -37.58 -13.91
CA ASN B 3 22.74 -37.94 -12.90
C ASN B 3 22.85 -37.06 -11.68
N ARG B 4 21.80 -36.30 -11.35
CA ARG B 4 21.65 -35.85 -9.98
C ARG B 4 20.78 -36.88 -9.27
N LYS B 5 21.32 -37.46 -8.20
CA LYS B 5 20.63 -38.51 -7.48
C LYS B 5 19.24 -38.08 -7.01
N VAL B 6 18.24 -38.95 -7.22
CA VAL B 6 16.84 -38.70 -6.85
C VAL B 6 16.53 -39.41 -5.53
N ILE B 7 16.12 -38.61 -4.51
CA ILE B 7 15.82 -39.11 -3.17
C ILE B 7 14.44 -38.60 -2.78
N THR B 8 13.80 -39.31 -1.80
CA THR B 8 12.49 -38.95 -1.25
C THR B 8 12.56 -38.68 0.24
N THR B 9 11.67 -37.78 0.67
CA THR B 9 11.32 -37.48 2.05
C THR B 9 9.82 -37.30 2.08
N GLN B 10 9.26 -37.11 3.27
CA GLN B 10 7.86 -36.71 3.26
C GLN B 10 7.72 -35.20 3.35
N VAL B 11 8.56 -34.56 4.16
CA VAL B 11 8.57 -33.12 4.30
C VAL B 11 10.02 -32.66 4.04
N ALA B 12 10.21 -31.92 2.97
CA ALA B 12 11.50 -31.28 2.75
C ALA B 12 11.47 -29.89 3.38
N ILE B 13 12.46 -29.59 4.22
CA ILE B 13 12.51 -28.36 5.00
C ILE B 13 13.70 -27.52 4.54
N MET B 14 13.41 -26.28 4.17
CA MET B 14 14.44 -25.39 3.66
C MET B 14 14.76 -24.38 4.74
N GLY B 15 15.93 -24.53 5.36
CA GLY B 15 16.39 -23.67 6.43
C GLY B 15 16.71 -24.45 7.68
N ALA B 16 17.97 -24.41 8.13
CA ALA B 16 18.38 -25.00 9.40
C ALA B 16 18.42 -23.98 10.53
N GLY B 17 17.58 -22.96 10.45
CA GLY B 17 17.38 -22.10 11.56
C GLY B 17 16.53 -22.76 12.62
N PRO B 18 16.26 -22.03 13.68
CA PRO B 18 15.44 -22.57 14.76
C PRO B 18 14.09 -23.09 14.29
N ALA B 19 13.39 -22.40 13.39
CA ALA B 19 12.06 -22.89 13.00
C ALA B 19 12.19 -24.14 12.16
N GLY B 20 13.16 -24.15 11.24
CA GLY B 20 13.39 -25.33 10.43
C GLY B 20 13.75 -26.53 11.28
N LEU B 21 14.73 -26.35 12.20
CA LEU B 21 15.17 -27.45 13.04
C LEU B 21 14.10 -27.93 14.01
N MET B 22 13.34 -27.00 14.57
CA MET B 22 12.26 -27.37 15.47
C MET B 22 11.19 -28.20 14.74
N LEU B 23 10.81 -27.79 13.52
CA LEU B 23 9.86 -28.59 12.75
C LEU B 23 10.45 -29.95 12.42
N SER B 24 11.71 -29.98 12.01
CA SER B 24 12.34 -31.26 11.71
C SER B 24 12.26 -32.20 12.92
N HIS B 25 12.61 -31.69 14.10
CA HIS B 25 12.62 -32.52 15.29
C HIS B 25 11.22 -32.99 15.66
N LEU B 26 10.22 -32.09 15.52
CA LEU B 26 8.84 -32.48 15.82
C LEU B 26 8.32 -33.53 14.85
N LEU B 27 8.63 -33.39 13.57
CA LEU B 27 8.24 -34.41 12.62
C LEU B 27 8.89 -35.73 12.97
N ALA B 28 10.19 -35.70 13.35
CA ALA B 28 10.89 -36.89 13.85
C ALA B 28 10.13 -37.55 15.01
N LYS B 29 9.89 -36.80 16.09
CA LYS B 29 9.27 -37.39 17.27
C LYS B 29 7.89 -37.98 16.99
N ALA B 30 7.20 -37.54 15.92
CA ALA B 30 5.95 -38.15 15.48
C ALA B 30 6.17 -39.23 14.43
N GLY B 31 7.43 -39.56 14.12
CA GLY B 31 7.73 -40.57 13.13
C GLY B 31 7.40 -40.19 11.69
N ILE B 32 7.79 -38.97 11.26
CA ILE B 32 7.65 -38.51 9.87
C ILE B 32 9.01 -38.07 9.40
N GLU B 33 9.49 -38.68 8.33
CA GLU B 33 10.84 -38.42 7.87
C GLU B 33 10.88 -37.10 7.10
N SER B 34 11.76 -36.21 7.55
CA SER B 34 11.93 -34.88 6.96
C SER B 34 13.39 -34.64 6.69
N THR B 35 13.70 -34.12 5.53
CA THR B 35 15.09 -33.83 5.17
C THR B 35 15.28 -32.33 5.09
N VAL B 36 16.36 -31.85 5.70
CA VAL B 36 16.61 -30.42 5.89
C VAL B 36 17.81 -30.01 5.04
N ILE B 37 17.63 -29.01 4.19
CA ILE B 37 18.73 -28.45 3.42
C ILE B 37 18.97 -27.04 3.92
N GLU B 38 20.25 -26.69 4.05
CA GLU B 38 20.68 -25.38 4.52
C GLU B 38 21.85 -24.90 3.64
N ILE B 39 21.98 -23.57 3.47
CA ILE B 39 23.02 -23.00 2.61
C ILE B 39 24.24 -22.50 3.37
N ARG B 40 24.17 -22.41 4.70
CA ARG B 40 25.28 -21.97 5.52
C ARG B 40 25.87 -23.15 6.26
N SER B 41 27.09 -22.97 6.72
CA SER B 41 27.72 -23.93 7.60
C SER B 41 27.09 -23.89 9.00
N HIS B 42 27.22 -25.02 9.71
CA HIS B 42 26.81 -25.01 11.10
C HIS B 42 27.56 -23.91 11.83
N GLN B 43 28.86 -23.78 11.51
CA GLN B 43 29.68 -22.74 12.14
C GLN B 43 29.22 -21.34 11.76
N GLU B 44 28.93 -21.11 10.47
CA GLU B 44 28.41 -19.80 10.09
C GLU B 44 27.21 -19.47 10.96
N ILE B 45 26.27 -20.41 11.06
CA ILE B 45 25.03 -20.18 11.79
C ILE B 45 25.34 -19.80 13.23
N SER B 46 26.22 -20.56 13.89
CA SER B 46 26.52 -20.37 15.30
C SER B 46 27.31 -19.09 15.59
N GLU B 47 28.06 -18.56 14.62
CA GLU B 47 28.76 -17.33 14.95
C GLU B 47 27.85 -16.12 14.89
N THR B 48 26.66 -16.26 14.31
CA THR B 48 25.63 -15.22 14.36
C THR B 48 25.03 -15.22 15.75
N VAL B 49 25.29 -14.17 16.53
CA VAL B 49 24.83 -14.09 17.92
C VAL B 49 23.68 -13.09 17.98
N ARG B 50 22.44 -13.59 17.94
CA ARG B 50 21.26 -12.79 18.22
C ARG B 50 20.70 -13.21 19.56
N ALA B 51 20.41 -12.23 20.41
CA ALA B 51 19.77 -12.54 21.68
C ALA B 51 18.33 -12.98 21.43
N GLY B 52 17.72 -13.53 22.46
CA GLY B 52 16.36 -14.02 22.34
C GLY B 52 15.63 -13.87 23.66
N ILE B 53 14.34 -13.62 23.56
CA ILE B 53 13.43 -13.57 24.70
C ILE B 53 12.30 -14.55 24.36
N LEU B 54 12.18 -15.62 25.13
CA LEU B 54 11.26 -16.71 24.80
C LEU B 54 10.01 -16.60 25.66
N GLU B 55 8.83 -16.60 25.02
CA GLU B 55 7.59 -16.67 25.77
C GLU B 55 7.50 -18.03 26.44
N HIS B 56 6.62 -18.13 27.44
CA HIS B 56 6.42 -19.42 28.11
C HIS B 56 6.16 -20.52 27.10
N GLY B 57 5.22 -20.29 26.17
CA GLY B 57 4.86 -21.33 25.23
C GLY B 57 6.04 -21.85 24.41
N SER B 58 6.96 -20.96 24.03
CA SER B 58 8.13 -21.43 23.29
C SER B 58 8.98 -22.34 24.15
N VAL B 59 9.15 -21.98 25.41
CA VAL B 59 9.94 -22.81 26.31
C VAL B 59 9.26 -24.17 26.50
N ASN B 60 7.94 -24.18 26.69
CA ASN B 60 7.23 -25.44 26.78
C ASN B 60 7.41 -26.27 25.52
N LEU B 61 7.33 -25.66 24.34
CA LEU B 61 7.53 -26.45 23.13
C LEU B 61 8.93 -27.05 23.08
N LEU B 62 9.96 -26.25 23.41
CA LEU B 62 11.35 -26.71 23.37
C LEU B 62 11.58 -27.88 24.30
N VAL B 63 10.90 -27.87 25.45
CA VAL B 63 11.10 -28.89 26.49
C VAL B 63 10.20 -30.10 26.23
N ASP B 64 8.89 -29.92 26.29
CA ASP B 64 8.02 -31.10 26.19
C ASP B 64 8.19 -31.89 24.90
N SER B 65 8.94 -31.36 23.94
CA SER B 65 9.21 -32.10 22.72
C SER B 65 10.52 -32.85 22.79
N GLY B 66 11.29 -32.63 23.83
CA GLY B 66 12.58 -33.22 23.96
C GLY B 66 13.67 -32.48 23.23
N ALA B 67 13.34 -31.37 22.57
CA ALA B 67 14.34 -30.63 21.84
C ALA B 67 15.55 -30.30 22.71
N SER B 68 15.31 -29.56 23.79
CA SER B 68 16.39 -29.33 24.74
C SER B 68 15.89 -28.68 26.00
N ASP B 69 16.20 -29.23 27.16
CA ASP B 69 15.87 -28.52 28.38
C ASP B 69 16.96 -27.55 28.79
N ARG B 70 18.08 -27.53 28.05
CA ARG B 70 19.15 -26.62 28.39
C ARG B 70 18.66 -25.19 28.47
N VAL B 71 17.52 -24.87 27.85
CA VAL B 71 16.93 -23.56 27.97
C VAL B 71 16.64 -23.25 29.42
N LEU B 72 16.18 -24.26 30.17
CA LEU B 72 15.89 -24.08 31.60
C LEU B 72 17.15 -23.91 32.43
N ARG B 73 18.22 -24.65 32.11
CA ARG B 73 19.44 -24.56 32.91
C ARG B 73 20.20 -23.27 32.65
N ASP B 74 20.47 -22.95 31.38
CA ASP B 74 21.40 -21.87 31.07
C ASP B 74 20.70 -20.54 30.80
N GLY B 75 19.38 -20.53 30.67
CA GLY B 75 18.64 -19.31 30.45
C GLY B 75 17.95 -18.85 31.72
N ASP B 76 17.89 -17.52 31.90
CA ASP B 76 17.38 -16.90 33.13
C ASP B 76 15.91 -16.55 32.93
N ARG B 77 15.09 -16.86 33.92
CA ARG B 77 13.72 -16.40 33.85
C ARG B 77 13.65 -14.96 34.38
N HIS B 78 13.01 -14.07 33.64
CA HIS B 78 12.72 -12.72 34.11
C HIS B 78 11.22 -12.60 34.32
N ASP B 79 10.83 -11.88 35.38
CA ASP B 79 9.44 -11.67 35.73
C ASP B 79 8.92 -10.27 35.38
N GLY B 80 9.76 -9.43 34.78
CA GLY B 80 9.29 -8.12 34.36
C GLY B 80 10.35 -7.39 33.59
N ILE B 81 10.04 -6.16 33.22
CA ILE B 81 10.99 -5.30 32.52
C ILE B 81 10.74 -3.86 32.94
N GLU B 82 11.61 -2.96 32.52
CA GLU B 82 11.43 -1.56 32.87
C GLU B 82 11.46 -0.67 31.64
N LEU B 83 10.49 0.25 31.58
CA LEU B 83 10.46 1.38 30.64
C LEU B 83 10.99 2.63 31.35
N ARG B 84 12.10 3.16 30.84
CA ARG B 84 12.77 4.31 31.41
C ARG B 84 12.53 5.53 30.53
N PHE B 85 11.98 6.59 31.12
CA PHE B 85 11.94 7.88 30.42
C PHE B 85 11.89 9.01 31.44
N ASN B 86 12.40 10.18 31.01
CA ASN B 86 12.44 11.37 31.89
C ASN B 86 13.13 11.04 33.20
N GLY B 87 14.19 10.22 33.11
CA GLY B 87 14.97 9.81 34.26
C GLY B 87 14.33 8.83 35.21
N GLU B 88 13.03 8.59 35.12
CA GLU B 88 12.43 7.61 36.01
C GLU B 88 12.35 6.27 35.28
N SER B 89 12.55 5.18 36.03
CA SER B 89 12.40 3.83 35.51
C SER B 89 11.11 3.28 36.09
N HIS B 90 10.18 2.90 35.22
CA HIS B 90 8.96 2.22 35.66
C HIS B 90 9.06 0.75 35.31
N ARG B 91 8.52 -0.12 36.16
CA ARG B 91 8.64 -1.56 35.97
C ARG B 91 7.27 -2.17 35.73
N ILE B 92 7.17 -2.88 34.61
CA ILE B 92 6.06 -3.79 34.31
C ILE B 92 6.39 -5.12 34.98
N ASP B 93 5.56 -5.52 35.94
CA ASP B 93 5.71 -6.77 36.71
C ASP B 93 4.82 -7.80 36.03
N PHE B 94 5.41 -8.57 35.10
CA PHE B 94 4.61 -9.48 34.28
C PHE B 94 3.81 -10.43 35.14
N GLN B 95 4.47 -11.03 36.14
CA GLN B 95 3.80 -12.01 36.97
C GLN B 95 2.69 -11.37 37.78
N ASP B 96 2.93 -10.16 38.30
CA ASP B 96 1.88 -9.44 39.03
C ASP B 96 0.71 -9.06 38.12
N LEU B 97 1.01 -8.64 36.88
CA LEU B 97 0.00 -8.05 36.00
C LEU B 97 -0.76 -9.10 35.19
N VAL B 98 -0.07 -10.12 34.69
CA VAL B 98 -0.70 -11.14 33.85
C VAL B 98 -0.39 -12.57 34.29
N GLY B 99 0.51 -12.72 35.25
CA GLY B 99 0.78 -14.07 35.70
C GLY B 99 1.58 -14.93 34.74
N GLU B 100 2.39 -14.31 33.89
CA GLU B 100 3.38 -15.04 33.13
C GLU B 100 4.76 -14.42 33.33
N SER B 101 5.77 -15.20 33.00
CA SER B 101 7.17 -14.80 33.00
C SER B 101 7.72 -15.06 31.60
N VAL B 102 8.98 -14.71 31.37
CA VAL B 102 9.59 -15.03 30.09
C VAL B 102 11.00 -15.49 30.37
N TRP B 103 11.62 -16.15 29.40
CA TRP B 103 12.94 -16.73 29.61
C TRP B 103 13.94 -16.10 28.66
N LEU B 104 15.01 -15.55 29.20
CA LEU B 104 16.05 -14.96 28.38
C LEU B 104 17.08 -16.04 28.10
N TYR B 105 17.24 -16.39 26.80
CA TYR B 105 18.06 -17.47 26.23
C TYR B 105 18.53 -17.16 24.80
N PRO B 106 19.83 -17.05 24.53
CA PRO B 106 20.27 -16.61 23.19
C PRO B 106 19.67 -17.46 22.09
N GLN B 107 19.26 -16.80 21.01
CA GLN B 107 18.66 -17.55 19.90
C GLN B 107 19.66 -18.50 19.30
N THR B 108 20.93 -18.10 19.24
CA THR B 108 21.95 -19.01 18.73
C THR B 108 22.13 -20.20 19.66
N ASP B 109 21.92 -20.03 20.95
CA ASP B 109 21.98 -21.20 21.82
C ASP B 109 20.85 -22.19 21.49
N VAL B 110 19.65 -21.66 21.23
CA VAL B 110 18.54 -22.52 20.80
C VAL B 110 18.91 -23.22 19.51
N PHE B 111 19.51 -22.50 18.56
CA PHE B 111 19.96 -23.18 17.35
C PHE B 111 20.96 -24.28 17.67
N LEU B 112 21.92 -24.01 18.55
CA LEU B 112 22.92 -25.01 18.88
C LEU B 112 22.28 -26.26 19.47
N ASP B 113 21.40 -26.07 20.44
CA ASP B 113 20.71 -27.22 21.02
C ASP B 113 19.98 -28.01 19.94
N LEU B 114 19.18 -27.33 19.13
CA LEU B 114 18.33 -28.04 18.18
C LEU B 114 19.16 -28.77 17.12
N ALA B 115 20.23 -28.12 16.65
CA ALA B 115 21.10 -28.74 15.65
C ALA B 115 21.75 -29.98 16.24
N ALA B 116 22.27 -29.86 17.47
CA ALA B 116 22.87 -30.99 18.14
C ALA B 116 21.86 -32.13 18.30
N ARG B 117 20.63 -31.80 18.67
CA ARG B 117 19.60 -32.82 18.86
C ARG B 117 19.32 -33.54 17.55
N ARG B 118 19.27 -32.79 16.44
CA ARG B 118 19.05 -33.45 15.16
C ARG B 118 20.20 -34.39 14.84
N GLN B 119 21.44 -33.94 15.03
CA GLN B 119 22.58 -34.81 14.74
C GLN B 119 22.53 -36.07 15.61
N ALA B 120 22.24 -35.89 16.89
CA ALA B 120 22.25 -37.00 17.83
C ALA B 120 21.18 -38.04 17.52
N ASP B 121 20.08 -37.65 16.88
CA ASP B 121 19.06 -38.61 16.49
C ASP B 121 19.25 -39.10 15.06
N GLY B 122 20.28 -38.65 14.36
CA GLY B 122 20.48 -39.06 12.98
C GLY B 122 19.63 -38.33 11.96
N GLY B 123 18.94 -37.28 12.37
CA GLY B 123 18.12 -36.53 11.46
C GLY B 123 18.88 -36.09 10.24
N ASP B 124 18.22 -36.08 9.09
CA ASP B 124 18.89 -35.66 7.88
C ASP B 124 18.92 -34.13 7.83
N VAL B 125 20.09 -33.55 8.10
CA VAL B 125 20.30 -32.11 8.02
C VAL B 125 21.59 -31.84 7.23
N ARG B 126 21.46 -31.28 6.04
CA ARG B 126 22.59 -31.02 5.15
C ARG B 126 22.85 -29.53 5.06
N TYR B 127 24.00 -29.10 5.57
CA TYR B 127 24.40 -27.69 5.56
C TYR B 127 25.24 -27.38 4.31
N SER B 128 25.37 -26.10 4.03
CA SER B 128 26.29 -25.66 2.97
C SER B 128 25.91 -26.21 1.61
N VAL B 129 24.62 -26.29 1.32
CA VAL B 129 24.16 -26.69 -0.01
C VAL B 129 24.01 -25.45 -0.89
N THR B 130 23.90 -25.67 -2.22
CA THR B 130 23.82 -24.59 -3.24
C THR B 130 22.88 -25.03 -4.38
N ASP B 131 22.77 -24.21 -5.42
CA ASP B 131 21.90 -24.48 -6.61
C ASP B 131 20.46 -24.79 -6.20
N THR B 132 19.99 -24.10 -5.16
CA THR B 132 18.72 -24.44 -4.55
C THR B 132 17.58 -23.90 -5.37
N THR B 133 16.73 -24.81 -5.86
CA THR B 133 15.47 -24.43 -6.51
C THR B 133 14.33 -25.30 -6.01
N ILE B 134 13.14 -24.79 -6.24
CA ILE B 134 11.90 -25.40 -5.79
C ILE B 134 11.03 -25.51 -7.03
N HIS B 135 10.35 -26.66 -7.18
CA HIS B 135 9.63 -26.96 -8.41
C HIS B 135 8.33 -27.71 -8.12
N ASP B 136 7.38 -27.60 -9.06
CA ASP B 136 6.10 -28.32 -9.02
C ASP B 136 5.40 -28.13 -7.67
N LEU B 137 5.12 -26.87 -7.34
CA LEU B 137 4.62 -26.59 -5.99
C LEU B 137 3.20 -27.09 -5.83
N GLU B 138 2.40 -26.99 -6.88
CA GLU B 138 1.07 -27.53 -6.80
C GLU B 138 1.02 -29.03 -7.07
N GLY B 139 2.12 -29.66 -7.50
CA GLY B 139 2.26 -31.11 -7.71
C GLY B 139 2.91 -31.79 -6.52
N LYS B 140 3.71 -32.82 -6.80
CA LYS B 140 4.58 -33.37 -5.75
C LYS B 140 5.87 -32.60 -5.80
N PRO B 141 6.16 -31.79 -4.80
CA PRO B 141 7.20 -30.78 -4.95
C PRO B 141 8.56 -31.43 -5.10
N LYS B 142 9.48 -30.61 -5.53
CA LYS B 142 10.83 -31.09 -5.75
C LYS B 142 11.79 -29.98 -5.36
N VAL B 143 12.86 -30.39 -4.70
CA VAL B 143 13.87 -29.48 -4.25
C VAL B 143 15.16 -29.92 -4.94
N TRP B 144 15.74 -29.03 -5.73
CA TRP B 144 17.04 -29.33 -6.30
C TRP B 144 18.08 -28.64 -5.45
N PHE B 145 19.15 -29.38 -5.14
CA PHE B 145 20.25 -28.77 -4.42
C PHE B 145 21.53 -29.54 -4.71
N THR B 146 22.65 -28.84 -4.56
CA THR B 146 23.97 -29.42 -4.73
C THR B 146 24.64 -29.42 -3.35
N ASP B 147 24.74 -30.60 -2.74
CA ASP B 147 25.17 -30.70 -1.36
C ASP B 147 26.65 -30.35 -1.21
N ALA B 148 27.13 -30.50 0.02
CA ALA B 148 28.42 -29.93 0.38
C ALA B 148 29.56 -30.51 -0.44
N ASP B 149 29.53 -31.80 -0.73
CA ASP B 149 30.64 -32.45 -1.41
C ASP B 149 30.54 -32.35 -2.91
N GLY B 150 29.54 -31.62 -3.41
CA GLY B 150 29.41 -31.37 -4.82
C GLY B 150 28.38 -32.18 -5.56
N VAL B 151 27.74 -33.14 -4.89
CA VAL B 151 26.74 -33.99 -5.52
C VAL B 151 25.47 -33.18 -5.80
N GLU B 152 24.91 -33.34 -7.02
CA GLU B 152 23.64 -32.72 -7.36
C GLU B 152 22.52 -33.71 -7.06
N TYR B 153 21.46 -33.22 -6.41
CA TYR B 153 20.34 -34.03 -5.96
C TYR B 153 19.02 -33.39 -6.34
N GLU B 154 18.06 -34.23 -6.68
CA GLU B 154 16.64 -33.91 -6.67
C GLU B 154 15.97 -34.62 -5.51
N LEU B 155 15.42 -33.85 -4.58
CA LEU B 155 14.61 -34.34 -3.48
C LEU B 155 13.15 -34.23 -3.87
N GLN B 156 12.39 -35.28 -3.59
CA GLN B 156 10.95 -35.26 -3.87
C GLN B 156 10.25 -35.34 -2.54
N ALA B 157 9.25 -34.51 -2.33
CA ALA B 157 8.60 -34.53 -1.03
C ALA B 157 7.11 -34.44 -1.24
N ASP B 158 6.38 -34.67 -0.17
CA ASP B 158 4.94 -34.46 -0.23
C ASP B 158 4.62 -33.00 0.03
N PHE B 159 5.36 -32.36 0.92
CA PHE B 159 5.24 -30.94 1.18
C PHE B 159 6.64 -30.38 1.34
N ILE B 160 6.74 -29.10 1.00
CA ILE B 160 7.92 -28.27 1.28
C ILE B 160 7.52 -27.31 2.39
N ALA B 161 8.40 -27.14 3.36
CA ALA B 161 8.24 -26.14 4.38
C ALA B 161 9.38 -25.18 4.18
N GLY B 162 9.05 -23.92 3.91
CA GLY B 162 10.06 -22.92 3.70
C GLY B 162 10.33 -22.18 4.98
N ALA B 163 11.49 -22.40 5.56
CA ALA B 163 11.85 -21.69 6.77
C ALA B 163 13.18 -20.98 6.51
N ASP B 164 13.27 -20.31 5.37
CA ASP B 164 14.52 -19.68 4.94
C ASP B 164 14.86 -18.41 5.72
N GLY B 165 13.94 -17.87 6.51
CA GLY B 165 14.20 -16.59 7.10
C GLY B 165 14.04 -15.46 6.10
N SER B 166 14.28 -14.24 6.58
CA SER B 166 13.95 -13.07 5.79
C SER B 166 14.74 -12.98 4.49
N ARG B 167 15.87 -13.67 4.36
CA ARG B 167 16.49 -13.78 3.06
C ARG B 167 15.93 -14.98 2.30
N SER B 168 14.67 -15.32 2.59
CA SER B 168 14.05 -16.53 2.07
C SER B 168 14.18 -16.62 0.57
N HIS B 169 14.49 -17.80 0.10
CA HIS B 169 14.42 -18.11 -1.30
C HIS B 169 13.01 -18.58 -1.68
N SER B 170 12.35 -19.30 -0.78
CA SER B 170 11.07 -19.92 -1.07
C SER B 170 10.00 -18.90 -1.40
N ARG B 171 9.90 -17.83 -0.62
CA ARG B 171 8.80 -16.93 -0.90
C ARG B 171 8.96 -16.24 -2.23
N PHE B 172 10.16 -16.25 -2.80
CA PHE B 172 10.25 -15.70 -4.13
C PHE B 172 9.70 -16.63 -5.19
N GLN B 173 9.54 -17.92 -4.89
CA GLN B 173 9.07 -18.90 -5.85
C GLN B 173 7.55 -19.02 -5.93
N ILE B 174 6.82 -18.25 -5.11
CA ILE B 174 5.37 -18.24 -5.11
C ILE B 174 4.89 -17.17 -6.09
N PRO B 175 4.01 -17.51 -7.05
CA PRO B 175 3.58 -16.54 -8.09
C PRO B 175 2.96 -15.26 -7.54
N GLU B 176 3.42 -14.12 -8.08
CA GLU B 176 2.99 -12.82 -7.55
C GLU B 176 1.48 -12.68 -7.56
N ALA B 177 0.83 -13.27 -8.55
CA ALA B 177 -0.61 -13.07 -8.64
C ALA B 177 -1.36 -13.66 -7.46
N GLN B 178 -0.78 -14.64 -6.78
CA GLN B 178 -1.59 -15.45 -5.88
C GLN B 178 -1.29 -15.17 -4.43
N ARG B 179 -0.47 -14.16 -4.17
CA ARG B 179 -0.05 -13.78 -2.83
C ARG B 179 -0.14 -12.26 -2.73
N LYS B 180 0.01 -11.77 -1.53
CA LYS B 180 0.03 -10.34 -1.28
C LYS B 180 1.19 -10.08 -0.33
N TRP B 181 1.92 -8.99 -0.57
CA TRP B 181 3.05 -8.61 0.26
C TRP B 181 2.70 -7.32 1.01
N TYR B 182 2.93 -7.29 2.33
CA TYR B 182 2.60 -6.16 3.20
C TYR B 182 3.86 -5.54 3.81
N PHE B 183 3.93 -4.20 3.80
CA PHE B 183 5.17 -3.52 4.11
C PHE B 183 4.98 -2.36 5.09
N HIS B 184 6.02 -2.12 5.85
CA HIS B 184 6.17 -0.85 6.52
C HIS B 184 7.60 -0.72 6.99
N GLU B 185 8.32 0.28 6.49
CA GLU B 185 9.76 0.37 6.66
C GLU B 185 10.01 1.56 7.59
N TYR B 186 11.02 1.45 8.49
CA TYR B 186 11.18 2.49 9.52
C TYR B 186 12.32 3.45 9.18
N PRO B 187 12.31 4.64 9.74
CA PRO B 187 13.37 5.59 9.42
C PRO B 187 14.58 5.48 10.34
N PHE B 188 14.70 4.37 11.08
CA PHE B 188 15.84 4.11 11.97
C PHE B 188 16.20 2.63 11.92
N ALA B 189 17.26 2.26 12.65
CA ALA B 189 17.71 0.89 12.81
C ALA B 189 18.24 0.75 14.23
N TRP B 190 18.83 -0.41 14.56
CA TRP B 190 19.47 -0.61 15.85
C TRP B 190 20.98 -0.74 15.70
N PHE B 191 21.72 -0.09 16.59
CA PHE B 191 23.16 -0.28 16.76
C PHE B 191 23.31 -1.23 17.93
N GLY B 192 23.77 -2.46 17.68
CA GLY B 192 23.83 -3.50 18.71
C GLY B 192 25.28 -3.84 19.03
N ILE B 193 25.59 -3.82 20.32
CA ILE B 193 26.95 -4.05 20.82
C ILE B 193 26.95 -5.07 21.95
N LEU B 194 28.03 -5.84 21.99
CA LEU B 194 28.31 -6.74 23.09
C LEU B 194 29.56 -6.22 23.81
N ALA B 195 29.43 -5.96 25.11
CA ALA B 195 30.50 -5.36 25.88
C ALA B 195 30.62 -6.10 27.19
N GLU B 196 31.85 -6.31 27.66
CA GLU B 196 32.07 -7.12 28.85
C GLU B 196 31.96 -6.28 30.11
N THR B 197 30.97 -6.59 30.93
CA THR B 197 30.69 -5.90 32.18
C THR B 197 29.50 -6.57 32.87
N PRO B 198 29.30 -6.41 34.18
CA PRO B 198 28.10 -6.96 34.80
C PRO B 198 26.86 -6.16 34.45
N ARG B 199 25.72 -6.81 34.63
CA ARG B 199 24.42 -6.21 34.31
C ARG B 199 24.20 -4.96 35.14
N SER B 200 23.91 -3.84 34.44
CA SER B 200 23.66 -2.56 35.07
C SER B 200 22.28 -2.46 35.69
N SER B 201 21.38 -3.38 35.36
CA SER B 201 20.12 -3.53 36.07
C SER B 201 19.90 -5.02 36.27
N ASP B 202 18.84 -5.36 37.01
CA ASP B 202 18.42 -6.75 37.08
C ASP B 202 17.75 -7.19 35.78
N GLU B 203 16.70 -6.46 35.40
CA GLU B 203 15.88 -6.80 34.24
C GLU B 203 16.23 -5.93 33.02
N LEU B 204 15.56 -6.21 31.91
CA LEU B 204 15.71 -5.40 30.70
C LEU B 204 15.15 -4.00 30.91
N ILE B 205 15.86 -3.01 30.41
CA ILE B 205 15.40 -1.63 30.47
C ILE B 205 15.30 -1.10 29.04
N TYR B 206 14.09 -0.72 28.65
CA TYR B 206 13.81 0.01 27.42
C TYR B 206 13.73 1.48 27.78
N ALA B 207 14.55 2.32 27.18
CA ALA B 207 14.54 3.72 27.58
C ALA B 207 14.29 4.61 26.38
N ASN B 208 13.46 5.65 26.58
CA ASN B 208 13.14 6.61 25.54
C ASN B 208 13.53 8.01 25.97
N SER B 209 14.34 8.70 25.14
CA SER B 209 14.93 9.97 25.51
C SER B 209 14.96 10.88 24.30
N GLU B 210 15.25 12.16 24.55
CA GLU B 210 15.36 13.14 23.46
C GLU B 210 16.30 12.66 22.38
N ASN B 211 17.41 12.04 22.77
CA ASN B 211 18.40 11.63 21.79
C ASN B 211 18.08 10.29 21.12
N GLY B 212 17.17 9.51 21.66
CA GLY B 212 16.77 8.28 21.00
C GLY B 212 16.36 7.20 21.99
N PHE B 213 16.16 6.02 21.44
CA PHE B 213 15.79 4.88 22.25
C PHE B 213 17.03 4.03 22.49
N ALA B 214 17.03 3.32 23.60
CA ALA B 214 18.09 2.35 23.82
C ALA B 214 17.55 1.20 24.67
N LEU B 215 18.06 0.01 24.38
CA LEU B 215 17.67 -1.21 25.07
C LEU B 215 18.90 -1.73 25.79
N ILE B 216 18.76 -1.93 27.10
CA ILE B 216 19.76 -2.57 27.93
C ILE B 216 19.25 -3.96 28.19
N SER B 217 19.96 -4.97 27.65
CA SER B 217 19.58 -6.38 27.77
C SER B 217 20.83 -7.21 28.05
N GLN B 218 20.60 -8.45 28.49
CA GLN B 218 21.66 -9.28 29.02
C GLN B 218 21.91 -10.43 28.08
N ARG B 219 23.19 -10.83 27.96
CA ARG B 219 23.51 -12.12 27.33
C ARG B 219 24.24 -13.06 28.28
N THR B 220 25.41 -12.67 28.79
CA THR B 220 26.14 -13.45 29.78
C THR B 220 26.11 -12.69 31.08
N GLU B 221 26.75 -13.27 32.09
CA GLU B 221 27.27 -12.41 33.14
C GLU B 221 28.51 -11.69 32.63
N THR B 222 29.30 -12.37 31.78
CA THR B 222 30.51 -11.75 31.25
C THR B 222 30.18 -10.68 30.22
N VAL B 223 29.26 -10.97 29.30
CA VAL B 223 28.97 -10.09 28.15
C VAL B 223 27.54 -9.59 28.27
N GLN B 224 27.34 -8.30 28.07
CA GLN B 224 26.00 -7.73 28.01
C GLN B 224 25.71 -7.26 26.59
N ARG B 225 24.42 -7.27 26.25
CA ARG B 225 23.91 -6.97 24.92
C ARG B 225 23.16 -5.64 25.03
N LEU B 226 23.57 -4.68 24.23
CA LEU B 226 22.99 -3.36 24.28
C LEU B 226 22.62 -2.94 22.87
N TYR B 227 21.55 -2.16 22.75
CA TYR B 227 21.23 -1.59 21.45
C TYR B 227 20.84 -0.14 21.66
N PHE B 228 21.09 0.69 20.65
CA PHE B 228 20.59 2.05 20.66
C PHE B 228 20.12 2.43 19.25
N GLN B 229 19.16 3.35 19.19
CA GLN B 229 18.50 3.71 17.95
C GLN B 229 19.48 4.49 17.07
N CYS B 230 19.46 4.20 15.77
CA CYS B 230 20.49 4.80 14.92
C CYS B 230 19.96 5.00 13.52
N ASP B 231 20.72 5.68 12.68
CA ASP B 231 20.25 5.89 11.32
C ASP B 231 20.40 4.60 10.52
N PRO B 232 19.42 4.29 9.66
CA PRO B 232 19.43 3.01 8.93
C PRO B 232 20.75 2.70 8.25
N ASN B 233 21.54 3.71 7.93
CA ASN B 233 22.77 3.45 7.19
C ASN B 233 23.99 3.87 8.00
N GLU B 234 24.01 3.54 9.27
CA GLU B 234 25.15 3.88 10.08
C GLU B 234 26.21 2.81 9.90
N ASP B 235 27.46 3.23 9.83
CA ASP B 235 28.60 2.34 9.64
C ASP B 235 29.38 2.22 10.95
N VAL B 236 29.52 0.98 11.45
CA VAL B 236 30.08 0.75 12.77
C VAL B 236 31.54 1.16 12.89
N ASN B 237 32.31 1.08 11.83
CA ASN B 237 33.72 1.45 11.94
C ASN B 237 33.93 2.96 12.19
N ASP B 238 32.93 3.81 11.89
CA ASP B 238 33.05 5.25 12.18
C ASP B 238 32.66 5.56 13.63
N TRP B 239 32.80 4.58 14.53
CA TRP B 239 32.36 4.71 15.92
C TRP B 239 33.43 4.12 16.85
N SER B 240 33.70 4.82 17.94
CA SER B 240 34.64 4.37 18.94
C SER B 240 33.91 3.85 20.16
N ASP B 241 34.58 2.99 20.93
CA ASP B 241 33.98 2.53 22.19
C ASP B 241 33.54 3.71 23.03
N ASP B 242 34.31 4.80 22.96
CA ASP B 242 33.94 6.04 23.63
C ASP B 242 32.65 6.63 23.04
N ARG B 243 32.56 6.74 21.70
CA ARG B 243 31.39 7.37 21.06
C ARG B 243 30.11 6.56 21.30
N ILE B 244 30.21 5.23 21.18
CA ILE B 244 29.10 4.35 21.53
C ILE B 244 28.67 4.58 22.97
N TRP B 245 29.62 4.54 23.91
CA TRP B 245 29.22 4.72 25.29
C TRP B 245 28.64 6.11 25.51
N ASP B 246 29.03 7.08 24.69
CA ASP B 246 28.42 8.40 24.80
C ASP B 246 26.95 8.36 24.46
N ALA B 247 26.61 7.75 23.31
CA ALA B 247 25.19 7.66 22.95
C ALA B 247 24.41 6.96 24.05
N PHE B 248 24.95 5.87 24.57
CA PHE B 248 24.24 5.17 25.64
C PHE B 248 24.11 6.05 26.87
N ARG B 249 25.14 6.81 27.19
CA ARG B 249 25.11 7.66 28.38
C ARG B 249 24.03 8.71 28.25
N SER B 250 24.03 9.43 27.13
CA SER B 250 23.07 10.51 26.93
C SER B 250 21.64 10.01 26.87
N ARG B 251 21.43 8.72 26.54
CA ARG B 251 20.07 8.22 26.50
C ARG B 251 19.60 7.60 27.81
N VAL B 252 20.48 6.97 28.60
CA VAL B 252 20.06 6.15 29.71
C VAL B 252 20.44 6.76 31.06
N ASN B 253 21.64 7.35 31.16
CA ASN B 253 22.19 7.74 32.45
C ASN B 253 21.43 8.89 33.09
N GLY B 254 21.33 8.85 34.42
CA GLY B 254 20.81 9.97 35.19
C GLY B 254 20.03 9.53 36.41
N ASN B 255 19.74 10.53 37.26
CA ASN B 255 18.84 10.42 38.42
C ASN B 255 19.16 9.22 39.32
N GLY B 256 20.45 9.06 39.64
CA GLY B 256 20.90 8.02 40.55
C GLY B 256 21.06 6.64 39.95
N PHE B 257 20.92 6.51 38.63
CA PHE B 257 21.12 5.27 37.89
C PHE B 257 22.28 5.50 36.92
N GLU B 258 23.31 4.67 37.03
CA GLU B 258 24.46 4.76 36.15
C GLU B 258 24.66 3.46 35.39
N LEU B 259 25.04 3.60 34.13
CA LEU B 259 25.29 2.46 33.28
C LEU B 259 26.73 2.00 33.45
N LYS B 260 26.89 0.77 33.90
CA LYS B 260 28.20 0.16 33.91
C LYS B 260 28.70 0.06 32.47
N GLU B 261 30.01 0.07 32.30
CA GLU B 261 30.60 0.07 30.96
C GLU B 261 31.77 -0.91 30.94
N GLY B 262 32.03 -1.47 29.77
CA GLY B 262 33.12 -2.41 29.63
C GLY B 262 33.80 -2.29 28.28
N PRO B 263 34.69 -3.23 27.98
CA PRO B 263 35.32 -3.24 26.65
C PRO B 263 34.28 -3.58 25.59
N VAL B 264 34.35 -2.88 24.45
CA VAL B 264 33.38 -3.08 23.37
C VAL B 264 33.87 -4.22 22.48
N ILE B 265 33.24 -5.37 22.65
CA ILE B 265 33.71 -6.59 22.00
C ILE B 265 32.99 -6.93 20.70
N ASP B 266 31.77 -6.43 20.49
CA ASP B 266 31.19 -6.45 19.15
C ASP B 266 30.29 -5.23 18.97
N LYS B 267 30.21 -4.76 17.72
CA LYS B 267 29.31 -3.69 17.32
C LYS B 267 28.81 -3.99 15.92
N THR B 268 27.50 -3.78 15.69
CA THR B 268 26.91 -4.05 14.39
C THR B 268 25.60 -3.31 14.23
N VAL B 269 25.32 -2.91 13.00
CA VAL B 269 24.10 -2.19 12.66
C VAL B 269 23.12 -3.24 12.16
N LEU B 270 21.89 -3.15 12.64
CA LEU B 270 20.92 -4.23 12.55
C LEU B 270 19.63 -3.59 12.08
N LYS B 271 19.35 -3.73 10.78
CA LYS B 271 18.20 -3.12 10.14
C LYS B 271 16.93 -3.95 10.40
N PHE B 272 15.77 -3.33 10.21
CA PHE B 272 14.55 -4.08 10.37
C PHE B 272 13.40 -3.36 9.70
N ARG B 273 12.39 -4.14 9.33
CA ARG B 273 11.17 -3.63 8.72
C ARG B 273 10.05 -4.56 9.13
N SER B 274 8.80 -4.12 8.97
CA SER B 274 7.64 -5.01 9.15
C SER B 274 7.17 -5.50 7.78
N PHE B 275 7.11 -6.81 7.60
CA PHE B 275 6.74 -7.41 6.33
C PHE B 275 5.85 -8.61 6.59
N VAL B 276 4.88 -8.83 5.72
CA VAL B 276 3.98 -9.97 5.88
C VAL B 276 3.58 -10.50 4.53
N HIS B 277 3.87 -11.77 4.27
CA HIS B 277 3.50 -12.44 3.03
C HIS B 277 2.23 -13.26 3.29
N ALA B 278 1.16 -12.97 2.57
CA ALA B 278 -0.07 -13.70 2.81
C ALA B 278 -0.62 -14.27 1.52
N PRO B 279 -1.26 -15.43 1.55
CA PRO B 279 -1.45 -16.35 2.65
C PRO B 279 -0.16 -17.14 2.82
N MET B 280 -0.01 -17.86 3.93
CA MET B 280 1.26 -18.52 4.30
C MET B 280 1.41 -19.91 3.72
N ARG B 281 0.47 -20.37 2.91
CA ARG B 281 0.59 -21.60 2.15
C ARG B 281 0.32 -21.35 0.67
N HIS B 282 1.20 -21.80 -0.20
CA HIS B 282 0.87 -21.83 -1.62
C HIS B 282 1.09 -23.23 -2.14
N GLY B 283 0.03 -23.84 -2.64
CA GLY B 283 0.17 -25.21 -3.09
C GLY B 283 0.60 -26.07 -1.92
N ASN B 284 1.69 -26.79 -2.11
CA ASN B 284 2.22 -27.65 -1.07
C ASN B 284 3.49 -27.11 -0.45
N LEU B 285 3.76 -25.82 -0.68
CA LEU B 285 4.74 -25.07 0.09
C LEU B 285 4.05 -24.34 1.26
N PHE B 286 4.54 -24.58 2.48
CA PHE B 286 4.10 -23.82 3.64
C PHE B 286 5.27 -22.96 4.12
N LEU B 287 5.02 -21.69 4.42
CA LEU B 287 6.08 -20.78 4.83
C LEU B 287 5.99 -20.51 6.32
N ALA B 288 7.14 -20.41 6.97
CA ALA B 288 7.06 -20.13 8.39
C ALA B 288 8.23 -19.27 8.85
N GLY B 289 7.97 -18.49 9.90
CA GLY B 289 9.08 -17.73 10.41
C GLY B 289 9.43 -16.58 9.51
N ASP B 290 10.69 -16.20 9.50
CA ASP B 290 11.05 -15.02 8.73
C ASP B 290 10.83 -15.22 7.25
N ALA B 291 10.64 -16.46 6.81
CA ALA B 291 10.22 -16.65 5.43
C ALA B 291 8.90 -15.95 5.15
N ALA B 292 7.96 -15.95 6.10
CA ALA B 292 6.63 -15.43 5.85
C ALA B 292 6.37 -14.07 6.47
N HIS B 293 7.16 -13.64 7.45
CA HIS B 293 6.89 -12.37 8.11
C HIS B 293 8.14 -11.89 8.81
N THR B 294 8.17 -10.59 9.15
CA THR B 294 9.21 -10.06 10.02
C THR B 294 8.69 -8.87 10.82
N VAL B 295 9.38 -8.59 11.93
CA VAL B 295 8.92 -7.65 12.94
C VAL B 295 10.04 -6.70 13.32
N PRO B 296 9.70 -5.53 13.83
CA PRO B 296 10.66 -4.74 14.61
C PRO B 296 11.07 -5.52 15.85
N PRO B 297 12.35 -5.51 16.22
CA PRO B 297 12.78 -6.30 17.39
C PRO B 297 12.18 -5.86 18.73
N THR B 298 11.68 -4.63 18.84
CA THR B 298 11.23 -4.12 20.14
C THR B 298 10.26 -5.05 20.87
N GLY B 299 9.29 -5.61 20.17
CA GLY B 299 8.30 -6.35 20.90
C GLY B 299 8.74 -7.71 21.30
N ALA B 300 9.87 -8.18 20.76
CA ALA B 300 10.42 -9.52 21.03
C ALA B 300 9.58 -10.65 20.45
N LYS B 301 8.82 -10.44 19.39
CA LYS B 301 7.87 -11.46 18.95
C LYS B 301 8.34 -12.33 17.76
N GLY B 302 9.55 -12.12 17.24
CA GLY B 302 9.97 -12.77 16.01
C GLY B 302 10.23 -14.26 16.05
N LEU B 303 11.12 -14.66 16.97
CA LEU B 303 11.38 -16.08 17.18
C LEU B 303 10.19 -16.76 17.82
N ASN B 304 9.48 -16.05 18.67
CA ASN B 304 8.21 -16.58 19.19
C ASN B 304 7.24 -16.86 18.07
N LEU B 305 7.08 -15.89 17.15
CA LEU B 305 6.24 -16.12 15.99
C LEU B 305 6.70 -17.34 15.23
N ALA B 306 8.02 -17.45 15.00
CA ALA B 306 8.53 -18.59 14.25
C ALA B 306 8.13 -19.91 14.90
N LEU B 307 8.34 -20.02 16.22
CA LEU B 307 8.00 -21.25 16.90
C LEU B 307 6.52 -21.54 16.79
N HIS B 308 5.69 -20.50 16.97
CA HIS B 308 4.25 -20.70 16.83
C HIS B 308 3.92 -21.24 15.44
N ASP B 309 4.54 -20.65 14.42
CA ASP B 309 4.36 -21.08 13.04
C ASP B 309 4.59 -22.59 12.93
N VAL B 310 5.80 -23.02 13.31
CA VAL B 310 6.18 -24.43 13.15
C VAL B 310 5.29 -25.32 14.00
N LYS B 311 4.87 -24.87 15.18
CA LYS B 311 4.01 -25.70 16.01
C LYS B 311 2.68 -26.00 15.31
N VAL B 312 2.03 -24.96 14.80
CA VAL B 312 0.75 -25.16 14.11
C VAL B 312 0.94 -25.97 12.83
N LEU B 313 2.06 -25.74 12.12
CA LEU B 313 2.33 -26.52 10.91
C LEU B 313 2.53 -28.01 11.24
N PHE B 314 3.28 -28.31 12.31
CA PHE B 314 3.46 -29.70 12.71
C PHE B 314 2.12 -30.36 13.06
N GLU B 315 1.26 -29.65 13.79
CA GLU B 315 -0.03 -30.23 14.12
C GLU B 315 -0.84 -30.56 12.87
N GLY B 316 -0.84 -29.65 11.89
CA GLY B 316 -1.47 -29.98 10.61
C GLY B 316 -0.84 -31.19 9.95
N PHE B 317 0.50 -31.24 9.93
CA PHE B 317 1.22 -32.33 9.27
C PHE B 317 0.93 -33.65 9.95
N ASP B 318 0.83 -33.65 11.28
CA ASP B 318 0.51 -34.86 12.02
C ASP B 318 -0.91 -35.30 11.72
N SER B 319 -1.87 -34.37 11.85
CA SER B 319 -3.24 -34.71 11.54
C SER B 319 -3.30 -35.44 10.21
N PHE B 320 -2.62 -34.89 9.19
CA PHE B 320 -2.70 -35.44 7.83
C PHE B 320 -2.02 -36.82 7.71
N TYR B 321 -0.79 -36.95 8.20
CA TYR B 321 -0.07 -38.22 8.03
C TYR B 321 -0.60 -39.32 8.94
N LYS B 322 -1.40 -38.98 9.95
CA LYS B 322 -1.99 -40.01 10.80
C LYS B 322 -3.40 -40.37 10.35
N SER B 323 -4.24 -39.38 10.10
CA SER B 323 -5.65 -39.62 9.80
C SER B 323 -6.04 -39.18 8.42
N GLY B 324 -5.09 -38.68 7.63
CA GLY B 324 -5.36 -38.15 6.31
C GLY B 324 -6.19 -36.88 6.27
N SER B 325 -6.49 -36.26 7.41
CA SER B 325 -7.28 -35.04 7.37
C SER B 325 -6.41 -33.88 6.92
N THR B 326 -6.91 -33.11 5.96
CA THR B 326 -6.30 -31.86 5.52
C THR B 326 -6.84 -30.64 6.26
N ALA B 327 -7.76 -30.83 7.20
CA ALA B 327 -8.36 -29.68 7.85
C ALA B 327 -7.30 -28.85 8.54
N LEU B 328 -6.38 -29.49 9.26
CA LEU B 328 -5.39 -28.72 9.98
C LEU B 328 -4.41 -28.04 9.02
N LEU B 329 -3.96 -28.76 7.98
CA LEU B 329 -3.10 -28.13 7.01
C LEU B 329 -3.81 -27.00 6.30
N ASP B 330 -5.10 -27.18 5.97
CA ASP B 330 -5.86 -26.13 5.27
C ASP B 330 -6.06 -24.89 6.15
N GLY B 331 -6.18 -25.06 7.45
CA GLY B 331 -6.30 -23.93 8.35
C GLY B 331 -5.01 -23.37 8.89
N TYR B 332 -3.85 -23.85 8.43
CA TYR B 332 -2.58 -23.38 8.97
C TYR B 332 -2.42 -21.87 8.79
N SER B 333 -2.63 -21.38 7.56
CA SER B 333 -2.44 -19.96 7.24
C SER B 333 -3.31 -19.10 8.14
N GLY B 334 -4.58 -19.45 8.28
CA GLY B 334 -5.42 -18.66 9.16
C GLY B 334 -4.87 -18.58 10.57
N ARG B 335 -4.62 -19.74 11.18
CA ARG B 335 -4.15 -19.75 12.56
C ARG B 335 -2.88 -18.91 12.68
N ALA B 336 -1.93 -19.20 11.82
CA ALA B 336 -0.62 -18.60 11.91
C ALA B 336 -0.71 -17.09 11.78
N LEU B 337 -1.38 -16.63 10.70
CA LEU B 337 -1.46 -15.21 10.38
C LEU B 337 -2.28 -14.47 11.40
N ASP B 338 -3.28 -15.11 11.99
CA ASP B 338 -4.02 -14.47 13.06
C ASP B 338 -3.03 -14.06 14.16
N ARG B 339 -2.26 -15.03 14.63
CA ARG B 339 -1.27 -14.66 15.64
C ARG B 339 -0.23 -13.67 15.11
N VAL B 340 0.13 -13.79 13.82
CA VAL B 340 1.19 -12.97 13.24
C VAL B 340 0.78 -11.50 13.22
N TRP B 341 -0.45 -11.22 12.84
CA TRP B 341 -0.90 -9.84 12.90
C TRP B 341 -1.01 -9.37 14.34
N LYS B 342 -1.41 -10.25 15.25
CA LYS B 342 -1.35 -9.80 16.64
C LYS B 342 0.05 -9.29 17.00
N ALA B 343 1.07 -10.07 16.65
CA ALA B 343 2.44 -9.67 16.96
C ALA B 343 2.83 -8.42 16.20
N GLN B 344 2.38 -8.31 14.95
CA GLN B 344 2.66 -7.13 14.14
C GLN B 344 2.17 -5.87 14.84
N GLN B 345 0.90 -5.89 15.25
CA GLN B 345 0.37 -4.76 15.99
C GLN B 345 1.22 -4.46 17.24
N PHE B 346 1.54 -5.49 18.04
CA PHE B 346 2.23 -5.19 19.30
C PHE B 346 3.65 -4.66 19.07
N SER B 347 4.40 -5.28 18.17
CA SER B 347 5.77 -4.84 17.89
C SER B 347 5.78 -3.43 17.32
N TYR B 348 4.78 -3.09 16.50
CA TYR B 348 4.64 -1.71 16.02
C TYR B 348 4.40 -0.75 17.18
N TRP B 349 3.50 -1.12 18.11
CA TRP B 349 3.20 -0.25 19.24
C TRP B 349 4.43 0.01 20.07
N MET B 350 5.16 -1.05 20.43
CA MET B 350 6.36 -0.86 21.21
C MET B 350 7.32 0.05 20.48
N THR B 351 7.56 -0.24 19.20
CA THR B 351 8.52 0.56 18.43
C THR B 351 8.15 2.04 18.43
N SER B 352 6.90 2.35 18.05
CA SER B 352 6.49 3.75 17.97
C SER B 352 6.51 4.44 19.34
N MET B 353 6.23 3.70 20.42
CA MET B 353 6.22 4.35 21.74
C MET B 353 7.62 4.67 22.24
N LEU B 354 8.63 3.89 21.90
CA LEU B 354 9.93 4.08 22.54
C LEU B 354 10.96 4.75 21.66
N HIS B 355 10.88 4.59 20.34
CA HIS B 355 11.86 5.24 19.46
C HIS B 355 11.51 6.70 19.27
N THR B 356 12.52 7.54 19.28
CA THR B 356 12.22 8.96 19.27
C THR B 356 11.95 9.44 17.85
N PRO B 357 10.83 10.10 17.59
CA PRO B 357 10.51 10.41 16.20
C PRO B 357 11.55 11.33 15.56
N VAL B 358 12.23 10.76 14.57
CA VAL B 358 13.31 11.49 13.88
C VAL B 358 12.74 12.78 13.28
N GLY B 359 13.51 13.85 13.41
CA GLY B 359 13.18 15.06 12.69
C GLY B 359 12.52 16.17 13.46
N GLY B 360 12.47 16.09 14.78
CA GLY B 360 11.83 17.16 15.50
C GLY B 360 10.38 17.29 15.02
N ASP B 361 9.65 16.17 15.08
CA ASP B 361 8.20 16.21 15.11
C ASP B 361 7.82 16.62 16.52
N ASP B 362 7.26 17.82 16.66
CA ASP B 362 6.97 18.29 18.01
C ASP B 362 5.67 17.69 18.51
N PHE B 363 4.62 17.73 17.70
CA PHE B 363 3.42 17.04 18.13
C PHE B 363 3.68 15.55 18.32
N ALA B 364 4.45 14.95 17.42
CA ALA B 364 4.73 13.52 17.56
C ALA B 364 5.38 13.24 18.90
N ARG B 365 6.45 13.97 19.22
CA ARG B 365 7.18 13.72 20.45
C ARG B 365 6.33 14.01 21.68
N ALA B 366 5.56 15.11 21.64
CA ALA B 366 4.71 15.47 22.80
C ALA B 366 3.73 14.35 23.11
N ARG B 367 3.01 13.90 22.07
CA ARG B 367 2.06 12.80 22.21
C ARG B 367 2.77 11.53 22.68
N GLN B 368 3.99 11.31 22.20
CA GLN B 368 4.72 10.14 22.67
C GLN B 368 4.91 10.18 24.18
N LEU B 369 5.30 11.33 24.71
CA LEU B 369 5.46 11.38 26.15
C LEU B 369 4.12 11.19 26.84
N GLY B 370 3.06 11.73 26.24
CA GLY B 370 1.73 11.54 26.81
C GLY B 370 1.33 10.07 26.90
N GLU B 371 1.51 9.35 25.79
CA GLU B 371 1.21 7.92 25.75
C GLU B 371 2.06 7.14 26.74
N LEU B 372 3.39 7.35 26.74
CA LEU B 372 4.23 6.64 27.68
C LEU B 372 3.72 6.85 29.11
N ASN B 373 3.35 8.09 29.42
CA ASN B 373 2.81 8.35 30.74
C ASN B 373 1.54 7.55 30.98
N SER B 374 0.58 7.61 30.04
CA SER B 374 -0.68 6.92 30.30
C SER B 374 -0.42 5.43 30.56
N VAL B 375 0.57 4.88 29.87
CA VAL B 375 0.75 3.43 29.95
C VAL B 375 1.43 3.04 31.25
N VAL B 376 2.57 3.65 31.58
CA VAL B 376 3.20 3.26 32.84
C VAL B 376 2.37 3.70 34.04
N SER B 377 1.51 4.71 33.88
CA SER B 377 0.70 5.20 34.99
C SER B 377 -0.55 4.37 35.24
N SER B 378 -1.01 3.57 34.28
CA SER B 378 -2.23 2.80 34.50
C SER B 378 -1.87 1.34 34.72
N ARG B 379 -2.51 0.73 35.70
CA ARG B 379 -2.29 -0.70 35.90
C ARG B 379 -2.90 -1.50 34.76
N HIS B 380 -4.05 -1.06 34.24
CA HIS B 380 -4.56 -1.70 33.04
C HIS B 380 -3.59 -1.53 31.88
N GLY B 381 -2.97 -0.35 31.76
CA GLY B 381 -2.02 -0.15 30.69
C GLY B 381 -0.86 -1.11 30.78
N ARG B 382 -0.20 -1.15 31.95
CA ARG B 382 0.91 -2.08 32.12
C ARG B 382 0.45 -3.52 31.93
N ALA B 383 -0.80 -3.81 32.30
CA ALA B 383 -1.33 -5.17 32.17
C ALA B 383 -1.49 -5.54 30.71
N TYR B 384 -2.04 -4.65 29.90
CA TYR B 384 -2.17 -4.89 28.47
C TYR B 384 -0.80 -5.08 27.84
N LEU B 385 0.16 -4.23 28.22
CA LEU B 385 1.51 -4.37 27.71
C LEU B 385 2.10 -5.73 28.08
N ALA B 386 1.96 -6.13 29.34
CA ALA B 386 2.54 -7.37 29.81
C ALA B 386 1.88 -8.57 29.14
N GLU B 387 0.56 -8.51 28.99
CA GLU B 387 -0.17 -9.58 28.32
C GLU B 387 0.44 -9.84 26.96
N ALA B 388 0.61 -8.78 26.17
CA ALA B 388 1.18 -8.97 24.84
C ALA B 388 2.65 -9.40 24.89
N TYR B 389 3.46 -8.78 25.77
CA TYR B 389 4.89 -9.05 25.79
C TYR B 389 5.15 -10.54 25.99
N THR B 390 4.40 -11.16 26.91
CA THR B 390 4.60 -12.54 27.30
C THR B 390 3.90 -13.54 26.39
N GLY B 391 3.14 -13.11 25.40
CA GLY B 391 2.59 -14.00 24.42
C GLY B 391 1.08 -14.16 24.42
N TRP B 392 0.36 -13.26 25.04
CA TRP B 392 -1.09 -13.34 25.14
C TRP B 392 -1.49 -14.65 25.82
N PRO B 393 -1.04 -14.88 27.05
CA PRO B 393 -1.59 -15.98 27.85
C PRO B 393 -2.98 -15.63 28.35
N ALA B 394 -3.67 -16.65 28.87
CA ALA B 394 -4.97 -16.55 29.52
C ALA B 394 -5.58 -17.92 29.45
N MET C 1 -21.70 59.91 25.17
CA MET C 1 -21.97 59.74 23.75
C MET C 1 -20.65 59.67 22.98
N ALA C 2 -19.55 59.92 23.70
CA ALA C 2 -18.21 59.68 23.19
C ALA C 2 -17.26 59.13 24.26
N ASN C 3 -17.75 58.89 25.48
CA ASN C 3 -16.96 58.43 26.61
C ASN C 3 -16.67 56.93 26.50
N ARG C 4 -15.39 56.56 26.46
CA ARG C 4 -15.00 55.15 26.64
C ARG C 4 -14.83 54.94 28.14
N LYS C 5 -15.93 54.47 28.75
CA LYS C 5 -16.09 54.29 30.20
C LYS C 5 -15.15 53.27 30.80
N VAL C 6 -14.63 53.57 31.99
CA VAL C 6 -13.73 52.68 32.73
C VAL C 6 -14.55 51.94 33.76
N ILE C 7 -14.52 50.61 33.71
CA ILE C 7 -15.24 49.80 34.68
C ILE C 7 -14.24 48.79 35.22
N THR C 8 -14.42 48.38 36.48
CA THR C 8 -13.44 47.54 37.16
C THR C 8 -13.96 46.16 37.50
N THR C 9 -13.08 45.18 37.32
CA THR C 9 -13.32 43.82 37.78
C THR C 9 -12.00 43.27 38.30
N GLN C 10 -12.03 42.05 38.86
CA GLN C 10 -10.83 41.34 39.29
C GLN C 10 -10.31 40.35 38.23
N VAL C 11 -11.23 39.69 37.55
CA VAL C 11 -10.93 38.78 36.46
C VAL C 11 -11.74 39.19 35.24
N ALA C 12 -11.04 39.54 34.16
CA ALA C 12 -11.68 39.68 32.88
C ALA C 12 -11.69 38.29 32.23
N ILE C 13 -12.88 37.85 31.82
CA ILE C 13 -13.12 36.55 31.20
C ILE C 13 -13.70 36.80 29.80
N MET C 14 -13.04 36.26 28.80
CA MET C 14 -13.46 36.47 27.42
C MET C 14 -14.05 35.19 26.87
N GLY C 15 -15.36 35.22 26.67
CA GLY C 15 -16.07 34.07 26.16
C GLY C 15 -17.19 33.64 27.08
N ALA C 16 -18.43 33.66 26.56
CA ALA C 16 -19.59 33.09 27.24
C ALA C 16 -19.85 31.66 26.79
N GLY C 17 -18.80 30.93 26.44
CA GLY C 17 -18.91 29.51 26.29
C GLY C 17 -18.95 28.78 27.63
N PRO C 18 -19.05 27.46 27.56
CA PRO C 18 -19.05 26.68 28.80
C PRO C 18 -17.85 26.95 29.67
N ALA C 19 -16.65 27.04 29.11
CA ALA C 19 -15.52 27.19 30.01
C ALA C 19 -15.51 28.57 30.65
N GLY C 20 -15.77 29.61 29.84
CA GLY C 20 -15.82 30.95 30.37
C GLY C 20 -16.90 31.12 31.43
N LEU C 21 -18.13 30.67 31.12
CA LEU C 21 -19.24 30.79 32.07
C LEU C 21 -18.99 29.94 33.33
N MET C 22 -18.44 28.74 33.18
CA MET C 22 -18.14 27.97 34.36
C MET C 22 -17.15 28.69 35.27
N LEU C 23 -16.07 29.23 34.67
CA LEU C 23 -15.09 29.99 35.47
C LEU C 23 -15.76 31.20 36.12
N SER C 24 -16.62 31.89 35.37
CA SER C 24 -17.35 33.03 35.89
C SER C 24 -18.09 32.65 37.16
N HIS C 25 -18.81 31.52 37.11
CA HIS C 25 -19.66 31.09 38.22
C HIS C 25 -18.83 30.61 39.42
N LEU C 26 -17.76 29.88 39.18
CA LEU C 26 -16.94 29.47 40.33
C LEU C 26 -16.30 30.69 40.97
N LEU C 27 -15.83 31.65 40.17
CA LEU C 27 -15.32 32.88 40.75
C LEU C 27 -16.41 33.57 41.56
N ALA C 28 -17.61 33.66 41.00
CA ALA C 28 -18.73 34.25 41.73
C ALA C 28 -18.87 33.62 43.11
N LYS C 29 -19.07 32.29 43.18
CA LYS C 29 -19.31 31.62 44.46
C LYS C 29 -18.11 31.68 45.42
N ALA C 30 -16.89 31.87 44.93
CA ALA C 30 -15.78 32.12 45.85
C ALA C 30 -15.61 33.61 46.14
N GLY C 31 -16.53 34.44 45.64
CA GLY C 31 -16.49 35.86 45.88
C GLY C 31 -15.36 36.63 45.20
N ILE C 32 -15.19 36.43 43.90
CA ILE C 32 -14.22 37.17 43.11
C ILE C 32 -14.93 37.78 41.92
N GLU C 33 -14.72 39.07 41.71
CA GLU C 33 -15.42 39.81 40.66
C GLU C 33 -14.94 39.35 39.30
N SER C 34 -15.89 38.95 38.46
CA SER C 34 -15.60 38.52 37.10
C SER C 34 -16.53 39.24 36.16
N THR C 35 -15.99 39.76 35.06
CA THR C 35 -16.82 40.25 33.97
C THR C 35 -16.49 39.46 32.70
N VAL C 36 -17.53 38.98 32.04
CA VAL C 36 -17.42 38.07 30.90
C VAL C 36 -17.93 38.80 29.68
N ILE C 37 -17.10 38.91 28.64
CA ILE C 37 -17.56 39.48 27.36
C ILE C 37 -17.57 38.39 26.28
N GLU C 38 -18.62 38.41 25.48
CA GLU C 38 -18.79 37.48 24.38
C GLU C 38 -19.20 38.27 23.13
N ILE C 39 -18.81 37.76 21.96
CA ILE C 39 -19.15 38.46 20.73
C ILE C 39 -20.40 37.89 20.08
N ARG C 40 -20.92 36.77 20.55
CA ARG C 40 -22.15 36.26 19.98
C ARG C 40 -23.33 36.53 20.90
N SER C 41 -24.52 36.51 20.31
CA SER C 41 -25.73 36.63 21.11
C SER C 41 -25.95 35.36 21.89
N HIS C 42 -26.72 35.49 22.98
CA HIS C 42 -27.08 34.29 23.70
C HIS C 42 -27.81 33.32 22.78
N GLN C 43 -28.66 33.83 21.90
CA GLN C 43 -29.37 32.97 20.99
C GLN C 43 -28.46 32.24 20.01
N GLU C 44 -27.47 32.94 19.44
CA GLU C 44 -26.52 32.29 18.55
C GLU C 44 -25.90 31.09 19.23
N ILE C 45 -25.42 31.30 20.46
CA ILE C 45 -24.81 30.21 21.21
C ILE C 45 -25.80 29.07 21.40
N SER C 46 -27.05 29.39 21.77
CA SER C 46 -28.02 28.32 22.04
C SER C 46 -28.45 27.60 20.77
N GLU C 47 -28.48 28.26 19.61
CA GLU C 47 -28.88 27.59 18.39
C GLU C 47 -27.77 26.75 17.78
N THR C 48 -26.53 26.97 18.20
CA THR C 48 -25.42 26.13 17.77
C THR C 48 -25.49 24.82 18.54
N VAL C 49 -25.75 23.72 17.84
CA VAL C 49 -25.99 22.42 18.48
C VAL C 49 -24.74 21.57 18.32
N ARG C 50 -23.97 21.46 19.40
CA ARG C 50 -22.95 20.44 19.54
C ARG C 50 -23.41 19.41 20.57
N ALA C 51 -23.36 18.13 20.19
CA ALA C 51 -23.64 17.09 21.16
C ALA C 51 -22.52 17.06 22.20
N GLY C 52 -22.76 16.33 23.27
CA GLY C 52 -21.82 16.30 24.37
C GLY C 52 -21.83 14.98 25.09
N ILE C 53 -20.66 14.58 25.55
CA ILE C 53 -20.43 13.43 26.41
C ILE C 53 -19.58 13.92 27.55
N LEU C 54 -20.12 13.88 28.76
CA LEU C 54 -19.46 14.42 29.94
C LEU C 54 -18.86 13.29 30.76
N GLU C 55 -17.58 13.42 31.12
CA GLU C 55 -16.94 12.47 32.02
C GLU C 55 -17.55 12.56 33.41
N HIS C 56 -17.30 11.56 34.26
CA HIS C 56 -17.77 11.65 35.64
C HIS C 56 -17.38 13.00 36.25
N GLY C 57 -16.11 13.38 36.10
CA GLY C 57 -15.64 14.61 36.74
C GLY C 57 -16.34 15.89 36.30
N SER C 58 -16.63 16.02 35.00
CA SER C 58 -17.30 17.21 34.49
C SER C 58 -18.72 17.33 35.02
N VAL C 59 -19.42 16.19 35.09
CA VAL C 59 -20.75 16.15 35.66
C VAL C 59 -20.72 16.55 37.14
N ASN C 60 -19.74 16.01 37.89
CA ASN C 60 -19.57 16.41 39.27
C ASN C 60 -19.30 17.91 39.39
N LEU C 61 -18.46 18.49 38.52
CA LEU C 61 -18.18 19.93 38.61
C LEU C 61 -19.44 20.76 38.35
N LEU C 62 -20.23 20.36 37.37
CA LEU C 62 -21.46 21.10 37.12
C LEU C 62 -22.36 21.06 38.35
N VAL C 63 -22.37 19.92 39.07
CA VAL C 63 -23.29 19.68 40.19
C VAL C 63 -22.82 20.23 41.54
N ASP C 64 -21.67 19.75 42.02
CA ASP C 64 -21.21 20.13 43.35
C ASP C 64 -20.88 21.62 43.45
N SER C 65 -20.81 22.35 42.35
CA SER C 65 -20.60 23.80 42.35
C SER C 65 -21.90 24.57 42.29
N GLY C 66 -23.02 23.89 42.12
CA GLY C 66 -24.31 24.54 42.07
C GLY C 66 -24.67 25.15 40.75
N ALA C 67 -23.80 25.02 39.74
CA ALA C 67 -24.10 25.58 38.43
C ALA C 67 -25.46 25.10 37.94
N SER C 68 -25.62 23.80 37.74
CA SER C 68 -26.95 23.28 37.46
C SER C 68 -27.03 21.75 37.54
N ASP C 69 -27.97 21.27 38.36
CA ASP C 69 -28.24 19.85 38.47
C ASP C 69 -29.16 19.33 37.38
N ARG C 70 -29.66 20.17 36.47
CA ARG C 70 -30.49 19.65 35.40
C ARG C 70 -29.76 18.60 34.57
N VAL C 71 -28.43 18.61 34.57
CA VAL C 71 -27.67 17.57 33.88
C VAL C 71 -28.07 16.20 34.41
N LEU C 72 -28.24 16.08 35.73
CA LEU C 72 -28.64 14.81 36.33
C LEU C 72 -30.08 14.46 35.98
N ARG C 73 -30.97 15.45 35.88
CA ARG C 73 -32.36 15.16 35.54
C ARG C 73 -32.53 14.82 34.05
N ASP C 74 -32.01 15.65 33.16
CA ASP C 74 -32.30 15.56 31.73
C ASP C 74 -31.21 14.88 30.90
N GLY C 75 -30.02 14.65 31.45
CA GLY C 75 -28.97 13.95 30.72
C GLY C 75 -28.89 12.49 31.15
N ASP C 76 -28.63 11.63 30.18
CA ASP C 76 -28.72 10.19 30.40
C ASP C 76 -27.36 9.63 30.80
N ARG C 77 -27.33 8.80 31.85
CA ARG C 77 -26.10 8.13 32.22
C ARG C 77 -25.95 6.87 31.38
N HIS C 78 -24.76 6.66 30.82
CA HIS C 78 -24.38 5.45 30.11
C HIS C 78 -23.27 4.74 30.86
N ASP C 79 -23.34 3.40 30.90
CA ASP C 79 -22.36 2.55 31.58
C ASP C 79 -21.36 1.93 30.61
N GLY C 80 -21.49 2.21 29.32
CA GLY C 80 -20.53 1.67 28.37
C GLY C 80 -20.75 2.20 26.97
N ILE C 81 -19.96 1.67 26.06
CA ILE C 81 -20.10 1.98 24.64
C ILE C 81 -19.73 0.73 23.86
N GLU C 82 -19.95 0.78 22.55
CA GLU C 82 -19.69 -0.37 21.70
C GLU C 82 -18.86 -0.02 20.48
N LEU C 83 -17.87 -0.85 20.22
CA LEU C 83 -17.05 -0.79 19.01
C LEU C 83 -17.57 -1.80 17.97
N ARG C 84 -17.99 -1.29 16.81
CA ARG C 84 -18.45 -2.14 15.72
C ARG C 84 -17.36 -2.22 14.68
N PHE C 85 -16.87 -3.43 14.44
CA PHE C 85 -15.98 -3.67 13.33
C PHE C 85 -16.11 -5.13 12.90
N ASN C 86 -15.83 -5.40 11.61
CA ASN C 86 -15.93 -6.74 11.03
C ASN C 86 -17.30 -7.37 11.29
N GLY C 87 -18.35 -6.56 11.22
CA GLY C 87 -19.69 -7.04 11.47
C GLY C 87 -20.04 -7.34 12.91
N GLU C 88 -19.08 -7.36 13.83
CA GLU C 88 -19.38 -7.57 15.24
C GLU C 88 -19.39 -6.27 16.04
N SER C 89 -20.28 -6.22 17.03
CA SER C 89 -20.31 -5.15 18.00
C SER C 89 -19.81 -5.71 19.30
N HIS C 90 -18.76 -5.10 19.85
CA HIS C 90 -18.24 -5.44 21.18
C HIS C 90 -18.60 -4.35 22.18
N ARG C 91 -18.75 -4.72 23.45
CA ARG C 91 -19.15 -3.76 24.46
C ARG C 91 -18.00 -3.51 25.42
N ILE C 92 -17.56 -2.25 25.49
CA ILE C 92 -16.71 -1.79 26.58
C ILE C 92 -17.65 -1.41 27.71
N ASP C 93 -17.54 -2.14 28.82
CA ASP C 93 -18.40 -1.95 30.00
C ASP C 93 -17.67 -1.06 31.01
N PHE C 94 -18.00 0.24 30.99
CA PHE C 94 -17.30 1.18 31.86
C PHE C 94 -17.43 0.78 33.33
N GLN C 95 -18.66 0.42 33.75
CA GLN C 95 -18.93 0.10 35.15
C GLN C 95 -18.27 -1.19 35.58
N ASP C 96 -18.39 -2.24 34.77
CA ASP C 96 -17.73 -3.50 35.13
C ASP C 96 -16.21 -3.33 35.17
N LEU C 97 -15.66 -2.55 34.22
CA LEU C 97 -14.22 -2.47 34.03
C LEU C 97 -13.58 -1.39 34.91
N VAL C 98 -14.19 -0.21 35.05
CA VAL C 98 -13.53 0.84 35.82
C VAL C 98 -14.46 1.47 36.85
N GLY C 99 -15.73 1.12 36.82
CA GLY C 99 -16.61 1.66 37.84
C GLY C 99 -16.90 3.13 37.68
N GLU C 100 -16.82 3.64 36.46
CA GLU C 100 -17.26 4.98 36.19
C GLU C 100 -18.22 4.95 35.02
N SER C 101 -18.98 6.03 34.88
CA SER C 101 -19.84 6.14 33.73
C SER C 101 -19.61 7.49 33.04
N VAL C 102 -20.39 7.74 32.00
CA VAL C 102 -20.38 9.06 31.40
C VAL C 102 -21.84 9.47 31.22
N TRP C 103 -22.07 10.76 31.06
CA TRP C 103 -23.42 11.29 30.95
C TRP C 103 -23.56 12.01 29.61
N LEU C 104 -24.50 11.57 28.81
CA LEU C 104 -24.75 12.19 27.54
C LEU C 104 -25.82 13.26 27.76
N TYR C 105 -25.43 14.51 27.57
CA TYR C 105 -26.17 15.74 27.82
C TYR C 105 -25.64 16.78 26.84
N PRO C 106 -26.49 17.30 25.94
CA PRO C 106 -25.96 18.18 24.89
C PRO C 106 -25.14 19.31 25.48
N GLN C 107 -24.03 19.65 24.83
CA GLN C 107 -23.23 20.76 25.34
C GLN C 107 -24.01 22.09 25.33
N THR C 108 -24.90 22.32 24.38
CA THR C 108 -25.67 23.55 24.44
C THR C 108 -26.56 23.61 25.67
N ASP C 109 -27.06 22.46 26.13
CA ASP C 109 -27.82 22.48 27.37
C ASP C 109 -26.94 22.90 28.53
N VAL C 110 -25.67 22.44 28.57
CA VAL C 110 -24.76 22.95 29.58
C VAL C 110 -24.64 24.45 29.45
N PHE C 111 -24.53 24.95 28.21
CA PHE C 111 -24.47 26.39 28.03
C PHE C 111 -25.70 27.07 28.61
N LEU C 112 -26.88 26.59 28.24
CA LEU C 112 -28.12 27.18 28.74
C LEU C 112 -28.15 27.17 30.24
N ASP C 113 -27.81 26.02 30.85
CA ASP C 113 -27.76 25.90 32.31
C ASP C 113 -26.89 27.00 32.90
N LEU C 114 -25.65 27.10 32.43
CA LEU C 114 -24.69 28.02 33.02
C LEU C 114 -25.09 29.48 32.80
N ALA C 115 -25.52 29.84 31.59
CA ALA C 115 -25.90 31.22 31.31
C ALA C 115 -27.12 31.62 32.15
N ALA C 116 -28.14 30.77 32.20
CA ALA C 116 -29.28 31.05 33.05
C ALA C 116 -28.84 31.17 34.51
N ARG C 117 -27.91 30.31 34.95
CA ARG C 117 -27.49 30.37 36.35
C ARG C 117 -26.85 31.70 36.65
N ARG C 118 -25.97 32.16 35.76
CA ARG C 118 -25.30 33.44 35.96
C ARG C 118 -26.30 34.58 35.95
N GLN C 119 -27.25 34.57 35.00
CA GLN C 119 -28.23 35.65 34.97
C GLN C 119 -29.04 35.68 36.26
N ALA C 120 -29.51 34.52 36.72
CA ALA C 120 -30.35 34.46 37.89
C ALA C 120 -29.61 34.93 39.12
N ASP C 121 -28.28 34.76 39.14
CA ASP C 121 -27.40 35.23 40.20
C ASP C 121 -26.82 36.62 39.90
N GLY C 122 -27.45 37.37 39.00
CA GLY C 122 -26.99 38.66 38.55
C GLY C 122 -25.53 38.80 38.17
N GLY C 123 -24.97 37.76 37.57
CA GLY C 123 -23.60 37.85 37.09
C GLY C 123 -23.51 38.84 35.94
N ASP C 124 -22.30 39.36 35.72
CA ASP C 124 -22.01 40.33 34.64
C ASP C 124 -21.49 39.63 33.39
N VAL C 125 -22.38 39.25 32.48
CA VAL C 125 -22.02 38.65 31.20
C VAL C 125 -22.63 39.49 30.07
N ARG C 126 -21.77 40.09 29.25
CA ARG C 126 -22.17 41.03 28.21
C ARG C 126 -22.12 40.30 26.87
N TYR C 127 -23.27 40.16 26.20
CA TYR C 127 -23.27 39.45 24.93
C TYR C 127 -23.18 40.40 23.75
N SER C 128 -22.73 39.87 22.64
CA SER C 128 -22.79 40.60 21.38
C SER C 128 -21.93 41.86 21.42
N VAL C 129 -20.76 41.79 22.08
CA VAL C 129 -19.86 42.94 22.15
C VAL C 129 -18.95 42.96 20.92
N THR C 130 -18.31 44.10 20.66
CA THR C 130 -17.52 44.24 19.44
C THR C 130 -16.26 45.06 19.68
N ASP C 131 -15.44 45.21 18.64
CA ASP C 131 -14.23 46.02 18.69
C ASP C 131 -13.36 45.60 19.88
N THR C 132 -13.18 44.30 20.02
CA THR C 132 -12.52 43.70 21.17
C THR C 132 -10.99 43.71 21.03
N THR C 133 -10.31 44.37 21.97
CA THR C 133 -8.84 44.33 21.99
C THR C 133 -8.30 44.20 23.41
N ILE C 134 -7.06 43.74 23.51
CA ILE C 134 -6.42 43.41 24.79
C ILE C 134 -5.11 44.17 24.90
N HIS C 135 -4.82 44.69 26.11
CA HIS C 135 -3.67 45.54 26.34
C HIS C 135 -3.03 45.26 27.70
N ASP C 136 -1.77 45.66 27.81
CA ASP C 136 -1.03 45.62 29.06
C ASP C 136 -1.07 44.22 29.66
N LEU C 137 -0.53 43.25 28.92
CA LEU C 137 -0.72 41.86 29.32
C LEU C 137 0.10 41.49 30.55
N GLU C 138 1.36 41.90 30.61
CA GLU C 138 2.17 41.60 31.79
C GLU C 138 2.01 42.61 32.92
N GLY C 139 1.24 43.68 32.70
CA GLY C 139 0.92 44.63 33.73
C GLY C 139 -0.41 44.30 34.38
N LYS C 140 -1.17 45.34 34.76
CA LYS C 140 -2.57 45.15 35.13
C LYS C 140 -3.36 45.26 33.83
N PRO C 141 -3.91 44.17 33.30
CA PRO C 141 -4.35 44.15 31.90
C PRO C 141 -5.60 44.98 31.72
N LYS C 142 -5.89 45.25 30.46
CA LYS C 142 -7.04 46.07 30.15
C LYS C 142 -7.68 45.52 28.89
N VAL C 143 -9.00 45.48 28.89
CA VAL C 143 -9.77 44.92 27.79
C VAL C 143 -10.63 46.04 27.25
N TRP C 144 -10.51 46.29 25.95
CA TRP C 144 -11.34 47.27 25.28
C TRP C 144 -12.48 46.57 24.56
N PHE C 145 -13.70 47.05 24.77
CA PHE C 145 -14.85 46.46 24.07
C PHE C 145 -15.98 47.48 24.00
N THR C 146 -16.86 47.27 23.02
CA THR C 146 -18.04 48.10 22.80
C THR C 146 -19.28 47.24 23.00
N ASP C 147 -19.99 47.46 24.10
CA ASP C 147 -21.03 46.53 24.46
C ASP C 147 -22.19 46.58 23.46
N ALA C 148 -23.20 45.75 23.74
CA ALA C 148 -24.27 45.51 22.77
C ALA C 148 -25.04 46.79 22.45
N ASP C 149 -25.12 47.72 23.38
CA ASP C 149 -25.89 48.93 23.14
C ASP C 149 -25.10 50.00 22.38
N GLY C 150 -23.83 49.75 22.06
CA GLY C 150 -22.97 50.69 21.39
C GLY C 150 -22.01 51.46 22.29
N VAL C 151 -22.16 51.32 23.62
CA VAL C 151 -21.31 51.99 24.62
C VAL C 151 -19.91 51.39 24.60
N GLU C 152 -18.89 52.25 24.74
CA GLU C 152 -17.49 51.82 24.80
C GLU C 152 -16.96 51.75 26.23
N TYR C 153 -16.23 50.68 26.52
CA TYR C 153 -15.65 50.45 27.84
C TYR C 153 -14.19 50.03 27.72
N GLU C 154 -13.40 50.49 28.70
CA GLU C 154 -12.12 49.88 29.08
C GLU C 154 -12.38 49.18 30.39
N LEU C 155 -12.27 47.85 30.38
CA LEU C 155 -12.39 47.02 31.58
C LEU C 155 -11.00 46.75 32.12
N GLN C 156 -10.81 46.98 33.41
CA GLN C 156 -9.49 46.82 34.01
C GLN C 156 -9.56 45.75 35.09
N ALA C 157 -8.68 44.77 34.99
CA ALA C 157 -8.70 43.63 35.89
C ALA C 157 -7.29 43.22 36.22
N ASP C 158 -7.19 42.32 37.20
CA ASP C 158 -5.90 41.81 37.63
C ASP C 158 -5.40 40.73 36.68
N PHE C 159 -6.30 39.88 36.18
CA PHE C 159 -5.97 38.84 35.20
C PHE C 159 -7.06 38.78 34.16
N ILE C 160 -6.68 38.30 32.97
CA ILE C 160 -7.61 37.93 31.91
C ILE C 160 -7.50 36.44 31.69
N ALA C 161 -8.64 35.79 31.57
CA ALA C 161 -8.68 34.42 31.11
C ALA C 161 -9.41 34.49 29.79
N GLY C 162 -8.73 34.03 28.74
CA GLY C 162 -9.25 33.98 27.40
C GLY C 162 -9.80 32.60 27.18
N ALA C 163 -11.12 32.52 27.03
CA ALA C 163 -11.84 31.28 26.73
C ALA C 163 -12.56 31.47 25.42
N ASP C 164 -11.84 32.04 24.43
CA ASP C 164 -12.34 32.50 23.13
C ASP C 164 -12.68 31.36 22.18
N GLY C 165 -12.36 30.13 22.52
CA GLY C 165 -12.52 29.04 21.58
C GLY C 165 -11.43 29.00 20.54
N SER C 166 -11.56 28.01 19.64
CA SER C 166 -10.49 27.69 18.71
C SER C 166 -10.18 28.82 17.73
N ARG C 167 -11.09 29.79 17.57
CA ARG C 167 -10.81 31.02 16.86
C ARG C 167 -10.35 32.14 17.79
N SER C 168 -9.64 31.80 18.86
CA SER C 168 -9.34 32.74 19.95
C SER C 168 -8.75 34.05 19.44
N HIS C 169 -9.30 35.16 19.92
CA HIS C 169 -8.65 36.44 19.69
C HIS C 169 -7.62 36.72 20.75
N SER C 170 -7.86 36.29 21.99
CA SER C 170 -6.91 36.55 23.06
C SER C 170 -5.59 35.86 22.77
N ARG C 171 -5.66 34.61 22.35
CA ARG C 171 -4.39 33.91 22.10
C ARG C 171 -3.70 34.44 20.84
N PHE C 172 -4.39 35.18 19.96
CA PHE C 172 -3.66 35.79 18.86
C PHE C 172 -2.80 36.94 19.34
N GLN C 173 -3.04 37.45 20.54
CA GLN C 173 -2.29 38.57 21.07
C GLN C 173 -0.96 38.18 21.71
N ILE C 174 -0.57 36.90 21.70
CA ILE C 174 0.68 36.51 22.35
C ILE C 174 1.83 36.57 21.36
N PRO C 175 2.96 37.18 21.71
CA PRO C 175 4.09 37.22 20.76
C PRO C 175 4.59 35.82 20.46
N GLU C 176 4.78 35.54 19.17
CA GLU C 176 5.18 34.18 18.76
C GLU C 176 6.45 33.73 19.45
N ALA C 177 7.36 34.64 19.77
CA ALA C 177 8.62 34.24 20.36
C ALA C 177 8.44 33.60 21.73
N GLN C 178 7.32 33.86 22.40
CA GLN C 178 7.12 33.45 23.78
C GLN C 178 6.13 32.29 23.92
N ARG C 179 5.77 31.66 22.80
CA ARG C 179 4.78 30.59 22.75
C ARG C 179 5.27 29.50 21.82
N LYS C 180 4.59 28.37 21.88
CA LYS C 180 4.87 27.28 20.96
C LYS C 180 3.57 26.59 20.58
N TRP C 181 3.42 26.30 19.29
CA TRP C 181 2.24 25.67 18.77
C TRP C 181 2.57 24.26 18.33
N TYR C 182 1.70 23.33 18.68
CA TYR C 182 1.79 21.95 18.27
C TYR C 182 0.55 21.65 17.45
N PHE C 183 0.73 21.01 16.30
CA PHE C 183 -0.32 20.84 15.30
C PHE C 183 -0.29 19.41 14.77
N HIS C 184 -1.43 18.92 14.36
CA HIS C 184 -1.43 17.70 13.57
C HIS C 184 -2.77 17.60 12.89
N GLU C 185 -2.76 17.54 11.58
CA GLU C 185 -4.00 17.67 10.85
C GLU C 185 -4.31 16.36 10.19
N TYR C 186 -5.60 16.09 10.06
CA TYR C 186 -6.13 14.82 9.56
C TYR C 186 -6.68 15.00 8.15
N PRO C 187 -6.73 13.92 7.36
CA PRO C 187 -7.23 14.02 5.98
C PRO C 187 -8.72 13.77 5.81
N PHE C 188 -9.46 13.71 6.91
CA PHE C 188 -10.89 13.42 6.84
C PHE C 188 -11.55 14.33 7.84
N ALA C 189 -12.88 14.31 7.83
CA ALA C 189 -13.66 15.11 8.74
C ALA C 189 -14.89 14.30 9.11
N TRP C 190 -15.81 14.89 9.87
CA TRP C 190 -17.05 14.21 10.15
C TRP C 190 -18.19 14.91 9.43
N PHE C 191 -19.07 14.11 8.83
CA PHE C 191 -20.35 14.58 8.31
C PHE C 191 -21.36 14.23 9.39
N GLY C 192 -21.89 15.24 10.07
CA GLY C 192 -22.75 15.06 11.22
C GLY C 192 -24.17 15.53 10.93
N ILE C 193 -25.11 14.66 11.21
CA ILE C 193 -26.51 14.90 10.94
C ILE C 193 -27.30 14.69 12.22
N LEU C 194 -28.35 15.48 12.36
CA LEU C 194 -29.35 15.28 13.39
C LEU C 194 -30.59 14.84 12.66
N ALA C 195 -31.10 13.66 13.03
CA ALA C 195 -32.17 12.98 12.32
C ALA C 195 -33.22 12.51 13.31
N GLU C 196 -34.49 12.63 12.92
CA GLU C 196 -35.60 12.29 13.79
C GLU C 196 -35.82 10.78 13.77
N THR C 197 -35.68 10.13 14.93
CA THR C 197 -35.76 8.67 14.95
C THR C 197 -35.66 8.10 16.35
N PRO C 198 -36.18 6.89 16.58
CA PRO C 198 -35.98 6.22 17.88
C PRO C 198 -34.58 5.66 18.00
N ARG C 199 -34.20 5.29 19.24
CA ARG C 199 -32.85 4.78 19.47
C ARG C 199 -32.57 3.59 18.56
N SER C 200 -31.57 3.76 17.69
CA SER C 200 -31.09 2.65 16.85
C SER C 200 -30.13 1.78 17.66
N SER C 201 -29.51 2.39 18.67
CA SER C 201 -28.86 1.67 19.75
C SER C 201 -29.19 2.44 21.02
N ASP C 202 -29.00 1.78 22.16
CA ASP C 202 -29.09 2.47 23.43
C ASP C 202 -27.83 3.29 23.67
N GLU C 203 -26.66 2.67 23.54
CA GLU C 203 -25.40 3.33 23.81
C GLU C 203 -24.80 3.88 22.52
N LEU C 204 -23.68 4.57 22.67
CA LEU C 204 -22.95 5.02 21.50
C LEU C 204 -22.36 3.83 20.76
N ILE C 205 -22.39 3.89 19.43
CA ILE C 205 -21.79 2.88 18.57
C ILE C 205 -20.70 3.56 17.78
N TYR C 206 -19.45 3.16 18.01
CA TYR C 206 -18.33 3.54 17.16
C TYR C 206 -18.07 2.38 16.22
N ALA C 207 -18.16 2.60 14.91
CA ALA C 207 -18.05 1.51 13.95
C ALA C 207 -16.97 1.81 12.92
N ASN C 208 -16.21 0.76 12.56
CA ASN C 208 -15.12 0.85 11.61
C ASN C 208 -15.38 -0.12 10.47
N SER C 209 -15.34 0.38 9.24
CA SER C 209 -15.65 -0.46 8.08
C SER C 209 -14.79 -0.02 6.91
N GLU C 210 -14.76 -0.86 5.87
CA GLU C 210 -13.98 -0.51 4.69
C GLU C 210 -14.32 0.88 4.20
N ASN C 211 -15.60 1.25 4.22
CA ASN C 211 -15.98 2.53 3.65
C ASN C 211 -15.73 3.70 4.57
N GLY C 212 -15.46 3.47 5.84
CA GLY C 212 -15.11 4.57 6.71
C GLY C 212 -15.55 4.30 8.13
N PHE C 213 -15.43 5.32 8.95
CA PHE C 213 -15.84 5.23 10.33
C PHE C 213 -17.20 5.90 10.46
N ALA C 214 -17.99 5.45 11.45
CA ALA C 214 -19.26 6.11 11.74
C ALA C 214 -19.66 5.96 13.20
N LEU C 215 -20.27 7.01 13.74
CA LEU C 215 -20.70 7.05 15.12
C LEU C 215 -22.21 7.17 15.15
N ILE C 216 -22.83 6.21 15.82
CA ILE C 216 -24.27 6.18 16.09
C ILE C 216 -24.45 6.64 17.51
N SER C 217 -24.97 7.87 17.68
CA SER C 217 -25.13 8.50 18.98
C SER C 217 -26.48 9.21 19.06
N GLN C 218 -26.85 9.55 20.29
CA GLN C 218 -28.17 10.07 20.63
C GLN C 218 -28.08 11.50 21.18
N ARG C 219 -29.09 12.32 20.85
CA ARG C 219 -29.25 13.62 21.51
C ARG C 219 -30.60 13.77 22.22
N THR C 220 -31.71 13.59 21.52
CA THR C 220 -33.06 13.59 22.08
C THR C 220 -33.61 12.17 22.03
N GLU C 221 -34.83 11.99 22.53
CA GLU C 221 -35.57 10.81 22.10
C GLU C 221 -36.17 11.03 20.70
N THR C 222 -36.56 12.27 20.39
CA THR C 222 -37.08 12.61 19.08
C THR C 222 -35.97 12.73 18.03
N VAL C 223 -34.82 13.31 18.39
CA VAL C 223 -33.71 13.57 17.48
C VAL C 223 -32.49 12.77 17.94
N GLN C 224 -31.83 12.10 17.01
CA GLN C 224 -30.56 11.43 17.27
C GLN C 224 -29.45 12.11 16.49
N ARG C 225 -28.24 12.02 17.03
CA ARG C 225 -27.07 12.68 16.46
C ARG C 225 -26.15 11.61 15.91
N LEU C 226 -25.81 11.71 14.62
CA LEU C 226 -25.02 10.70 13.94
C LEU C 226 -23.88 11.37 13.17
N TYR C 227 -22.73 10.70 13.10
CA TYR C 227 -21.60 11.22 12.32
C TYR C 227 -21.01 10.09 11.49
N PHE C 228 -20.51 10.42 10.30
CA PHE C 228 -19.75 9.48 9.50
C PHE C 228 -18.58 10.20 8.85
N GLN C 229 -17.51 9.44 8.62
CA GLN C 229 -16.26 10.00 8.16
C GLN C 229 -16.41 10.45 6.71
N CYS C 230 -15.80 11.57 6.35
CA CYS C 230 -16.01 12.14 5.01
C CYS C 230 -14.81 12.97 4.60
N ASP C 231 -14.88 13.44 3.35
CA ASP C 231 -13.82 14.28 2.82
C ASP C 231 -13.89 15.65 3.47
N PRO C 232 -12.77 16.25 3.79
CA PRO C 232 -12.79 17.55 4.49
C PRO C 232 -13.58 18.64 3.78
N ASN C 233 -13.77 18.52 2.46
CA ASN C 233 -14.39 19.60 1.71
C ASN C 233 -15.68 19.18 1.03
N GLU C 234 -16.56 18.54 1.77
CA GLU C 234 -17.84 18.12 1.25
C GLU C 234 -18.89 19.17 1.52
N ASP C 235 -19.78 19.36 0.57
CA ASP C 235 -20.84 20.34 0.67
C ASP C 235 -22.13 19.60 0.98
N VAL C 236 -22.74 19.92 2.13
CA VAL C 236 -23.93 19.19 2.53
C VAL C 236 -25.06 19.38 1.54
N ASN C 237 -25.07 20.49 0.81
CA ASN C 237 -26.15 20.72 -0.14
C ASN C 237 -26.13 19.66 -1.27
N ASP C 238 -24.96 19.14 -1.61
CA ASP C 238 -24.86 18.04 -2.58
C ASP C 238 -25.06 16.69 -1.92
N TRP C 239 -26.01 16.61 -1.01
CA TRP C 239 -26.26 15.37 -0.27
C TRP C 239 -27.75 15.17 -0.11
N SER C 240 -28.22 13.98 -0.44
CA SER C 240 -29.63 13.71 -0.31
C SER C 240 -29.86 12.85 0.92
N ASP C 241 -31.02 13.00 1.54
CA ASP C 241 -31.31 12.20 2.72
C ASP C 241 -31.08 10.72 2.42
N ASP C 242 -31.40 10.33 1.19
CA ASP C 242 -31.16 8.97 0.76
C ASP C 242 -29.67 8.63 0.81
N ARG C 243 -28.82 9.52 0.25
CA ARG C 243 -27.38 9.25 0.19
C ARG C 243 -26.78 9.19 1.58
N ILE C 244 -27.19 10.10 2.46
CA ILE C 244 -26.73 10.04 3.84
C ILE C 244 -27.06 8.68 4.44
N TRP C 245 -28.32 8.24 4.33
CA TRP C 245 -28.68 6.98 4.98
C TRP C 245 -28.02 5.78 4.32
N ASP C 246 -27.69 5.89 3.02
CA ASP C 246 -26.94 4.82 2.36
C ASP C 246 -25.53 4.68 2.93
N ALA C 247 -24.82 5.80 3.07
CA ALA C 247 -23.50 5.72 3.71
C ALA C 247 -23.61 5.08 5.09
N PHE C 248 -24.60 5.50 5.87
CA PHE C 248 -24.74 4.93 7.21
C PHE C 248 -24.99 3.43 7.16
N ARG C 249 -25.83 2.95 6.23
CA ARG C 249 -26.10 1.51 6.13
C ARG C 249 -24.87 0.73 5.73
N SER C 250 -24.12 1.25 4.74
CA SER C 250 -22.91 0.54 4.30
C SER C 250 -21.87 0.44 5.40
N ARG C 251 -21.86 1.37 6.35
CA ARG C 251 -20.86 1.22 7.40
C ARG C 251 -21.35 0.46 8.63
N VAL C 252 -22.64 0.53 8.97
CA VAL C 252 -23.12 0.02 10.25
C VAL C 252 -24.05 -1.19 10.08
N ASN C 253 -24.91 -1.17 9.07
CA ASN C 253 -25.96 -2.17 8.94
C ASN C 253 -25.37 -3.53 8.60
N GLY C 254 -26.01 -4.57 9.10
CA GLY C 254 -25.69 -5.91 8.66
C GLY C 254 -25.53 -6.84 9.84
N ASN C 255 -25.44 -8.13 9.51
CA ASN C 255 -25.08 -9.13 10.49
C ASN C 255 -25.97 -9.05 11.75
N GLY C 256 -27.28 -8.98 11.52
CA GLY C 256 -28.28 -9.01 12.60
C GLY C 256 -28.52 -7.69 13.29
N PHE C 257 -27.97 -6.59 12.77
CA PHE C 257 -28.26 -5.25 13.26
C PHE C 257 -28.73 -4.35 12.13
N GLU C 258 -29.87 -3.69 12.32
CA GLU C 258 -30.33 -2.73 11.34
C GLU C 258 -30.49 -1.36 12.00
N LEU C 259 -30.04 -0.32 11.30
CA LEU C 259 -30.06 1.06 11.79
C LEU C 259 -31.39 1.72 11.48
N LYS C 260 -32.09 2.17 12.52
CA LYS C 260 -33.28 2.97 12.32
C LYS C 260 -32.91 4.29 11.63
N GLU C 261 -33.85 4.81 10.83
CA GLU C 261 -33.56 5.95 9.97
C GLU C 261 -34.75 6.91 9.95
N GLY C 262 -34.46 8.20 9.77
CA GLY C 262 -35.50 9.20 9.79
C GLY C 262 -35.24 10.40 8.92
N PRO C 263 -36.06 11.45 9.07
CA PRO C 263 -35.82 12.70 8.35
C PRO C 263 -34.57 13.43 8.86
N VAL C 264 -33.78 13.93 7.90
CA VAL C 264 -32.53 14.60 8.20
C VAL C 264 -32.88 16.07 8.49
N ILE C 265 -32.84 16.44 9.76
CA ILE C 265 -33.34 17.74 10.18
C ILE C 265 -32.22 18.77 10.22
N ASP C 266 -30.99 18.32 10.40
CA ASP C 266 -29.86 19.22 10.13
C ASP C 266 -28.69 18.38 9.65
N LYS C 267 -27.85 19.01 8.81
CA LYS C 267 -26.61 18.37 8.38
C LYS C 267 -25.50 19.40 8.29
N THR C 268 -24.30 19.01 8.72
CA THR C 268 -23.15 19.91 8.69
C THR C 268 -21.87 19.10 8.71
N VAL C 269 -20.84 19.59 8.01
CA VAL C 269 -19.55 18.92 7.92
C VAL C 269 -18.59 19.62 8.85
N LEU C 270 -17.84 18.84 9.62
CA LEU C 270 -17.15 19.30 10.82
C LEU C 270 -15.70 18.81 10.78
N LYS C 271 -14.79 19.73 10.46
CA LYS C 271 -13.36 19.48 10.35
C LYS C 271 -12.74 19.49 11.74
N PHE C 272 -11.54 18.91 11.86
CA PHE C 272 -10.84 18.93 13.15
C PHE C 272 -9.35 18.70 13.04
N ARG C 273 -8.64 19.16 14.07
CA ARG C 273 -7.20 18.99 14.15
C ARG C 273 -6.78 18.81 15.61
N SER C 274 -5.54 18.34 15.81
CA SER C 274 -4.90 18.39 17.11
C SER C 274 -4.14 19.70 17.17
N PHE C 275 -4.35 20.48 18.22
CA PHE C 275 -3.66 21.75 18.39
C PHE C 275 -3.34 21.95 19.87
N VAL C 276 -2.18 22.51 20.15
CA VAL C 276 -1.77 22.78 21.52
C VAL C 276 -0.89 24.02 21.56
N HIS C 277 -1.35 25.05 22.27
CA HIS C 277 -0.60 26.27 22.51
C HIS C 277 0.05 26.14 23.88
N ALA C 278 1.36 26.21 23.95
CA ALA C 278 1.97 26.13 25.27
C ALA C 278 2.95 27.28 25.44
N PRO C 279 3.12 27.80 26.67
CA PRO C 279 2.43 27.45 27.90
C PRO C 279 1.07 28.11 27.90
N MET C 280 0.17 27.68 28.77
CA MET C 280 -1.18 28.20 28.72
C MET C 280 -1.33 29.51 29.48
N ARG C 281 -0.27 30.01 30.10
CA ARG C 281 -0.31 31.32 30.72
C ARG C 281 0.79 32.19 30.14
N HIS C 282 0.41 33.37 29.70
CA HIS C 282 1.35 34.40 29.31
C HIS C 282 1.04 35.63 30.14
N GLY C 283 1.99 36.03 30.98
CA GLY C 283 1.71 37.19 31.80
C GLY C 283 0.48 36.95 32.65
N ASN C 284 -0.48 37.85 32.53
CA ASN C 284 -1.73 37.76 33.27
C ASN C 284 -2.87 37.32 32.38
N LEU C 285 -2.55 36.86 31.19
CA LEU C 285 -3.48 36.14 30.36
C LEU C 285 -3.30 34.65 30.66
N PHE C 286 -4.41 34.00 30.97
CA PHE C 286 -4.50 32.55 31.07
C PHE C 286 -5.42 32.10 29.94
N LEU C 287 -5.05 31.03 29.25
CA LEU C 287 -5.88 30.49 28.17
C LEU C 287 -6.55 29.23 28.68
N ALA C 288 -7.79 29.02 28.31
CA ALA C 288 -8.45 27.82 28.78
C ALA C 288 -9.38 27.31 27.70
N GLY C 289 -9.57 25.99 27.71
CA GLY C 289 -10.49 25.45 26.75
C GLY C 289 -9.91 25.49 25.35
N ASP C 290 -10.80 25.57 24.36
CA ASP C 290 -10.39 25.48 22.97
C ASP C 290 -9.62 26.71 22.49
N ALA C 291 -9.62 27.81 23.22
CA ALA C 291 -8.67 28.87 22.92
C ALA C 291 -7.23 28.34 22.99
N ALA C 292 -6.95 27.41 23.90
CA ALA C 292 -5.59 26.93 24.13
C ALA C 292 -5.29 25.57 23.51
N HIS C 293 -6.30 24.79 23.11
CA HIS C 293 -6.06 23.47 22.54
C HIS C 293 -7.30 23.00 21.79
N THR C 294 -7.13 21.96 20.98
CA THR C 294 -8.24 21.28 20.35
C THR C 294 -7.83 19.83 20.14
N VAL C 295 -8.83 18.96 20.06
CA VAL C 295 -8.57 17.54 19.90
C VAL C 295 -9.52 16.98 18.87
N PRO C 296 -9.15 15.86 18.23
CA PRO C 296 -10.09 15.12 17.39
C PRO C 296 -11.30 14.71 18.19
N PRO C 297 -12.50 14.85 17.62
CA PRO C 297 -13.73 14.56 18.39
C PRO C 297 -13.86 13.13 18.88
N THR C 298 -13.09 12.19 18.33
CA THR C 298 -13.35 10.79 18.60
C THR C 298 -13.49 10.54 20.09
N GLY C 299 -12.60 11.11 20.89
CA GLY C 299 -12.55 10.76 22.28
C GLY C 299 -13.58 11.43 23.16
N ALA C 300 -14.26 12.43 22.64
CA ALA C 300 -15.20 13.19 23.43
C ALA C 300 -14.50 14.01 24.49
N LYS C 301 -13.23 14.31 24.29
CA LYS C 301 -12.43 14.87 25.36
C LYS C 301 -12.40 16.40 25.34
N GLY C 302 -13.07 17.05 24.40
CA GLY C 302 -12.88 18.46 24.28
C GLY C 302 -13.48 19.27 25.40
N LEU C 303 -14.80 19.18 25.56
CA LEU C 303 -15.47 19.97 26.59
C LEU C 303 -15.05 19.52 27.96
N ASN C 304 -14.76 18.24 28.12
CA ASN C 304 -14.19 17.77 29.37
C ASN C 304 -12.91 18.51 29.66
N LEU C 305 -12.04 18.61 28.65
CA LEU C 305 -10.78 19.31 28.81
C LEU C 305 -10.98 20.76 29.23
N ALA C 306 -11.88 21.46 28.57
CA ALA C 306 -12.12 22.88 28.90
C ALA C 306 -12.59 23.04 30.33
N LEU C 307 -13.60 22.27 30.74
CA LEU C 307 -14.10 22.37 32.10
C LEU C 307 -12.97 22.07 33.08
N HIS C 308 -12.19 21.04 32.77
CA HIS C 308 -11.08 20.72 33.65
C HIS C 308 -10.16 21.91 33.81
N ASP C 309 -9.80 22.53 32.68
CA ASP C 309 -8.93 23.71 32.67
C ASP C 309 -9.46 24.80 33.57
N VAL C 310 -10.74 25.18 33.40
CA VAL C 310 -11.24 26.29 34.20
C VAL C 310 -11.17 25.91 35.67
N LYS C 311 -11.41 24.62 35.99
CA LYS C 311 -11.34 24.22 37.39
C LYS C 311 -9.95 24.42 37.99
N VAL C 312 -8.93 23.93 37.31
CA VAL C 312 -7.57 24.07 37.83
C VAL C 312 -7.14 25.55 37.87
N LEU C 313 -7.55 26.33 36.86
CA LEU C 313 -7.25 27.75 36.85
C LEU C 313 -7.92 28.44 38.03
N PHE C 314 -9.19 28.10 38.29
CA PHE C 314 -9.93 28.66 39.40
C PHE C 314 -9.28 28.34 40.74
N GLU C 315 -8.83 27.10 40.90
CA GLU C 315 -8.15 26.78 42.14
C GLU C 315 -6.95 27.67 42.32
N GLY C 316 -6.21 27.93 41.24
CA GLY C 316 -5.13 28.91 41.34
C GLY C 316 -5.60 30.29 41.77
N PHE C 317 -6.67 30.79 41.14
CA PHE C 317 -7.17 32.14 41.47
C PHE C 317 -7.65 32.22 42.91
N ASP C 318 -8.33 31.19 43.40
CA ASP C 318 -8.82 31.21 44.78
C ASP C 318 -7.65 31.17 45.77
N SER C 319 -6.69 30.27 45.57
CA SER C 319 -5.49 30.28 46.39
C SER C 319 -4.91 31.69 46.43
N PHE C 320 -4.78 32.34 45.27
CA PHE C 320 -4.14 33.65 45.24
C PHE C 320 -4.99 34.70 45.93
N TYR C 321 -6.29 34.75 45.64
CA TYR C 321 -7.18 35.75 46.19
C TYR C 321 -7.56 35.48 47.65
N LYS C 322 -7.25 34.32 48.17
CA LYS C 322 -7.48 34.04 49.58
C LYS C 322 -6.23 34.27 50.39
N SER C 323 -5.08 33.81 49.90
CA SER C 323 -3.84 33.93 50.63
C SER C 323 -2.75 34.68 49.90
N GLY C 324 -3.01 35.23 48.72
CA GLY C 324 -1.92 35.87 48.01
C GLY C 324 -0.88 34.94 47.45
N SER C 325 -1.13 33.62 47.45
CA SER C 325 -0.15 32.69 46.90
C SER C 325 -0.12 32.75 45.37
N THR C 326 1.08 32.80 44.81
CA THR C 326 1.27 32.66 43.37
C THR C 326 1.61 31.24 42.94
N ALA C 327 1.75 30.30 43.87
CA ALA C 327 2.24 28.98 43.51
C ALA C 327 1.28 28.26 42.55
N LEU C 328 -0.02 28.36 42.79
CA LEU C 328 -1.00 27.64 41.97
C LEU C 328 -1.17 28.27 40.58
N LEU C 329 -1.16 29.60 40.50
CA LEU C 329 -1.26 30.24 39.19
C LEU C 329 -0.05 29.88 38.33
N ASP C 330 1.14 29.85 38.93
CA ASP C 330 2.31 29.44 38.18
C ASP C 330 2.22 27.98 37.80
N GLY C 331 1.58 27.17 38.63
CA GLY C 331 1.46 25.80 38.21
C GLY C 331 0.27 25.50 37.33
N TYR C 332 -0.47 26.54 36.93
CA TYR C 332 -1.66 26.33 36.10
C TYR C 332 -1.29 25.68 34.78
N SER C 333 -0.33 26.26 34.06
CA SER C 333 0.04 25.73 32.77
C SER C 333 0.48 24.28 32.87
N GLY C 334 1.35 23.97 33.83
CA GLY C 334 1.81 22.61 33.94
C GLY C 334 0.66 21.65 34.13
N ARG C 335 -0.18 21.91 35.15
CA ARG C 335 -1.29 21.02 35.47
C ARG C 335 -2.20 20.86 34.28
N ALA C 336 -2.56 21.97 33.62
CA ALA C 336 -3.51 21.87 32.51
C ALA C 336 -2.94 21.08 31.35
N LEU C 337 -1.73 21.44 30.91
CA LEU C 337 -1.15 20.86 29.71
C LEU C 337 -0.85 19.40 29.90
N ASP C 338 -0.55 19.03 31.13
CA ASP C 338 -0.34 17.64 31.46
C ASP C 338 -1.56 16.81 31.02
N ARG C 339 -2.73 17.21 31.49
CA ARG C 339 -3.96 16.55 31.11
C ARG C 339 -4.23 16.70 29.64
N VAL C 340 -3.83 17.85 29.07
CA VAL C 340 -4.10 18.11 27.67
C VAL C 340 -3.41 17.09 26.78
N TRP C 341 -2.13 16.78 27.07
CA TRP C 341 -1.42 15.75 26.32
C TRP C 341 -2.00 14.38 26.57
N LYS C 342 -2.39 14.07 27.81
CA LYS C 342 -3.04 12.79 28.02
C LYS C 342 -4.26 12.66 27.10
N ALA C 343 -5.08 13.71 27.05
CA ALA C 343 -6.27 13.69 26.21
C ALA C 343 -5.91 13.67 24.74
N GLN C 344 -4.87 14.41 24.36
CA GLN C 344 -4.46 14.44 22.95
C GLN C 344 -4.10 13.05 22.49
N GLN C 345 -3.23 12.40 23.24
CA GLN C 345 -2.84 11.03 22.97
C GLN C 345 -4.06 10.11 22.92
N PHE C 346 -4.97 10.20 23.89
CA PHE C 346 -6.10 9.28 23.85
C PHE C 346 -6.99 9.55 22.65
N SER C 347 -7.32 10.81 22.39
CA SER C 347 -8.18 11.14 21.25
C SER C 347 -7.53 10.74 19.95
N TYR C 348 -6.19 10.88 19.88
CA TYR C 348 -5.43 10.42 18.73
C TYR C 348 -5.50 8.90 18.58
N TRP C 349 -5.34 8.18 19.67
CA TRP C 349 -5.40 6.73 19.58
C TRP C 349 -6.78 6.30 19.11
N MET C 350 -7.83 6.88 19.67
CA MET C 350 -9.17 6.57 19.22
C MET C 350 -9.34 6.89 17.74
N THR C 351 -8.94 8.09 17.31
CA THR C 351 -9.08 8.44 15.91
C THR C 351 -8.38 7.41 15.04
N SER C 352 -7.12 7.10 15.35
CA SER C 352 -6.37 6.16 14.54
C SER C 352 -7.03 4.80 14.49
N MET C 353 -7.54 4.35 15.62
CA MET C 353 -8.10 3.01 15.65
C MET C 353 -9.42 2.93 14.88
N LEU C 354 -10.17 4.02 14.79
CA LEU C 354 -11.52 3.84 14.29
C LEU C 354 -11.72 4.30 12.86
N HIS C 355 -11.07 5.37 12.43
CA HIS C 355 -11.27 5.85 11.07
C HIS C 355 -10.46 4.99 10.11
N THR C 356 -11.07 4.66 8.98
CA THR C 356 -10.33 3.81 8.05
C THR C 356 -9.34 4.68 7.29
N PRO C 357 -8.07 4.32 7.27
CA PRO C 357 -7.04 5.25 6.75
C PRO C 357 -7.35 5.66 5.32
N VAL C 358 -7.66 6.94 5.12
CA VAL C 358 -8.11 7.40 3.80
C VAL C 358 -7.08 6.98 2.75
N GLY C 359 -7.55 6.29 1.71
CA GLY C 359 -6.71 5.95 0.58
C GLY C 359 -6.16 4.53 0.57
N GLY C 360 -6.56 3.68 1.51
CA GLY C 360 -6.14 2.30 1.46
C GLY C 360 -4.64 2.03 1.49
N ASP C 361 -3.97 2.38 2.59
CA ASP C 361 -2.68 1.79 2.94
C ASP C 361 -2.91 0.42 3.58
N ASP C 362 -2.47 -0.64 2.91
CA ASP C 362 -2.89 -1.99 3.26
C ASP C 362 -2.25 -2.54 4.53
N PHE C 363 -0.94 -2.37 4.69
CA PHE C 363 -0.36 -2.72 5.97
C PHE C 363 -1.07 -1.93 7.07
N ALA C 364 -1.40 -0.66 6.79
CA ALA C 364 -2.09 0.19 7.76
C ALA C 364 -3.45 -0.39 8.16
N ARG C 365 -4.27 -0.75 7.15
CA ARG C 365 -5.60 -1.28 7.44
C ARG C 365 -5.47 -2.59 8.22
N ALA C 366 -4.49 -3.41 7.83
CA ALA C 366 -4.24 -4.66 8.54
C ALA C 366 -3.89 -4.41 9.99
N ARG C 367 -2.92 -3.53 10.24
CA ARG C 367 -2.53 -3.25 11.61
C ARG C 367 -3.70 -2.68 12.40
N GLN C 368 -4.49 -1.82 11.77
CA GLN C 368 -5.65 -1.25 12.47
C GLN C 368 -6.61 -2.35 12.91
N LEU C 369 -6.92 -3.28 12.02
CA LEU C 369 -7.82 -4.35 12.42
C LEU C 369 -7.19 -5.18 13.53
N GLY C 370 -5.87 -5.39 13.47
CA GLY C 370 -5.23 -6.15 14.51
C GLY C 370 -5.41 -5.49 15.87
N GLU C 371 -5.17 -4.18 15.91
CA GLU C 371 -5.33 -3.41 17.13
C GLU C 371 -6.76 -3.48 17.65
N LEU C 372 -7.75 -3.24 16.77
CA LEU C 372 -9.13 -3.31 17.22
C LEU C 372 -9.44 -4.67 17.86
N ASN C 373 -8.97 -5.75 17.24
CA ASN C 373 -9.21 -7.07 17.80
C ASN C 373 -8.58 -7.20 19.17
N SER C 374 -7.30 -6.80 19.31
CA SER C 374 -6.63 -6.91 20.62
C SER C 374 -7.33 -6.09 21.69
N VAL C 375 -7.85 -4.94 21.34
CA VAL C 375 -8.45 -4.11 22.36
C VAL C 375 -9.74 -4.72 22.83
N VAL C 376 -10.61 -5.10 21.89
CA VAL C 376 -11.86 -5.71 22.31
C VAL C 376 -11.64 -7.07 22.96
N SER C 377 -10.57 -7.80 22.61
CA SER C 377 -10.36 -9.15 23.11
C SER C 377 -9.66 -9.22 24.45
N SER C 378 -8.98 -8.17 24.89
CA SER C 378 -8.26 -8.19 26.16
C SER C 378 -9.07 -7.43 27.19
N ARG C 379 -9.20 -8.01 28.38
CA ARG C 379 -9.89 -7.27 29.43
C ARG C 379 -9.07 -6.06 29.86
N HIS C 380 -7.75 -6.20 29.88
CA HIS C 380 -6.89 -5.06 30.16
C HIS C 380 -7.03 -3.99 29.09
N GLY C 381 -7.16 -4.39 27.83
CA GLY C 381 -7.40 -3.42 26.79
C GLY C 381 -8.69 -2.65 27.03
N ARG C 382 -9.81 -3.37 27.21
CA ARG C 382 -11.08 -2.68 27.39
C ARG C 382 -11.05 -1.81 28.61
N ALA C 383 -10.32 -2.22 29.64
CA ALA C 383 -10.26 -1.42 30.85
C ALA C 383 -9.50 -0.11 30.61
N TYR C 384 -8.35 -0.19 29.93
CA TYR C 384 -7.56 0.99 29.62
C TYR C 384 -8.36 1.98 28.79
N LEU C 385 -9.08 1.47 27.79
CA LEU C 385 -9.94 2.34 27.00
C LEU C 385 -11.01 2.99 27.86
N ALA C 386 -11.63 2.22 28.76
CA ALA C 386 -12.70 2.79 29.58
C ALA C 386 -12.17 3.85 30.54
N GLU C 387 -10.99 3.58 31.13
CA GLU C 387 -10.33 4.54 32.00
C GLU C 387 -10.16 5.88 31.29
N ALA C 388 -9.61 5.85 30.06
CA ALA C 388 -9.44 7.09 29.32
C ALA C 388 -10.79 7.72 28.97
N TYR C 389 -11.74 6.93 28.51
CA TYR C 389 -13.03 7.52 28.12
C TYR C 389 -13.71 8.24 29.30
N THR C 390 -13.80 7.57 30.45
CA THR C 390 -14.63 8.05 31.56
C THR C 390 -13.93 9.08 32.42
N GLY C 391 -12.71 9.45 32.10
CA GLY C 391 -12.07 10.60 32.70
C GLY C 391 -10.87 10.36 33.57
N TRP C 392 -10.26 9.18 33.49
CA TRP C 392 -9.09 8.85 34.31
C TRP C 392 -9.40 9.10 35.80
N PRO C 393 -10.41 8.39 36.37
CA PRO C 393 -10.59 8.50 37.82
C PRO C 393 -9.48 7.75 38.56
N ALA C 394 -8.50 8.53 39.03
CA ALA C 394 -7.32 8.04 39.74
C ALA C 394 -6.24 9.12 39.62
N MET D 1 -33.57 -50.99 -25.69
CA MET D 1 -32.88 -50.00 -26.50
C MET D 1 -33.65 -49.68 -27.80
N ALA D 2 -34.06 -48.41 -27.95
CA ALA D 2 -34.70 -47.89 -29.18
C ALA D 2 -33.70 -47.32 -30.17
N ASN D 3 -34.02 -47.51 -31.46
CA ASN D 3 -33.15 -47.09 -32.57
C ASN D 3 -33.24 -45.58 -32.78
N ARG D 4 -32.10 -44.90 -32.68
CA ARG D 4 -31.99 -43.48 -33.01
C ARG D 4 -31.77 -43.28 -34.51
N LYS D 5 -32.70 -42.54 -35.14
CA LYS D 5 -32.64 -42.29 -36.58
C LYS D 5 -31.25 -41.81 -36.97
N VAL D 6 -30.73 -42.35 -38.07
CA VAL D 6 -29.37 -42.07 -38.52
C VAL D 6 -29.40 -40.99 -39.62
N ILE D 7 -28.69 -39.87 -39.40
CA ILE D 7 -28.64 -38.76 -40.34
C ILE D 7 -27.19 -38.37 -40.65
N THR D 8 -26.96 -37.81 -41.85
CA THR D 8 -25.61 -37.46 -42.31
C THR D 8 -25.42 -35.98 -42.61
N THR D 9 -24.23 -35.47 -42.24
CA THR D 9 -23.70 -34.16 -42.59
C THR D 9 -22.19 -34.31 -42.81
N GLN D 10 -21.52 -33.24 -43.25
CA GLN D 10 -20.06 -33.21 -43.32
C GLN D 10 -19.41 -32.56 -42.10
N VAL D 11 -20.02 -31.49 -41.61
CA VAL D 11 -19.55 -30.75 -40.45
C VAL D 11 -20.70 -30.74 -39.45
N ALA D 12 -20.44 -31.32 -38.28
CA ALA D 12 -21.32 -31.23 -37.13
C ALA D 12 -21.00 -29.97 -36.36
N ILE D 13 -21.99 -29.12 -36.14
CA ILE D 13 -21.80 -27.85 -35.46
C ILE D 13 -22.64 -27.92 -34.21
N MET D 14 -22.01 -27.73 -33.07
CA MET D 14 -22.74 -27.81 -31.82
C MET D 14 -22.88 -26.39 -31.29
N GLY D 15 -24.06 -25.84 -31.45
CA GLY D 15 -24.33 -24.48 -31.01
C GLY D 15 -24.78 -23.62 -32.17
N ALA D 16 -26.01 -23.13 -32.07
CA ALA D 16 -26.52 -22.15 -33.00
C ALA D 16 -26.29 -20.74 -32.49
N GLY D 17 -25.20 -20.54 -31.74
CA GLY D 17 -24.74 -19.24 -31.36
C GLY D 17 -24.10 -18.53 -32.54
N PRO D 18 -23.60 -17.31 -32.28
CA PRO D 18 -23.07 -16.52 -33.39
C PRO D 18 -22.02 -17.27 -34.17
N ALA D 19 -21.09 -17.92 -33.46
CA ALA D 19 -19.98 -18.61 -34.11
C ALA D 19 -20.44 -19.87 -34.80
N GLY D 20 -21.32 -20.64 -34.16
CA GLY D 20 -21.85 -21.83 -34.79
C GLY D 20 -22.62 -21.50 -36.07
N LEU D 21 -23.53 -20.53 -35.99
CA LEU D 21 -24.31 -20.16 -37.17
C LEU D 21 -23.42 -19.58 -38.26
N MET D 22 -22.43 -18.75 -37.88
CA MET D 22 -21.49 -18.20 -38.84
C MET D 22 -20.69 -19.30 -39.55
N LEU D 23 -20.23 -20.31 -38.80
CA LEU D 23 -19.58 -21.46 -39.45
C LEU D 23 -20.55 -22.17 -40.37
N SER D 24 -21.79 -22.34 -39.92
CA SER D 24 -22.78 -23.01 -40.74
C SER D 24 -22.89 -22.34 -42.10
N HIS D 25 -23.08 -21.03 -42.07
CA HIS D 25 -23.32 -20.26 -43.29
C HIS D 25 -22.09 -20.18 -44.18
N LEU D 26 -20.90 -20.06 -43.59
CA LEU D 26 -19.71 -20.07 -44.42
C LEU D 26 -19.60 -21.42 -45.12
N LEU D 27 -19.88 -22.50 -44.39
CA LEU D 27 -19.90 -23.82 -45.00
C LEU D 27 -20.94 -23.90 -46.10
N ALA D 28 -22.16 -23.43 -45.83
CA ALA D 28 -23.22 -23.41 -46.82
C ALA D 28 -22.76 -22.74 -48.11
N LYS D 29 -22.37 -21.47 -48.03
CA LYS D 29 -22.00 -20.77 -49.26
C LYS D 29 -20.78 -21.37 -49.94
N ALA D 30 -19.91 -22.07 -49.20
CA ALA D 30 -18.80 -22.76 -49.86
C ALA D 30 -19.15 -24.18 -50.29
N GLY D 31 -20.43 -24.58 -50.12
CA GLY D 31 -20.95 -25.88 -50.51
C GLY D 31 -20.47 -27.04 -49.67
N ILE D 32 -20.54 -26.90 -48.35
CA ILE D 32 -20.25 -27.98 -47.41
C ILE D 32 -21.41 -28.11 -46.45
N GLU D 33 -21.95 -29.31 -46.31
CA GLU D 33 -23.17 -29.51 -45.54
C GLU D 33 -22.88 -29.31 -44.05
N SER D 34 -23.70 -28.49 -43.40
CA SER D 34 -23.52 -28.20 -41.98
C SER D 34 -24.82 -28.52 -41.25
N THR D 35 -24.70 -29.29 -40.16
CA THR D 35 -25.86 -29.57 -39.32
C THR D 35 -25.60 -29.06 -37.91
N VAL D 36 -26.52 -28.28 -37.35
CA VAL D 36 -26.33 -27.56 -36.09
C VAL D 36 -27.31 -28.05 -35.03
N ILE D 37 -26.80 -28.42 -33.85
CA ILE D 37 -27.63 -28.76 -32.71
C ILE D 37 -27.45 -27.75 -31.59
N GLU D 38 -28.55 -27.33 -30.99
CA GLU D 38 -28.57 -26.35 -29.91
C GLU D 38 -29.50 -26.82 -28.80
N ILE D 39 -29.19 -26.42 -27.57
CA ILE D 39 -29.92 -26.82 -26.36
C ILE D 39 -30.95 -25.80 -25.89
N ARG D 40 -30.95 -24.59 -26.46
CA ARG D 40 -31.91 -23.57 -26.06
C ARG D 40 -32.96 -23.39 -27.15
N SER D 41 -34.11 -22.88 -26.73
CA SER D 41 -35.14 -22.51 -27.70
C SER D 41 -34.68 -21.27 -28.46
N HIS D 42 -35.22 -21.11 -29.68
CA HIS D 42 -34.85 -19.93 -30.45
C HIS D 42 -35.17 -18.65 -29.68
N GLN D 43 -36.32 -18.62 -28.99
CA GLN D 43 -36.63 -17.47 -28.14
C GLN D 43 -35.62 -17.37 -27.00
N GLU D 44 -35.22 -18.51 -26.43
CA GLU D 44 -34.20 -18.52 -25.37
C GLU D 44 -32.93 -17.83 -25.84
N ILE D 45 -32.36 -18.26 -26.98
CA ILE D 45 -31.14 -17.63 -27.48
C ILE D 45 -31.36 -16.14 -27.70
N SER D 46 -32.47 -15.79 -28.36
CA SER D 46 -32.71 -14.41 -28.73
C SER D 46 -32.94 -13.52 -27.51
N GLU D 47 -33.36 -14.07 -26.37
CA GLU D 47 -33.56 -13.29 -25.15
C GLU D 47 -32.27 -13.00 -24.41
N THR D 48 -31.15 -13.61 -24.80
CA THR D 48 -29.85 -13.32 -24.19
C THR D 48 -29.37 -11.93 -24.59
N VAL D 49 -29.24 -11.02 -23.61
CA VAL D 49 -28.86 -9.63 -23.89
C VAL D 49 -27.38 -9.46 -23.56
N ARG D 50 -26.55 -9.54 -24.58
CA ARG D 50 -25.16 -9.09 -24.51
C ARG D 50 -25.04 -7.86 -25.40
N ALA D 51 -24.48 -6.80 -24.85
CA ALA D 51 -24.16 -5.71 -25.74
C ALA D 51 -23.05 -6.19 -26.67
N GLY D 52 -22.78 -5.40 -27.69
CA GLY D 52 -21.78 -5.84 -28.64
C GLY D 52 -20.95 -4.70 -29.17
N ILE D 53 -19.66 -4.97 -29.30
CA ILE D 53 -18.70 -4.06 -29.87
C ILE D 53 -17.99 -4.89 -30.92
N LEU D 54 -18.23 -4.58 -32.19
CA LEU D 54 -17.72 -5.38 -33.30
C LEU D 54 -16.52 -4.66 -33.87
N GLU D 55 -15.43 -5.39 -34.04
CA GLU D 55 -14.24 -4.87 -34.68
C GLU D 55 -14.47 -4.61 -36.18
N HIS D 56 -13.48 -3.93 -36.79
CA HIS D 56 -13.53 -3.80 -38.24
C HIS D 56 -13.83 -5.14 -38.88
N GLY D 57 -13.05 -6.15 -38.51
CA GLY D 57 -13.16 -7.44 -39.15
C GLY D 57 -14.50 -8.14 -38.96
N SER D 58 -15.11 -8.01 -37.80
CA SER D 58 -16.38 -8.70 -37.63
C SER D 58 -17.39 -8.14 -38.60
N VAL D 59 -17.35 -6.81 -38.79
CA VAL D 59 -18.23 -6.13 -39.74
C VAL D 59 -17.96 -6.59 -41.17
N ASN D 60 -16.70 -6.69 -41.56
CA ASN D 60 -16.39 -7.25 -42.87
C ASN D 60 -16.87 -8.70 -43.02
N LEU D 61 -16.65 -9.56 -42.02
CA LEU D 61 -17.12 -10.93 -42.12
C LEU D 61 -18.64 -10.99 -42.23
N LEU D 62 -19.33 -10.16 -41.44
CA LEU D 62 -20.79 -10.17 -41.45
C LEU D 62 -21.34 -9.73 -42.80
N VAL D 63 -20.69 -8.74 -43.43
CA VAL D 63 -21.23 -8.14 -44.65
C VAL D 63 -20.85 -8.95 -45.88
N ASP D 64 -19.55 -9.07 -46.15
CA ASP D 64 -19.10 -9.69 -47.39
C ASP D 64 -19.43 -11.17 -47.52
N SER D 65 -19.85 -11.84 -46.45
CA SER D 65 -20.26 -13.23 -46.52
C SER D 65 -21.76 -13.40 -46.73
N GLY D 66 -22.52 -12.31 -46.71
CA GLY D 66 -23.96 -12.37 -46.89
C GLY D 66 -24.79 -12.67 -45.67
N ALA D 67 -24.17 -12.82 -44.49
CA ALA D 67 -24.96 -13.13 -43.31
C ALA D 67 -26.11 -12.13 -43.15
N SER D 68 -25.80 -10.86 -42.97
CA SER D 68 -26.81 -9.83 -43.04
C SER D 68 -26.13 -8.49 -43.02
N ASP D 69 -26.50 -7.63 -43.99
CA ASP D 69 -26.04 -6.24 -44.12
C ASP D 69 -26.82 -5.30 -43.20
N ARG D 70 -27.78 -5.85 -42.44
CA ARG D 70 -28.53 -5.03 -41.51
C ARG D 70 -27.66 -4.36 -40.47
N VAL D 71 -26.45 -4.89 -40.22
CA VAL D 71 -25.56 -4.30 -39.21
C VAL D 71 -25.20 -2.87 -39.56
N LEU D 72 -24.92 -2.60 -40.85
CA LEU D 72 -24.52 -1.26 -41.29
C LEU D 72 -25.65 -0.25 -41.17
N ARG D 73 -26.88 -0.67 -41.46
CA ARG D 73 -27.99 0.24 -41.36
C ARG D 73 -28.35 0.50 -39.90
N ASP D 74 -28.52 -0.60 -39.13
CA ASP D 74 -29.10 -0.58 -37.80
C ASP D 74 -28.08 -0.58 -36.67
N GLY D 75 -26.81 -0.82 -36.94
CA GLY D 75 -25.77 -0.70 -35.93
C GLY D 75 -25.02 0.61 -36.13
N ASP D 76 -24.66 1.25 -35.02
CA ASP D 76 -24.07 2.58 -35.15
C ASP D 76 -22.56 2.44 -35.19
N ARG D 77 -21.92 3.12 -36.12
CA ARG D 77 -20.46 3.11 -36.17
C ARG D 77 -19.89 4.16 -35.23
N HIS D 78 -18.99 3.75 -34.34
CA HIS D 78 -18.24 4.65 -33.47
C HIS D 78 -16.80 4.70 -33.95
N ASP D 79 -16.27 5.91 -34.00
CA ASP D 79 -14.93 6.18 -34.55
C ASP D 79 -13.88 6.49 -33.50
N GLY D 80 -14.24 6.42 -32.21
CA GLY D 80 -13.32 6.64 -31.11
C GLY D 80 -14.02 6.34 -29.81
N ILE D 81 -13.30 6.56 -28.72
CA ILE D 81 -13.86 6.36 -27.37
C ILE D 81 -13.26 7.41 -26.44
N GLU D 82 -13.78 7.49 -25.22
CA GLU D 82 -13.28 8.47 -24.27
C GLU D 82 -12.86 7.76 -23.00
N LEU D 83 -11.63 8.02 -22.58
CA LEU D 83 -11.07 7.58 -21.30
C LEU D 83 -11.24 8.71 -20.30
N ARG D 84 -12.08 8.47 -19.29
CA ARG D 84 -12.33 9.46 -18.26
C ARG D 84 -11.56 9.01 -17.04
N PHE D 85 -10.60 9.83 -16.61
CA PHE D 85 -9.94 9.61 -15.34
C PHE D 85 -9.47 10.96 -14.81
N ASN D 86 -9.41 11.04 -13.48
CA ASN D 86 -9.08 12.28 -12.78
C ASN D 86 -10.00 13.42 -13.23
N GLY D 87 -11.28 13.11 -13.41
CA GLY D 87 -12.22 14.10 -13.84
C GLY D 87 -12.03 14.56 -15.26
N GLU D 88 -10.92 14.19 -15.89
CA GLU D 88 -10.63 14.58 -17.27
C GLU D 88 -11.10 13.48 -18.21
N SER D 89 -11.62 13.88 -19.36
CA SER D 89 -11.93 12.93 -20.42
C SER D 89 -10.98 13.20 -21.58
N HIS D 90 -10.21 12.20 -21.95
CA HIS D 90 -9.37 12.22 -23.14
C HIS D 90 -10.04 11.35 -24.18
N ARG D 91 -9.82 11.66 -25.46
CA ARG D 91 -10.47 10.90 -26.51
C ARG D 91 -9.45 10.13 -27.35
N ILE D 92 -9.67 8.82 -27.48
CA ILE D 92 -8.96 8.00 -28.46
C ILE D 92 -9.72 8.07 -29.78
N ASP D 93 -9.07 8.64 -30.79
CA ASP D 93 -9.68 8.79 -32.13
C ASP D 93 -9.27 7.63 -33.02
N PHE D 94 -10.12 6.59 -33.05
CA PHE D 94 -9.78 5.40 -33.80
C PHE D 94 -9.49 5.76 -35.25
N GLN D 95 -10.38 6.57 -35.85
CA GLN D 95 -10.23 6.89 -37.25
C GLN D 95 -8.97 7.71 -37.49
N ASP D 96 -8.69 8.69 -36.63
CA ASP D 96 -7.46 9.45 -36.80
C ASP D 96 -6.24 8.56 -36.66
N LEU D 97 -6.27 7.62 -35.71
CA LEU D 97 -5.04 6.94 -35.36
C LEU D 97 -4.74 5.72 -36.22
N VAL D 98 -5.74 4.90 -36.55
CA VAL D 98 -5.43 3.68 -37.29
C VAL D 98 -6.33 3.57 -38.50
N GLY D 99 -7.32 4.45 -38.59
CA GLY D 99 -8.15 4.48 -39.78
C GLY D 99 -9.12 3.34 -39.92
N GLU D 100 -9.53 2.73 -38.81
CA GLU D 100 -10.64 1.77 -38.77
C GLU D 100 -11.60 2.26 -37.71
N SER D 101 -12.81 1.70 -37.71
CA SER D 101 -13.82 2.05 -36.72
C SER D 101 -14.31 0.79 -36.04
N VAL D 102 -15.28 0.94 -35.15
CA VAL D 102 -15.98 -0.24 -34.62
C VAL D 102 -17.46 0.09 -34.67
N TRP D 103 -18.27 -0.95 -34.60
CA TRP D 103 -19.71 -0.80 -34.73
C TRP D 103 -20.37 -1.31 -33.47
N LEU D 104 -21.12 -0.45 -32.79
CA LEU D 104 -21.92 -0.87 -31.65
C LEU D 104 -23.25 -1.31 -32.21
N TYR D 105 -23.51 -2.61 -32.09
CA TYR D 105 -24.65 -3.31 -32.62
C TYR D 105 -24.86 -4.49 -31.70
N PRO D 106 -25.97 -4.54 -30.98
CA PRO D 106 -26.15 -5.60 -29.96
C PRO D 106 -25.94 -7.00 -30.53
N GLN D 107 -25.31 -7.86 -29.73
CA GLN D 107 -25.08 -9.25 -30.13
C GLN D 107 -26.39 -9.99 -30.35
N THR D 108 -27.45 -9.57 -29.65
CA THR D 108 -28.75 -10.21 -29.83
C THR D 108 -29.26 -10.01 -31.27
N ASP D 109 -29.01 -8.83 -31.83
CA ASP D 109 -29.36 -8.55 -33.22
C ASP D 109 -28.57 -9.41 -34.18
N VAL D 110 -27.28 -9.60 -33.92
CA VAL D 110 -26.47 -10.49 -34.76
C VAL D 110 -27.01 -11.91 -34.74
N PHE D 111 -27.44 -12.39 -33.56
CA PHE D 111 -28.04 -13.71 -33.54
C PHE D 111 -29.27 -13.74 -34.43
N LEU D 112 -30.15 -12.74 -34.28
CA LEU D 112 -31.36 -12.74 -35.09
C LEU D 112 -31.01 -12.78 -36.57
N ASP D 113 -30.08 -11.93 -36.98
CA ASP D 113 -29.66 -11.89 -38.39
C ASP D 113 -29.19 -13.25 -38.86
N LEU D 114 -28.26 -13.88 -38.13
CA LEU D 114 -27.68 -15.12 -38.62
C LEU D 114 -28.71 -16.25 -38.63
N ALA D 115 -29.56 -16.32 -37.60
CA ALA D 115 -30.57 -17.37 -37.54
C ALA D 115 -31.58 -17.24 -38.67
N ALA D 116 -32.09 -16.02 -38.90
CA ALA D 116 -32.99 -15.80 -40.01
C ALA D 116 -32.31 -16.15 -41.34
N ARG D 117 -31.04 -15.80 -41.50
CA ARG D 117 -30.35 -16.09 -42.75
C ARG D 117 -30.21 -17.59 -42.99
N ARG D 118 -29.85 -18.36 -41.97
CA ARG D 118 -29.76 -19.81 -42.19
C ARG D 118 -31.13 -20.38 -42.54
N GLN D 119 -32.18 -19.97 -41.81
CA GLN D 119 -33.51 -20.52 -42.07
C GLN D 119 -33.97 -20.23 -43.49
N ALA D 120 -33.83 -18.99 -43.94
CA ALA D 120 -34.31 -18.66 -45.27
C ALA D 120 -33.49 -19.32 -46.37
N ASP D 121 -32.21 -19.57 -46.15
CA ASP D 121 -31.38 -20.14 -47.20
C ASP D 121 -31.37 -21.67 -47.18
N GLY D 122 -32.10 -22.29 -46.26
CA GLY D 122 -32.13 -23.73 -46.16
C GLY D 122 -31.04 -24.08 -45.18
N GLY D 123 -31.43 -24.39 -43.96
CA GLY D 123 -30.45 -24.55 -42.89
C GLY D 123 -30.93 -25.45 -41.78
N ASP D 124 -29.98 -26.24 -41.24
CA ASP D 124 -30.20 -27.20 -40.16
C ASP D 124 -29.81 -26.61 -38.80
N VAL D 125 -30.73 -25.85 -38.18
CA VAL D 125 -30.51 -25.35 -36.84
C VAL D 125 -31.66 -25.89 -35.99
N ARG D 126 -31.33 -26.86 -35.12
CA ARG D 126 -32.33 -27.59 -34.35
C ARG D 126 -32.29 -27.06 -32.93
N TYR D 127 -33.32 -26.29 -32.56
CA TYR D 127 -33.37 -25.62 -31.27
C TYR D 127 -34.11 -26.47 -30.27
N SER D 128 -33.83 -26.21 -28.99
CA SER D 128 -34.49 -26.90 -27.88
C SER D 128 -34.28 -28.42 -27.97
N VAL D 129 -33.10 -28.86 -28.46
CA VAL D 129 -32.77 -30.28 -28.48
C VAL D 129 -32.08 -30.66 -27.18
N THR D 130 -32.04 -31.96 -26.88
CA THR D 130 -31.53 -32.47 -25.60
C THR D 130 -30.83 -33.82 -25.81
N ASP D 131 -30.39 -34.41 -24.69
CA ASP D 131 -29.78 -35.75 -24.68
C ASP D 131 -28.53 -35.83 -25.57
N THR D 132 -27.60 -34.93 -25.29
CA THR D 132 -26.38 -34.77 -26.08
C THR D 132 -25.32 -35.78 -25.69
N THR D 133 -24.87 -36.59 -26.64
CA THR D 133 -23.67 -37.39 -26.42
C THR D 133 -22.84 -37.38 -27.70
N ILE D 134 -21.52 -37.54 -27.55
CA ILE D 134 -20.58 -37.44 -28.66
C ILE D 134 -19.64 -38.65 -28.63
N HIS D 135 -19.34 -39.22 -29.80
CA HIS D 135 -18.60 -40.48 -29.85
C HIS D 135 -17.65 -40.54 -31.05
N ASP D 136 -16.62 -41.37 -30.87
CA ASP D 136 -15.61 -41.73 -31.87
C ASP D 136 -15.02 -40.48 -32.55
N LEU D 137 -14.41 -39.62 -31.72
CA LEU D 137 -13.96 -38.31 -32.17
C LEU D 137 -12.71 -38.37 -33.04
N GLU D 138 -11.75 -39.19 -32.68
CA GLU D 138 -10.53 -39.19 -33.47
C GLU D 138 -10.68 -39.96 -34.76
N GLY D 139 -11.82 -40.65 -34.93
CA GLY D 139 -12.24 -41.30 -36.16
C GLY D 139 -13.22 -40.41 -36.92
N LYS D 140 -14.19 -41.03 -37.58
CA LYS D 140 -15.27 -40.27 -38.16
C LYS D 140 -16.37 -40.11 -37.12
N PRO D 141 -16.59 -38.90 -36.60
CA PRO D 141 -17.36 -38.73 -35.35
C PRO D 141 -18.85 -39.03 -35.51
N LYS D 142 -19.52 -39.08 -34.35
CA LYS D 142 -20.96 -39.35 -34.31
C LYS D 142 -21.57 -38.60 -33.11
N VAL D 143 -22.74 -37.99 -33.30
CA VAL D 143 -23.42 -37.24 -32.23
C VAL D 143 -24.86 -37.75 -32.04
N TRP D 144 -25.23 -38.07 -30.79
CA TRP D 144 -26.60 -38.42 -30.44
C TRP D 144 -27.33 -37.23 -29.84
N PHE D 145 -28.54 -36.99 -30.32
CA PHE D 145 -29.35 -35.88 -29.81
C PHE D 145 -30.84 -36.16 -30.02
N THR D 146 -31.64 -35.49 -29.18
CA THR D 146 -33.10 -35.56 -29.19
C THR D 146 -33.71 -34.18 -29.44
N ASP D 147 -34.37 -34.00 -30.59
CA ASP D 147 -34.93 -32.69 -30.88
C ASP D 147 -36.08 -32.42 -29.90
N ALA D 148 -36.69 -31.24 -30.00
CA ALA D 148 -37.71 -30.85 -29.04
C ALA D 148 -38.94 -31.75 -29.14
N ASP D 149 -39.17 -32.34 -30.31
CA ASP D 149 -40.31 -33.21 -30.55
C ASP D 149 -40.07 -34.66 -30.11
N GLY D 150 -38.87 -35.01 -29.68
CA GLY D 150 -38.61 -36.36 -29.23
C GLY D 150 -37.91 -37.28 -30.22
N VAL D 151 -37.65 -36.81 -31.45
CA VAL D 151 -37.00 -37.68 -32.42
C VAL D 151 -35.58 -37.98 -31.94
N GLU D 152 -35.19 -39.25 -32.02
CA GLU D 152 -33.83 -39.66 -31.65
C GLU D 152 -32.99 -39.69 -32.91
N TYR D 153 -31.78 -39.12 -32.82
CA TYR D 153 -30.86 -39.15 -33.95
C TYR D 153 -29.44 -39.49 -33.49
N GLU D 154 -28.76 -40.26 -34.33
CA GLU D 154 -27.31 -40.28 -34.43
C GLU D 154 -26.94 -39.64 -35.77
N LEU D 155 -26.30 -38.48 -35.72
CA LEU D 155 -25.78 -37.80 -36.90
C LEU D 155 -24.28 -38.12 -37.02
N GLN D 156 -23.87 -38.52 -38.22
CA GLN D 156 -22.50 -38.94 -38.46
C GLN D 156 -21.87 -38.12 -39.58
N ALA D 157 -20.71 -37.53 -39.31
CA ALA D 157 -20.03 -36.57 -40.20
C ALA D 157 -18.53 -36.83 -40.21
N ASP D 158 -17.80 -36.04 -41.01
CA ASP D 158 -16.34 -36.14 -41.04
C ASP D 158 -15.66 -35.41 -39.87
N PHE D 159 -16.17 -34.25 -39.45
CA PHE D 159 -15.62 -33.52 -38.31
C PHE D 159 -16.74 -32.96 -37.45
N ILE D 160 -16.44 -32.82 -36.14
CA ILE D 160 -17.29 -32.09 -35.18
C ILE D 160 -16.60 -30.81 -34.76
N ALA D 161 -17.37 -29.72 -34.69
CA ALA D 161 -16.95 -28.44 -34.17
C ALA D 161 -17.87 -28.00 -33.04
N GLY D 162 -17.28 -27.69 -31.88
CA GLY D 162 -18.03 -27.28 -30.70
C GLY D 162 -18.19 -25.78 -30.48
N ALA D 163 -19.40 -25.27 -30.56
CA ALA D 163 -19.66 -23.86 -30.28
C ALA D 163 -20.67 -23.70 -29.15
N ASP D 164 -20.48 -24.46 -28.07
CA ASP D 164 -21.42 -24.54 -26.95
C ASP D 164 -21.40 -23.33 -26.03
N GLY D 165 -20.44 -22.43 -26.19
CA GLY D 165 -20.24 -21.35 -25.24
C GLY D 165 -19.45 -21.83 -24.03
N SER D 166 -19.24 -20.89 -23.11
CA SER D 166 -18.32 -21.09 -22.00
C SER D 166 -18.77 -22.18 -21.04
N ARG D 167 -20.05 -22.60 -21.08
CA ARG D 167 -20.48 -23.83 -20.41
C ARG D 167 -20.29 -25.04 -21.32
N SER D 168 -19.30 -24.98 -22.21
CA SER D 168 -19.13 -25.99 -23.25
C SER D 168 -19.14 -27.39 -22.65
N HIS D 169 -19.81 -28.26 -23.35
CA HIS D 169 -19.83 -29.70 -23.12
C HIS D 169 -18.68 -30.40 -23.86
N SER D 170 -18.32 -29.94 -25.06
CA SER D 170 -17.30 -30.62 -25.85
C SER D 170 -15.94 -30.59 -25.17
N ARG D 171 -15.51 -29.43 -24.66
CA ARG D 171 -14.17 -29.36 -24.08
C ARG D 171 -14.06 -30.16 -22.80
N PHE D 172 -15.19 -30.46 -22.15
CA PHE D 172 -15.17 -31.33 -20.99
C PHE D 172 -14.99 -32.79 -21.37
N GLN D 173 -15.21 -33.15 -22.63
CA GLN D 173 -15.00 -34.52 -23.10
C GLN D 173 -13.57 -34.77 -23.56
N ILE D 174 -12.68 -33.78 -23.50
CA ILE D 174 -11.31 -33.99 -23.98
C ILE D 174 -10.47 -34.51 -22.82
N PRO D 175 -9.67 -35.54 -23.04
CA PRO D 175 -8.85 -36.09 -21.96
C PRO D 175 -7.91 -35.03 -21.39
N GLU D 176 -7.92 -34.89 -20.06
CA GLU D 176 -7.07 -33.88 -19.44
C GLU D 176 -5.60 -34.12 -19.79
N ALA D 177 -5.19 -35.36 -19.97
CA ALA D 177 -3.79 -35.63 -20.27
C ALA D 177 -3.38 -35.10 -21.65
N GLN D 178 -4.34 -34.83 -22.53
CA GLN D 178 -4.10 -34.47 -23.92
C GLN D 178 -4.32 -32.98 -24.17
N ARG D 179 -4.50 -32.21 -23.11
CA ARG D 179 -4.84 -30.80 -23.18
C ARG D 179 -4.07 -30.04 -22.10
N LYS D 180 -4.19 -28.71 -22.13
CA LYS D 180 -3.71 -27.82 -21.09
C LYS D 180 -4.72 -26.72 -20.91
N TRP D 181 -4.93 -26.32 -19.68
CA TRP D 181 -5.87 -25.25 -19.38
C TRP D 181 -5.15 -24.06 -18.74
N TYR D 182 -5.50 -22.87 -19.19
CA TYR D 182 -4.93 -21.66 -18.63
C TYR D 182 -6.06 -20.87 -18.02
N PHE D 183 -5.85 -20.43 -16.78
CA PHE D 183 -6.90 -19.80 -15.98
C PHE D 183 -6.29 -18.60 -15.29
N HIS D 184 -7.12 -17.58 -15.06
CA HIS D 184 -6.74 -16.51 -14.14
C HIS D 184 -7.96 -15.68 -13.78
N GLU D 185 -8.22 -15.50 -12.50
CA GLU D 185 -9.47 -14.92 -12.06
C GLU D 185 -9.24 -13.56 -11.43
N TYR D 186 -10.16 -12.68 -11.64
CA TYR D 186 -10.05 -11.33 -11.19
C TYR D 186 -10.90 -11.12 -9.94
N PRO D 187 -10.59 -10.14 -9.10
CA PRO D 187 -11.33 -9.97 -7.85
C PRO D 187 -12.57 -9.10 -7.97
N PHE D 188 -13.06 -8.84 -9.19
CA PHE D 188 -14.23 -8.01 -9.31
C PHE D 188 -15.13 -8.55 -10.40
N ALA D 189 -16.26 -7.89 -10.55
CA ALA D 189 -17.19 -8.18 -11.59
C ALA D 189 -17.80 -6.86 -12.05
N TRP D 190 -18.70 -6.96 -13.00
CA TRP D 190 -19.35 -5.77 -13.54
C TRP D 190 -20.81 -5.76 -13.09
N PHE D 191 -21.28 -4.61 -12.69
CA PHE D 191 -22.69 -4.39 -12.39
C PHE D 191 -23.27 -3.77 -13.65
N GLY D 192 -24.09 -4.53 -14.37
CA GLY D 192 -24.58 -4.15 -15.66
C GLY D 192 -26.07 -3.86 -15.58
N ILE D 193 -26.43 -2.68 -16.05
CA ILE D 193 -27.79 -2.20 -15.97
C ILE D 193 -28.23 -1.74 -17.35
N LEU D 194 -29.51 -1.94 -17.63
CA LEU D 194 -30.19 -1.47 -18.82
C LEU D 194 -31.22 -0.43 -18.38
N ALA D 195 -31.09 0.80 -18.87
CA ALA D 195 -31.93 1.90 -18.42
C ALA D 195 -32.34 2.77 -19.60
N GLU D 196 -33.58 3.25 -19.56
CA GLU D 196 -34.13 4.04 -20.65
C GLU D 196 -33.61 5.47 -20.57
N THR D 197 -32.92 5.95 -21.63
CA THR D 197 -32.35 7.30 -21.60
C THR D 197 -31.68 7.76 -22.90
N PRO D 198 -31.61 9.08 -23.15
CA PRO D 198 -30.84 9.57 -24.30
C PRO D 198 -29.33 9.48 -24.05
N ARG D 199 -28.57 9.60 -25.13
CA ARG D 199 -27.13 9.52 -25.05
C ARG D 199 -26.56 10.58 -24.10
N SER D 200 -25.84 10.12 -23.06
CA SER D 200 -25.10 11.04 -22.20
C SER D 200 -23.76 11.42 -22.81
N SER D 201 -23.23 10.57 -23.68
CA SER D 201 -22.14 10.94 -24.56
C SER D 201 -22.41 10.36 -25.94
N ASP D 202 -21.63 10.83 -26.91
CA ASP D 202 -21.70 10.26 -28.24
C ASP D 202 -21.08 8.87 -28.24
N GLU D 203 -19.81 8.78 -27.84
CA GLU D 203 -19.05 7.55 -27.86
C GLU D 203 -19.13 6.90 -26.50
N LEU D 204 -18.58 5.70 -26.41
CA LEU D 204 -18.46 5.04 -25.13
C LEU D 204 -17.52 5.82 -24.21
N ILE D 205 -17.85 5.84 -22.92
CA ILE D 205 -16.95 6.44 -21.96
C ILE D 205 -16.53 5.34 -20.99
N TYR D 206 -15.23 5.05 -20.98
CA TYR D 206 -14.62 4.24 -19.93
C TYR D 206 -14.03 5.21 -18.89
N ALA D 207 -14.47 5.09 -17.64
CA ALA D 207 -14.06 6.02 -16.61
C ALA D 207 -13.44 5.25 -15.45
N ASN D 208 -12.34 5.79 -14.91
CA ASN D 208 -11.58 5.18 -13.82
C ASN D 208 -11.52 6.17 -12.66
N SER D 209 -11.95 5.74 -11.46
CA SER D 209 -12.11 6.64 -10.32
C SER D 209 -11.82 5.94 -9.01
N GLU D 210 -11.67 6.77 -7.95
CA GLU D 210 -11.44 6.24 -6.61
C GLU D 210 -12.48 5.20 -6.24
N ASN D 211 -13.73 5.51 -6.54
CA ASN D 211 -14.84 4.70 -6.08
C ASN D 211 -15.07 3.47 -6.95
N GLY D 212 -14.39 3.38 -8.10
CA GLY D 212 -14.46 2.19 -8.93
C GLY D 212 -14.30 2.54 -10.40
N PHE D 213 -14.57 1.55 -11.23
CA PHE D 213 -14.56 1.69 -12.68
C PHE D 213 -16.01 1.79 -13.13
N ALA D 214 -16.24 2.51 -14.24
CA ALA D 214 -17.58 2.55 -14.82
C ALA D 214 -17.53 2.75 -16.34
N LEU D 215 -18.39 2.02 -17.05
CA LEU D 215 -18.50 2.05 -18.50
C LEU D 215 -19.87 2.57 -18.89
N ILE D 216 -19.86 3.65 -19.68
CA ILE D 216 -21.04 4.29 -20.25
C ILE D 216 -21.14 3.77 -21.68
N SER D 217 -22.19 2.97 -21.95
CA SER D 217 -22.37 2.25 -23.20
C SER D 217 -23.81 2.33 -23.69
N GLN D 218 -24.00 2.06 -24.99
CA GLN D 218 -25.28 2.14 -25.68
C GLN D 218 -25.68 0.77 -26.19
N ARG D 219 -27.00 0.53 -26.24
CA ARG D 219 -27.56 -0.54 -27.04
C ARG D 219 -28.52 -0.01 -28.09
N THR D 220 -29.48 0.84 -27.68
CA THR D 220 -30.39 1.59 -28.55
C THR D 220 -30.00 3.07 -28.52
N GLU D 221 -30.77 3.88 -29.26
CA GLU D 221 -30.86 5.30 -28.94
C GLU D 221 -31.79 5.53 -27.76
N THR D 222 -32.80 4.67 -27.62
CA THR D 222 -33.75 4.72 -26.51
C THR D 222 -33.19 4.14 -25.21
N VAL D 223 -32.49 3.01 -25.28
CA VAL D 223 -32.05 2.25 -24.11
C VAL D 223 -30.52 2.30 -24.06
N GLN D 224 -29.96 2.57 -22.88
CA GLN D 224 -28.51 2.52 -22.70
C GLN D 224 -28.11 1.37 -21.76
N ARG D 225 -26.90 0.86 -21.98
CA ARG D 225 -26.30 -0.25 -21.24
C ARG D 225 -25.08 0.26 -20.48
N LEU D 226 -25.05 0.05 -19.16
CA LEU D 226 -24.00 0.61 -18.30
C LEU D 226 -23.41 -0.46 -17.38
N TYR D 227 -22.12 -0.29 -17.01
CA TYR D 227 -21.51 -1.17 -16.03
C TYR D 227 -20.68 -0.38 -15.01
N PHE D 228 -20.60 -0.90 -13.78
CA PHE D 228 -19.63 -0.39 -12.81
C PHE D 228 -19.02 -1.53 -11.99
N GLN D 229 -17.79 -1.29 -11.53
CA GLN D 229 -16.99 -2.33 -10.90
C GLN D 229 -17.51 -2.66 -9.51
N CYS D 230 -17.60 -3.95 -9.18
CA CYS D 230 -18.17 -4.30 -7.88
C CYS D 230 -17.74 -5.71 -7.45
N ASP D 231 -18.24 -6.14 -6.29
CA ASP D 231 -17.90 -7.45 -5.73
C ASP D 231 -18.52 -8.58 -6.56
N PRO D 232 -17.79 -9.67 -6.78
CA PRO D 232 -18.37 -10.80 -7.54
C PRO D 232 -19.67 -11.31 -6.93
N ASN D 233 -19.89 -11.03 -5.65
CA ASN D 233 -21.09 -11.49 -4.93
C ASN D 233 -21.79 -10.25 -4.40
N GLU D 234 -22.61 -9.64 -5.25
CA GLU D 234 -23.43 -8.48 -4.90
C GLU D 234 -24.81 -8.71 -5.48
N ASP D 235 -25.85 -8.38 -4.73
CA ASP D 235 -27.22 -8.70 -5.16
C ASP D 235 -27.97 -7.46 -5.59
N VAL D 236 -28.47 -7.48 -6.83
CA VAL D 236 -29.19 -6.33 -7.35
C VAL D 236 -30.40 -6.07 -6.45
N ASN D 237 -30.85 -7.10 -5.74
CA ASN D 237 -32.03 -6.96 -4.90
C ASN D 237 -31.79 -5.96 -3.80
N ASP D 238 -30.61 -5.96 -3.22
CA ASP D 238 -30.31 -5.00 -2.16
C ASP D 238 -29.86 -3.68 -2.72
N TRP D 239 -30.52 -3.23 -3.79
CA TRP D 239 -30.12 -2.03 -4.51
C TRP D 239 -31.35 -1.23 -4.90
N SER D 240 -31.25 0.07 -4.73
CA SER D 240 -32.29 0.97 -5.17
C SER D 240 -31.79 1.66 -6.42
N ASP D 241 -32.72 2.00 -7.33
CA ASP D 241 -32.33 2.72 -8.54
C ASP D 241 -31.62 4.03 -8.20
N ASP D 242 -32.04 4.68 -7.11
CA ASP D 242 -31.37 5.87 -6.61
C ASP D 242 -29.92 5.55 -6.23
N ARG D 243 -29.74 4.45 -5.50
CA ARG D 243 -28.41 4.05 -5.03
C ARG D 243 -27.49 3.72 -6.19
N ILE D 244 -28.00 2.99 -7.18
CA ILE D 244 -27.25 2.66 -8.39
C ILE D 244 -26.75 3.93 -9.07
N TRP D 245 -27.67 4.87 -9.35
CA TRP D 245 -27.24 6.07 -10.07
C TRP D 245 -26.29 6.89 -9.21
N ASP D 246 -26.37 6.76 -7.89
CA ASP D 246 -25.37 7.38 -7.03
C ASP D 246 -23.98 6.81 -7.31
N ALA D 247 -23.89 5.48 -7.37
CA ALA D 247 -22.59 4.88 -7.66
C ALA D 247 -22.03 5.46 -8.96
N PHE D 248 -22.88 5.56 -9.98
CA PHE D 248 -22.39 6.03 -11.28
C PHE D 248 -21.92 7.48 -11.23
N ARG D 249 -22.64 8.35 -10.50
CA ARG D 249 -22.20 9.76 -10.41
C ARG D 249 -20.86 9.85 -9.71
N SER D 250 -20.70 9.11 -8.62
CA SER D 250 -19.45 9.13 -7.86
C SER D 250 -18.30 8.65 -8.72
N ARG D 251 -18.58 7.85 -9.75
CA ARG D 251 -17.50 7.39 -10.64
C ARG D 251 -17.29 8.24 -11.89
N VAL D 252 -18.32 8.83 -12.50
CA VAL D 252 -18.19 9.48 -13.80
C VAL D 252 -18.39 10.99 -13.70
N ASN D 253 -19.35 11.45 -12.91
CA ASN D 253 -19.78 12.84 -12.94
C ASN D 253 -18.68 13.77 -12.45
N GLY D 254 -18.73 15.00 -12.93
CA GLY D 254 -17.86 16.02 -12.40
C GLY D 254 -17.34 16.96 -13.46
N ASN D 255 -16.69 18.04 -13.02
CA ASN D 255 -16.06 18.99 -13.93
C ASN D 255 -17.05 19.43 -15.00
N GLY D 256 -18.28 19.72 -14.58
CA GLY D 256 -19.27 20.17 -15.53
C GLY D 256 -19.88 19.07 -16.38
N PHE D 257 -19.62 17.82 -16.08
CA PHE D 257 -20.21 16.71 -16.81
C PHE D 257 -21.15 15.97 -15.88
N GLU D 258 -22.40 15.83 -16.33
CA GLU D 258 -23.45 15.14 -15.59
C GLU D 258 -23.97 14.01 -16.44
N LEU D 259 -24.27 12.90 -15.79
CA LEU D 259 -24.82 11.73 -16.46
C LEU D 259 -26.34 11.83 -16.44
N LYS D 260 -26.95 11.89 -17.63
CA LYS D 260 -28.39 11.78 -17.74
C LYS D 260 -28.86 10.39 -17.27
N GLU D 261 -30.06 10.34 -16.68
CA GLU D 261 -30.51 9.10 -16.06
C GLU D 261 -32.02 8.93 -16.15
N GLY D 262 -32.45 7.68 -16.09
CA GLY D 262 -33.85 7.38 -15.99
C GLY D 262 -33.98 6.15 -15.12
N PRO D 263 -35.20 5.67 -14.92
CA PRO D 263 -35.37 4.45 -14.12
C PRO D 263 -34.73 3.21 -14.75
N VAL D 264 -34.20 2.36 -13.88
CA VAL D 264 -33.39 1.18 -14.23
C VAL D 264 -34.30 -0.01 -14.54
N ILE D 265 -34.30 -0.46 -15.81
CA ILE D 265 -35.23 -1.48 -16.28
C ILE D 265 -34.70 -2.93 -16.28
N ASP D 266 -33.37 -3.13 -16.29
CA ASP D 266 -32.81 -4.43 -15.92
C ASP D 266 -31.49 -4.24 -15.19
N LYS D 267 -31.19 -5.15 -14.27
CA LYS D 267 -29.90 -5.14 -13.60
C LYS D 267 -29.43 -6.57 -13.38
N THR D 268 -28.13 -6.79 -13.61
CA THR D 268 -27.51 -8.09 -13.48
C THR D 268 -26.01 -7.89 -13.33
N VAL D 269 -25.39 -8.73 -12.53
CA VAL D 269 -23.95 -8.68 -12.25
C VAL D 269 -23.23 -9.78 -13.01
N LEU D 270 -22.01 -9.47 -13.47
CA LEU D 270 -21.28 -10.22 -14.48
C LEU D 270 -19.89 -10.57 -13.98
N LYS D 271 -19.71 -11.83 -13.59
CA LYS D 271 -18.40 -12.27 -13.15
C LYS D 271 -17.55 -12.51 -14.37
N PHE D 272 -16.24 -12.47 -14.20
CA PHE D 272 -15.47 -12.80 -15.38
C PHE D 272 -14.04 -13.20 -15.05
N ARG D 273 -13.51 -14.08 -15.87
CA ARG D 273 -12.19 -14.62 -15.70
C ARG D 273 -11.59 -14.94 -17.06
N SER D 274 -10.28 -15.10 -17.07
CA SER D 274 -9.53 -15.47 -18.26
C SER D 274 -9.37 -16.98 -18.29
N PHE D 275 -9.63 -17.58 -19.46
CA PHE D 275 -9.49 -19.02 -19.66
C PHE D 275 -9.02 -19.30 -21.10
N VAL D 276 -8.19 -20.35 -21.25
CA VAL D 276 -7.70 -20.78 -22.56
C VAL D 276 -7.47 -22.28 -22.56
N HIS D 277 -8.15 -22.99 -23.46
CA HIS D 277 -8.02 -24.44 -23.64
C HIS D 277 -7.12 -24.69 -24.84
N ALA D 278 -5.99 -25.38 -24.63
CA ALA D 278 -5.09 -25.66 -25.72
C ALA D 278 -4.80 -27.15 -25.80
N PRO D 279 -4.55 -27.66 -27.00
CA PRO D 279 -4.63 -26.99 -28.28
C PRO D 279 -6.12 -26.93 -28.63
N MET D 280 -6.56 -26.12 -29.59
CA MET D 280 -7.98 -26.00 -29.89
C MET D 280 -8.46 -27.08 -30.85
N ARG D 281 -7.55 -27.94 -31.31
CA ARG D 281 -7.91 -29.11 -32.09
C ARG D 281 -7.36 -30.34 -31.38
N HIS D 282 -8.27 -31.27 -31.06
CA HIS D 282 -7.95 -32.59 -30.55
C HIS D 282 -8.69 -33.60 -31.44
N GLY D 283 -7.92 -34.41 -32.16
CA GLY D 283 -8.49 -35.31 -33.16
C GLY D 283 -9.20 -34.56 -34.28
N ASN D 284 -10.43 -34.96 -34.59
CA ASN D 284 -11.23 -34.32 -35.63
C ASN D 284 -12.37 -33.51 -35.02
N LEU D 285 -12.28 -33.27 -33.73
CA LEU D 285 -13.08 -32.25 -33.05
C LEU D 285 -12.28 -30.94 -33.06
N PHE D 286 -12.91 -29.85 -33.51
CA PHE D 286 -12.36 -28.51 -33.48
C PHE D 286 -13.19 -27.63 -32.55
N LEU D 287 -12.51 -26.80 -31.76
CA LEU D 287 -13.14 -25.89 -30.82
C LEU D 287 -13.00 -24.45 -31.28
N ALA D 288 -14.05 -23.67 -31.06
CA ALA D 288 -14.09 -22.25 -31.41
C ALA D 288 -15.02 -21.51 -30.45
N GLY D 289 -14.82 -20.21 -30.33
CA GLY D 289 -15.68 -19.41 -29.48
C GLY D 289 -15.41 -19.67 -28.01
N ASP D 290 -16.43 -19.35 -27.20
CA ASP D 290 -16.27 -19.43 -25.75
C ASP D 290 -16.17 -20.85 -25.25
N ALA D 291 -16.40 -21.83 -26.11
CA ALA D 291 -16.08 -23.21 -25.77
C ALA D 291 -14.60 -23.37 -25.44
N ALA D 292 -13.72 -22.65 -26.13
CA ALA D 292 -12.28 -22.80 -26.01
C ALA D 292 -11.57 -21.68 -25.23
N HIS D 293 -12.22 -20.56 -24.94
CA HIS D 293 -11.54 -19.49 -24.23
C HIS D 293 -12.58 -18.57 -23.61
N THR D 294 -12.12 -17.70 -22.70
CA THR D 294 -12.94 -16.62 -22.14
C THR D 294 -12.05 -15.44 -21.82
N VAL D 295 -12.64 -14.24 -21.78
CA VAL D 295 -11.87 -13.02 -21.56
C VAL D 295 -12.61 -12.08 -20.62
N PRO D 296 -11.87 -11.19 -19.99
CA PRO D 296 -12.52 -10.08 -19.30
C PRO D 296 -13.34 -9.29 -20.29
N PRO D 297 -14.53 -8.84 -19.89
CA PRO D 297 -15.36 -8.02 -20.79
C PRO D 297 -14.69 -6.76 -21.22
N THR D 298 -13.62 -6.36 -20.54
CA THR D 298 -13.05 -5.04 -20.77
C THR D 298 -12.81 -4.78 -22.25
N GLY D 299 -12.32 -5.79 -22.98
CA GLY D 299 -12.01 -5.54 -24.38
C GLY D 299 -13.16 -5.70 -25.38
N ALA D 300 -14.26 -6.31 -24.96
CA ALA D 300 -15.36 -6.67 -25.84
C ALA D 300 -14.95 -7.71 -26.87
N LYS D 301 -13.88 -8.46 -26.58
CA LYS D 301 -13.14 -9.27 -27.53
C LYS D 301 -13.67 -10.69 -27.61
N GLY D 302 -14.75 -11.00 -26.91
CA GLY D 302 -15.22 -12.37 -26.89
C GLY D 302 -15.84 -12.81 -28.19
N LEU D 303 -16.89 -12.10 -28.60
CA LEU D 303 -17.59 -12.44 -29.84
C LEU D 303 -16.71 -12.22 -31.06
N ASN D 304 -15.86 -11.19 -31.02
CA ASN D 304 -14.87 -10.97 -32.06
C ASN D 304 -13.91 -12.15 -32.17
N LEU D 305 -13.36 -12.60 -31.04
CA LEU D 305 -12.48 -13.77 -31.06
C LEU D 305 -13.19 -14.99 -31.63
N ALA D 306 -14.44 -15.19 -31.23
CA ALA D 306 -15.22 -16.32 -31.71
C ALA D 306 -15.32 -16.29 -33.23
N LEU D 307 -15.70 -15.13 -33.78
CA LEU D 307 -15.83 -14.96 -35.24
C LEU D 307 -14.51 -15.19 -35.94
N HIS D 308 -13.42 -14.67 -35.37
CA HIS D 308 -12.12 -14.96 -35.95
C HIS D 308 -11.85 -16.46 -35.99
N ASP D 309 -12.14 -17.14 -34.88
CA ASP D 309 -11.96 -18.58 -34.81
C ASP D 309 -12.71 -19.29 -35.92
N VAL D 310 -14.01 -19.00 -36.05
CA VAL D 310 -14.80 -19.70 -37.06
C VAL D 310 -14.25 -19.39 -38.45
N LYS D 311 -13.79 -18.15 -38.68
CA LYS D 311 -13.25 -17.78 -40.00
C LYS D 311 -12.04 -18.62 -40.36
N VAL D 312 -11.10 -18.75 -39.44
CA VAL D 312 -9.94 -19.58 -39.72
C VAL D 312 -10.34 -21.06 -39.81
N LEU D 313 -11.31 -21.48 -38.99
CA LEU D 313 -11.75 -22.87 -39.06
C LEU D 313 -12.36 -23.16 -40.42
N PHE D 314 -13.21 -22.26 -40.91
CA PHE D 314 -13.80 -22.48 -42.22
C PHE D 314 -12.73 -22.49 -43.30
N GLU D 315 -11.77 -21.58 -43.23
CA GLU D 315 -10.75 -21.56 -44.27
C GLU D 315 -9.94 -22.85 -44.27
N GLY D 316 -9.65 -23.40 -43.09
CA GLY D 316 -9.04 -24.72 -43.05
C GLY D 316 -9.92 -25.77 -43.70
N PHE D 317 -11.22 -25.76 -43.35
CA PHE D 317 -12.14 -26.74 -43.91
C PHE D 317 -12.21 -26.60 -45.42
N ASP D 318 -12.12 -25.37 -45.92
CA ASP D 318 -12.16 -25.12 -47.35
C ASP D 318 -10.93 -25.66 -48.05
N SER D 319 -9.75 -25.33 -47.55
CA SER D 319 -8.54 -25.92 -48.13
C SER D 319 -8.67 -27.43 -48.22
N PHE D 320 -9.09 -28.08 -47.13
CA PHE D 320 -9.14 -29.54 -47.13
C PHE D 320 -10.25 -30.06 -48.05
N TYR D 321 -11.49 -29.59 -47.89
CA TYR D 321 -12.57 -30.17 -48.67
C TYR D 321 -12.50 -29.80 -50.14
N LYS D 322 -11.71 -28.81 -50.53
CA LYS D 322 -11.59 -28.47 -51.94
C LYS D 322 -10.35 -29.04 -52.60
N SER D 323 -9.19 -29.00 -51.93
CA SER D 323 -7.97 -29.53 -52.53
C SER D 323 -7.40 -30.67 -51.72
N GLY D 324 -8.11 -31.11 -50.68
CA GLY D 324 -7.70 -32.20 -49.83
C GLY D 324 -6.50 -31.93 -48.95
N SER D 325 -5.96 -30.70 -48.95
CA SER D 325 -4.81 -30.38 -48.10
C SER D 325 -5.27 -30.27 -46.66
N THR D 326 -4.53 -30.90 -45.76
CA THR D 326 -4.79 -30.74 -44.34
C THR D 326 -4.00 -29.60 -43.72
N ALA D 327 -3.24 -28.86 -44.52
CA ALA D 327 -2.37 -27.83 -43.97
C ALA D 327 -3.18 -26.80 -43.18
N LEU D 328 -4.31 -26.36 -43.72
CA LEU D 328 -5.08 -25.36 -43.00
C LEU D 328 -5.75 -25.96 -41.78
N LEU D 329 -6.32 -27.15 -41.92
CA LEU D 329 -6.97 -27.80 -40.78
C LEU D 329 -5.97 -28.15 -39.67
N ASP D 330 -4.77 -28.62 -40.04
CA ASP D 330 -3.81 -29.02 -39.02
C ASP D 330 -3.28 -27.81 -38.23
N GLY D 331 -3.05 -26.68 -38.89
CA GLY D 331 -2.57 -25.47 -38.24
C GLY D 331 -3.60 -24.51 -37.67
N TYR D 332 -4.88 -24.88 -37.71
CA TYR D 332 -5.93 -23.98 -37.22
C TYR D 332 -5.70 -23.63 -35.77
N SER D 333 -5.42 -24.64 -34.93
CA SER D 333 -5.26 -24.40 -33.49
C SER D 333 -4.19 -23.34 -33.25
N GLY D 334 -3.05 -23.47 -33.94
CA GLY D 334 -1.96 -22.53 -33.72
C GLY D 334 -2.36 -21.11 -33.98
N ARG D 335 -2.93 -20.84 -35.16
CA ARG D 335 -3.33 -19.48 -35.47
C ARG D 335 -4.37 -18.98 -34.46
N ALA D 336 -5.41 -19.79 -34.20
CA ALA D 336 -6.49 -19.32 -33.36
C ALA D 336 -5.94 -18.91 -31.99
N LEU D 337 -5.10 -19.77 -31.42
CA LEU D 337 -4.56 -19.52 -30.10
C LEU D 337 -3.63 -18.31 -30.11
N ASP D 338 -2.91 -18.11 -31.21
CA ASP D 338 -2.07 -16.92 -31.33
C ASP D 338 -2.89 -15.64 -31.17
N ARG D 339 -3.95 -15.51 -31.96
CA ARG D 339 -4.79 -14.33 -31.78
C ARG D 339 -5.48 -14.32 -30.42
N VAL D 340 -5.81 -15.50 -29.89
CA VAL D 340 -6.52 -15.55 -28.62
C VAL D 340 -5.66 -14.97 -27.51
N TRP D 341 -4.38 -15.34 -27.49
CA TRP D 341 -3.46 -14.78 -26.52
C TRP D 341 -3.29 -13.27 -26.70
N LYS D 342 -3.27 -12.81 -27.96
CA LYS D 342 -3.25 -11.36 -28.21
C LYS D 342 -4.42 -10.67 -27.53
N ALA D 343 -5.63 -11.21 -27.73
CA ALA D 343 -6.82 -10.63 -27.11
C ALA D 343 -6.79 -10.77 -25.58
N GLN D 344 -6.26 -11.89 -25.06
CA GLN D 344 -6.16 -12.06 -23.61
C GLN D 344 -5.35 -10.93 -23.01
N GLN D 345 -4.14 -10.74 -23.54
CA GLN D 345 -3.25 -9.66 -23.11
C GLN D 345 -3.93 -8.31 -23.24
N PHE D 346 -4.65 -8.06 -24.35
CA PHE D 346 -5.29 -6.75 -24.50
C PHE D 346 -6.38 -6.53 -23.45
N SER D 347 -7.21 -7.54 -23.22
CA SER D 347 -8.26 -7.38 -22.24
C SER D 347 -7.68 -7.20 -20.86
N TYR D 348 -6.59 -7.92 -20.59
CA TYR D 348 -5.92 -7.81 -19.31
C TYR D 348 -5.39 -6.41 -19.11
N TRP D 349 -4.71 -5.87 -20.11
CA TRP D 349 -4.13 -4.55 -20.00
C TRP D 349 -5.20 -3.49 -19.81
N MET D 350 -6.30 -3.58 -20.56
CA MET D 350 -7.39 -2.62 -20.40
C MET D 350 -7.93 -2.66 -18.97
N THR D 351 -8.20 -3.86 -18.46
CA THR D 351 -8.72 -3.98 -17.10
C THR D 351 -7.74 -3.35 -16.09
N SER D 352 -6.46 -3.73 -16.13
CA SER D 352 -5.51 -3.23 -15.13
C SER D 352 -5.37 -1.72 -15.21
N MET D 353 -5.52 -1.17 -16.41
CA MET D 353 -5.42 0.26 -16.54
C MET D 353 -6.67 0.96 -15.98
N LEU D 354 -7.84 0.32 -16.06
CA LEU D 354 -9.09 1.03 -15.79
C LEU D 354 -9.73 0.71 -14.45
N HIS D 355 -9.62 -0.52 -13.96
CA HIS D 355 -10.28 -0.85 -12.71
C HIS D 355 -9.49 -0.32 -11.52
N THR D 356 -10.17 0.23 -10.54
CA THR D 356 -9.43 0.70 -9.39
C THR D 356 -9.17 -0.52 -8.53
N PRO D 357 -7.91 -0.86 -8.28
CA PRO D 357 -7.60 -2.17 -7.65
C PRO D 357 -8.23 -2.29 -6.27
N VAL D 358 -9.16 -3.24 -6.11
CA VAL D 358 -9.88 -3.34 -4.82
C VAL D 358 -8.89 -3.50 -3.66
N GLY D 359 -9.08 -2.67 -2.63
CA GLY D 359 -8.34 -2.76 -1.38
C GLY D 359 -7.19 -1.77 -1.19
N GLY D 360 -6.98 -0.83 -2.13
CA GLY D 360 -5.94 0.17 -1.99
C GLY D 360 -4.48 -0.28 -1.96
N ASP D 361 -3.97 -0.87 -3.05
CA ASP D 361 -2.52 -0.90 -3.28
C ASP D 361 -2.09 0.49 -3.73
N ASP D 362 -1.28 1.18 -2.93
CA ASP D 362 -1.02 2.60 -3.21
C ASP D 362 -0.02 2.81 -4.34
N PHE D 363 1.11 2.12 -4.29
CA PHE D 363 1.99 2.18 -5.46
C PHE D 363 1.22 1.75 -6.68
N ALA D 364 0.35 0.75 -6.55
CA ALA D 364 -0.44 0.28 -7.67
C ALA D 364 -1.27 1.41 -8.25
N ARG D 365 -1.96 2.17 -7.40
CA ARG D 365 -2.81 3.26 -7.90
C ARG D 365 -1.98 4.35 -8.56
N ALA D 366 -0.83 4.68 -7.98
CA ALA D 366 0.04 5.67 -8.60
C ALA D 366 0.49 5.21 -9.97
N ARG D 367 0.97 3.96 -10.06
CA ARG D 367 1.41 3.44 -11.35
C ARG D 367 0.25 3.44 -12.34
N GLN D 368 -0.96 3.12 -11.87
CA GLN D 368 -2.13 3.14 -12.75
C GLN D 368 -2.33 4.53 -13.37
N LEU D 369 -2.33 5.58 -12.55
CA LEU D 369 -2.47 6.90 -13.17
C LEU D 369 -1.28 7.21 -14.05
N GLY D 370 -0.09 6.74 -13.68
CA GLY D 370 1.08 6.98 -14.53
C GLY D 370 0.89 6.37 -15.91
N GLU D 371 0.43 5.14 -15.96
CA GLU D 371 0.14 4.47 -17.21
C GLU D 371 -0.90 5.26 -18.00
N LEU D 372 -2.03 5.58 -17.36
CA LEU D 372 -3.10 6.28 -18.06
C LEU D 372 -2.60 7.59 -18.66
N ASN D 373 -1.83 8.36 -17.90
CA ASN D 373 -1.28 9.60 -18.44
C ASN D 373 -0.33 9.36 -19.62
N SER D 374 0.63 8.43 -19.47
CA SER D 374 1.58 8.16 -20.55
C SER D 374 0.87 7.72 -21.80
N VAL D 375 -0.22 6.99 -21.66
CA VAL D 375 -0.92 6.48 -22.84
C VAL D 375 -1.73 7.59 -23.50
N VAL D 376 -2.57 8.33 -22.75
CA VAL D 376 -3.38 9.36 -23.39
C VAL D 376 -2.52 10.48 -23.96
N SER D 377 -1.36 10.75 -23.35
CA SER D 377 -0.54 11.85 -23.82
C SER D 377 0.36 11.47 -25.01
N SER D 378 0.52 10.19 -25.34
CA SER D 378 1.37 9.78 -26.46
C SER D 378 0.50 9.38 -27.63
N ARG D 379 0.85 9.87 -28.81
CA ARG D 379 0.11 9.49 -30.00
C ARG D 379 0.31 8.02 -30.33
N HIS D 380 1.52 7.50 -30.12
CA HIS D 380 1.77 6.08 -30.30
C HIS D 380 0.96 5.24 -29.32
N GLY D 381 0.87 5.68 -28.07
CA GLY D 381 0.07 4.93 -27.12
C GLY D 381 -1.39 4.87 -27.53
N ARG D 382 -2.01 6.04 -27.77
CA ARG D 382 -3.42 6.03 -28.15
C ARG D 382 -3.62 5.23 -29.42
N ALA D 383 -2.62 5.26 -30.31
CA ALA D 383 -2.70 4.53 -31.57
C ALA D 383 -2.66 3.02 -31.33
N TYR D 384 -1.76 2.56 -30.46
CA TYR D 384 -1.69 1.15 -30.09
C TYR D 384 -2.97 0.69 -29.42
N LEU D 385 -3.53 1.51 -28.53
CA LEU D 385 -4.80 1.19 -27.91
C LEU D 385 -5.89 1.06 -28.97
N ALA D 386 -5.92 2.02 -29.90
CA ALA D 386 -6.94 2.01 -30.94
C ALA D 386 -6.75 0.81 -31.86
N GLU D 387 -5.50 0.51 -32.20
CA GLU D 387 -5.23 -0.64 -33.04
C GLU D 387 -5.83 -1.89 -32.46
N ALA D 388 -5.51 -2.18 -31.19
CA ALA D 388 -6.04 -3.38 -30.55
C ALA D 388 -7.56 -3.29 -30.40
N TYR D 389 -8.07 -2.13 -30.00
CA TYR D 389 -9.51 -2.00 -29.78
C TYR D 389 -10.29 -2.33 -31.05
N THR D 390 -9.81 -1.83 -32.20
CA THR D 390 -10.51 -1.92 -33.47
C THR D 390 -10.29 -3.24 -34.22
N GLY D 391 -9.39 -4.10 -33.74
CA GLY D 391 -9.25 -5.43 -34.29
C GLY D 391 -7.93 -5.80 -34.93
N TRP D 392 -6.90 -5.08 -34.68
CA TRP D 392 -5.64 -5.45 -35.32
C TRP D 392 -5.79 -5.52 -36.82
N PRO D 393 -6.07 -4.38 -37.45
CA PRO D 393 -6.09 -4.34 -38.91
C PRO D 393 -4.70 -4.65 -39.46
N ALA D 394 -4.68 -5.48 -40.50
CA ALA D 394 -3.44 -5.92 -41.14
C ALA D 394 -3.71 -7.17 -41.97
#